data_3TRR
#
_entry.id   3TRR
#
_cell.length_a   64.427
_cell.length_b   82.738
_cell.length_c   157.163
_cell.angle_alpha   90.00
_cell.angle_beta   98.06
_cell.angle_gamma   90.00
#
_symmetry.space_group_name_H-M   'P 1 21 1'
#
loop_
_entity.id
_entity.type
_entity.pdbx_description
1 polymer 'Probable enoyl-CoA hydratase/isomerase'
2 non-polymer 1,2-ETHANEDIOL
3 non-polymer GLYCEROL
4 non-polymer DI(HYDROXYETHYL)ETHER
5 water water
#
_entity_poly.entity_id   1
_entity_poly.type   'polypeptide(L)'
_entity_poly.pdbx_seq_one_letter_code
;GPGSMADEVLIEQRDRVLLITINRPDARNAVNRAVSQGLAAAADQLDSSADLSVAIITGAGGNFCAGMDLKAFVSGEAVL
SERGLGFTNVPPRKPIIAAVEGFALAGGTELVLSCDLVVAGRSAKFGIPEVKRGLVAGAGGLLRLPNRIPYQVAMELALT
GESFTAEDAAKYGFINRLVDDGQALDTALELAAKITANGPLAVAATKRIIIESASWAPEEAFAKQGEILMPIFVSEDAKE
GAKAFAEKRAPVWQGK
;
_entity_poly.pdbx_strand_id   A,B,C,D,E,F
#
loop_
_chem_comp.id
_chem_comp.type
_chem_comp.name
_chem_comp.formula
EDO non-polymer 1,2-ETHANEDIOL 'C2 H6 O2'
GOL non-polymer GLYCEROL 'C3 H8 O3'
PEG non-polymer DI(HYDROXYETHYL)ETHER 'C4 H10 O3'
#
# COMPACT_ATOMS: atom_id res chain seq x y z
N MET A 5 -19.40 6.08 -51.53
CA MET A 5 -19.62 4.89 -50.65
C MET A 5 -20.05 5.31 -49.22
N ALA A 6 -21.04 4.60 -48.64
CA ALA A 6 -21.46 4.84 -47.25
C ALA A 6 -20.28 4.67 -46.26
N ASP A 7 -20.39 5.33 -45.10
CA ASP A 7 -19.37 5.28 -44.05
C ASP A 7 -19.05 3.83 -43.69
N GLU A 8 -17.76 3.54 -43.47
CA GLU A 8 -17.34 2.21 -43.07
C GLU A 8 -17.70 1.82 -41.61
N VAL A 9 -17.97 2.81 -40.77
CA VAL A 9 -18.64 2.62 -39.50
C VAL A 9 -19.90 3.51 -39.47
N LEU A 10 -21.08 2.91 -39.31
CA LEU A 10 -22.31 3.71 -39.12
C LEU A 10 -22.59 3.86 -37.64
N ILE A 11 -23.10 5.04 -37.27
CA ILE A 11 -23.43 5.36 -35.87
C ILE A 11 -24.80 5.99 -35.86
N GLU A 12 -25.68 5.42 -35.05
CA GLU A 12 -27.05 5.87 -34.92
C GLU A 12 -27.48 5.82 -33.45
N GLN A 13 -28.01 6.95 -32.98
CA GLN A 13 -28.51 7.07 -31.64
C GLN A 13 -29.98 6.74 -31.63
N ARG A 14 -30.36 5.75 -30.82
CA ARG A 14 -31.78 5.45 -30.56
C ARG A 14 -32.07 5.63 -29.08
N ASP A 15 -32.62 6.79 -28.74
CA ASP A 15 -32.80 7.21 -27.36
C ASP A 15 -31.48 7.05 -26.58
N ARG A 16 -31.36 6.09 -25.67
CA ARG A 16 -30.12 5.97 -24.88
C ARG A 16 -29.18 4.86 -25.37
N VAL A 17 -29.46 4.38 -26.57
CA VAL A 17 -28.71 3.32 -27.20
C VAL A 17 -27.92 3.89 -28.35
N LEU A 18 -26.66 3.52 -28.44
CA LEU A 18 -25.82 3.88 -29.57
C LEU A 18 -25.57 2.62 -30.36
N LEU A 19 -26.07 2.61 -31.60
CA LEU A 19 -25.93 1.46 -32.49
C LEU A 19 -24.79 1.71 -33.44
N ILE A 20 -23.81 0.82 -33.36
CA ILE A 20 -22.56 0.92 -34.07
C ILE A 20 -22.53 -0.27 -35.02
N THR A 21 -22.48 0.02 -36.33
CA THR A 21 -22.50 -1.01 -37.34
C THR A 21 -21.22 -0.92 -38.13
N ILE A 22 -20.43 -1.99 -38.12
CA ILE A 22 -19.30 -2.08 -39.01
C ILE A 22 -19.89 -2.29 -40.41
N ASN A 23 -19.47 -1.45 -41.34
CA ASN A 23 -20.15 -1.36 -42.61
C ASN A 23 -19.26 -1.59 -43.82
N ARG A 24 -18.63 -2.76 -43.85
CA ARG A 24 -17.84 -3.22 -45.00
C ARG A 24 -18.26 -4.65 -45.36
N PRO A 25 -19.52 -4.82 -45.75
CA PRO A 25 -20.06 -6.18 -45.96
C PRO A 25 -19.28 -7.04 -46.94
N ASP A 26 -18.75 -6.44 -47.99
CA ASP A 26 -18.03 -7.20 -49.00
C ASP A 26 -16.63 -7.65 -48.53
N ALA A 27 -16.12 -7.03 -47.46
CA ALA A 27 -14.86 -7.43 -46.84
C ALA A 27 -15.11 -8.17 -45.52
N ARG A 28 -16.34 -8.68 -45.35
CA ARG A 28 -16.87 -9.20 -44.09
C ARG A 28 -16.47 -8.37 -42.87
N ASN A 29 -16.53 -7.06 -43.02
CA ASN A 29 -16.35 -6.13 -41.92
C ASN A 29 -15.00 -6.27 -41.20
N ALA A 30 -13.95 -6.58 -41.96
CA ALA A 30 -12.59 -6.62 -41.47
C ALA A 30 -12.14 -5.21 -41.06
N VAL A 31 -11.22 -5.16 -40.12
CA VAL A 31 -10.87 -3.89 -39.53
C VAL A 31 -9.68 -3.30 -40.26
N ASN A 32 -9.96 -2.27 -41.06
CA ASN A 32 -8.92 -1.43 -41.67
C ASN A 32 -8.81 -0.14 -40.84
N ARG A 33 -8.10 0.86 -41.35
CA ARG A 33 -7.90 2.09 -40.62
C ARG A 33 -9.23 2.78 -40.32
N ALA A 34 -10.09 2.92 -41.32
CA ALA A 34 -11.34 3.66 -41.09
C ALA A 34 -12.22 2.93 -40.09
N VAL A 35 -12.29 1.60 -40.15
CA VAL A 35 -13.05 0.87 -39.14
C VAL A 35 -12.43 0.99 -37.74
N SER A 36 -11.10 0.87 -37.64
CA SER A 36 -10.46 0.91 -36.32
C SER A 36 -10.72 2.28 -35.67
N GLN A 37 -10.46 3.34 -36.44
CA GLN A 37 -10.68 4.71 -35.99
C GLN A 37 -12.16 5.01 -35.73
N GLY A 38 -13.06 4.48 -36.56
CA GLY A 38 -14.49 4.73 -36.38
C GLY A 38 -15.00 4.06 -35.12
N LEU A 39 -14.54 2.84 -34.87
CA LEU A 39 -14.94 2.14 -33.64
C LEU A 39 -14.39 2.83 -32.38
N ALA A 40 -13.13 3.27 -32.41
CA ALA A 40 -12.56 4.07 -31.29
C ALA A 40 -13.38 5.34 -31.02
N ALA A 41 -13.80 6.02 -32.08
CA ALA A 41 -14.59 7.26 -31.95
C ALA A 41 -16.00 6.97 -31.41
N ALA A 42 -16.60 5.85 -31.79
CA ALA A 42 -17.89 5.45 -31.23
C ALA A 42 -17.78 5.21 -29.73
N ALA A 43 -16.73 4.50 -29.33
CA ALA A 43 -16.50 4.30 -27.91
C ALA A 43 -16.42 5.65 -27.20
N ASP A 44 -15.59 6.56 -27.70
CA ASP A 44 -15.45 7.89 -27.09
C ASP A 44 -16.81 8.56 -27.01
N GLN A 45 -17.60 8.45 -28.08
CA GLN A 45 -18.90 9.12 -28.14
C GLN A 45 -19.86 8.57 -27.09
N LEU A 46 -19.91 7.25 -26.98
CA LEU A 46 -20.73 6.57 -25.99
C LEU A 46 -20.44 7.07 -24.58
N ASP A 47 -19.16 7.02 -24.23
CA ASP A 47 -18.73 7.36 -22.89
C ASP A 47 -18.80 8.85 -22.55
N SER A 48 -18.75 9.72 -23.55
CA SER A 48 -18.75 11.18 -23.32
C SER A 48 -20.11 11.85 -23.41
N SER A 49 -21.14 11.12 -23.82
CA SER A 49 -22.46 11.71 -24.02
C SER A 49 -23.44 11.22 -22.95
N ALA A 50 -23.92 12.17 -22.16
CA ALA A 50 -24.76 11.91 -20.98
C ALA A 50 -26.07 11.21 -21.33
N ASP A 51 -26.63 11.54 -22.49
CA ASP A 51 -27.90 10.96 -22.91
C ASP A 51 -27.74 9.59 -23.58
N LEU A 52 -26.54 8.99 -23.52
CA LEU A 52 -26.32 7.58 -23.90
C LEU A 52 -25.98 6.76 -22.67
N SER A 53 -26.49 5.54 -22.61
CA SER A 53 -26.25 4.61 -21.49
C SER A 53 -25.59 3.28 -21.92
N VAL A 54 -25.89 2.83 -23.15
CA VAL A 54 -25.52 1.53 -23.68
C VAL A 54 -25.22 1.60 -25.18
N ALA A 55 -24.29 0.77 -25.64
CA ALA A 55 -24.04 0.59 -27.05
C ALA A 55 -24.35 -0.83 -27.50
N ILE A 56 -24.62 -0.95 -28.80
CA ILE A 56 -24.65 -2.22 -29.52
C ILE A 56 -23.68 -2.10 -30.69
N ILE A 57 -22.81 -3.09 -30.81
CA ILE A 57 -21.96 -3.24 -31.98
C ILE A 57 -22.41 -4.46 -32.80
N THR A 58 -22.57 -4.25 -34.10
CA THR A 58 -23.00 -5.31 -35.02
C THR A 58 -22.36 -5.10 -36.39
N GLY A 59 -22.48 -6.11 -37.25
CA GLY A 59 -21.95 -5.99 -38.63
C GLY A 59 -23.02 -5.97 -39.72
N ALA A 60 -22.82 -5.14 -40.74
CA ALA A 60 -23.67 -5.14 -41.96
C ALA A 60 -23.62 -6.48 -42.68
N GLY A 61 -24.73 -6.85 -43.31
CA GLY A 61 -24.77 -8.07 -44.16
C GLY A 61 -24.63 -9.47 -43.52
N GLY A 62 -25.04 -9.67 -42.27
CA GLY A 62 -25.06 -11.04 -41.68
C GLY A 62 -23.68 -11.61 -41.32
N ASN A 63 -22.68 -10.75 -41.22
CA ASN A 63 -21.40 -11.14 -40.66
C ASN A 63 -20.98 -10.05 -39.71
N PHE A 64 -20.34 -10.43 -38.60
CA PHE A 64 -19.94 -9.47 -37.59
C PHE A 64 -18.61 -8.79 -37.90
N CYS A 65 -17.54 -9.60 -38.05
CA CYS A 65 -16.18 -9.09 -38.24
C CYS A 65 -15.15 -10.20 -38.52
N ALA A 66 -14.47 -10.14 -39.67
CA ALA A 66 -13.43 -11.11 -40.00
C ALA A 66 -12.11 -10.81 -39.32
N GLY A 67 -12.07 -9.72 -38.55
CA GLY A 67 -10.89 -9.38 -37.80
C GLY A 67 -10.04 -8.43 -38.58
N MET A 68 -8.74 -8.47 -38.34
CA MET A 68 -7.84 -7.49 -38.93
C MET A 68 -7.86 -7.59 -40.45
N ASP A 69 -7.87 -6.46 -41.15
CA ASP A 69 -7.82 -6.45 -42.61
C ASP A 69 -6.37 -6.51 -43.05
N LEU A 70 -5.93 -7.72 -43.40
CA LEU A 70 -4.51 -8.00 -43.64
C LEU A 70 -4.05 -7.27 -44.88
N LYS A 71 -4.93 -7.22 -45.88
CA LYS A 71 -4.65 -6.50 -47.10
C LYS A 71 -4.42 -4.99 -46.81
N ALA A 72 -5.29 -4.37 -46.01
CA ALA A 72 -5.13 -2.96 -45.66
C ALA A 72 -3.80 -2.74 -44.94
N PHE A 73 -3.48 -3.61 -43.99
CA PHE A 73 -2.22 -3.51 -43.28
C PHE A 73 -0.99 -3.64 -44.20
N VAL A 74 -1.00 -4.68 -45.02
CA VAL A 74 0.10 -4.90 -45.96
C VAL A 74 0.29 -3.70 -46.94
N SER A 75 -0.80 -3.05 -47.35
CA SER A 75 -0.68 -1.84 -48.19
C SER A 75 -0.04 -0.64 -47.46
N GLY A 76 -0.07 -0.64 -46.13
CA GLY A 76 0.50 0.47 -45.33
C GLY A 76 -0.49 1.20 -44.44
N GLU A 77 -1.73 0.72 -44.36
CA GLU A 77 -2.70 1.29 -43.42
C GLU A 77 -2.38 0.88 -41.99
N ALA A 78 -2.52 1.81 -41.04
CA ALA A 78 -2.48 1.46 -39.61
C ALA A 78 -3.82 0.85 -39.21
N VAL A 79 -3.82 -0.39 -38.73
CA VAL A 79 -5.07 -1.01 -38.25
C VAL A 79 -5.35 -0.78 -36.75
N LEU A 80 -4.35 -0.34 -35.98
CA LEU A 80 -4.58 -0.08 -34.54
C LEU A 80 -4.96 1.39 -34.31
N SER A 81 -5.89 1.63 -33.39
CA SER A 81 -6.20 2.98 -32.91
C SER A 81 -5.61 3.13 -31.50
N GLU A 82 -5.83 4.28 -30.86
CA GLU A 82 -5.54 4.41 -29.41
C GLU A 82 -6.23 3.35 -28.51
N ARG A 83 -7.34 2.78 -28.97
CA ARG A 83 -8.00 1.73 -28.20
C ARG A 83 -7.70 0.32 -28.68
N GLY A 84 -6.73 0.16 -29.59
CA GLY A 84 -6.33 -1.18 -30.12
C GLY A 84 -6.93 -1.49 -31.48
N LEU A 85 -7.41 -2.73 -31.67
CA LEU A 85 -8.09 -3.11 -32.90
C LEU A 85 -9.56 -2.66 -32.78
N GLY A 86 -9.89 -1.50 -33.32
CA GLY A 86 -11.15 -0.85 -32.94
C GLY A 86 -10.98 -0.46 -31.49
N PHE A 87 -11.63 -1.20 -30.56
CA PHE A 87 -11.46 -0.96 -29.10
C PHE A 87 -11.12 -2.19 -28.25
N THR A 88 -10.44 -3.17 -28.84
CA THR A 88 -10.11 -4.39 -28.11
C THR A 88 -9.34 -4.13 -26.84
N ASN A 89 -8.33 -3.28 -26.91
CA ASN A 89 -7.42 -3.05 -25.79
C ASN A 89 -8.01 -2.15 -24.73
N VAL A 90 -8.81 -1.16 -25.14
CA VAL A 90 -9.45 -0.25 -24.21
C VAL A 90 -10.91 -0.12 -24.59
N PRO A 91 -11.75 -1.11 -24.20
CA PRO A 91 -13.19 -1.09 -24.51
C PRO A 91 -13.86 0.10 -23.81
N PRO A 92 -15.06 0.48 -24.24
CA PRO A 92 -15.67 1.58 -23.53
C PRO A 92 -16.05 1.26 -22.08
N ARG A 93 -16.22 2.34 -21.32
CA ARG A 93 -16.64 2.31 -19.93
C ARG A 93 -18.10 1.93 -19.81
N LYS A 94 -18.97 2.48 -20.67
CA LYS A 94 -20.38 2.17 -20.55
C LYS A 94 -20.64 0.79 -21.15
N PRO A 95 -21.77 0.19 -20.80
CA PRO A 95 -22.05 -1.16 -21.25
C PRO A 95 -22.20 -1.22 -22.78
N ILE A 96 -21.65 -2.28 -23.36
CA ILE A 96 -21.76 -2.51 -24.78
C ILE A 96 -22.09 -3.99 -25.05
N ILE A 97 -23.08 -4.22 -25.91
CA ILE A 97 -23.55 -5.54 -26.31
C ILE A 97 -23.05 -5.87 -27.72
N ALA A 98 -22.43 -7.03 -27.92
CA ALA A 98 -22.08 -7.49 -29.28
C ALA A 98 -23.27 -8.27 -29.84
N ALA A 99 -23.82 -7.83 -30.98
CA ALA A 99 -24.89 -8.55 -31.70
C ALA A 99 -24.28 -9.29 -32.91
N VAL A 100 -24.01 -10.59 -32.74
CA VAL A 100 -23.15 -11.31 -33.66
C VAL A 100 -23.95 -12.21 -34.62
N GLU A 101 -23.69 -12.07 -35.93
CA GLU A 101 -24.16 -12.96 -36.95
C GLU A 101 -22.98 -13.48 -37.75
N GLY A 102 -23.07 -14.71 -38.23
CA GLY A 102 -22.11 -15.22 -39.20
C GLY A 102 -20.66 -15.20 -38.73
N PHE A 103 -19.77 -14.72 -39.61
CA PHE A 103 -18.33 -14.84 -39.41
C PHE A 103 -17.82 -13.81 -38.38
N ALA A 104 -17.24 -14.31 -37.28
CA ALA A 104 -16.68 -13.47 -36.22
C ALA A 104 -15.38 -14.05 -35.69
N LEU A 105 -14.51 -14.53 -36.58
CA LEU A 105 -13.25 -15.15 -36.20
C LEU A 105 -12.15 -14.16 -35.84
N ALA A 106 -11.20 -14.64 -35.03
CA ALA A 106 -9.90 -14.00 -34.86
C ALA A 106 -10.04 -12.64 -34.21
N GLY A 107 -9.55 -11.60 -34.83
CA GLY A 107 -9.76 -10.27 -34.27
C GLY A 107 -11.25 -9.97 -34.04
N GLY A 108 -12.13 -10.66 -34.76
CA GLY A 108 -13.59 -10.48 -34.58
C GLY A 108 -14.03 -11.08 -33.25
N THR A 109 -13.43 -12.21 -32.93
CA THR A 109 -13.70 -12.86 -31.66
C THR A 109 -13.14 -12.01 -30.53
N GLU A 110 -11.97 -11.45 -30.73
CA GLU A 110 -11.37 -10.59 -29.70
C GLU A 110 -12.14 -9.30 -29.47
N LEU A 111 -12.77 -8.79 -30.52
CA LEU A 111 -13.63 -7.61 -30.40
C LEU A 111 -14.90 -7.98 -29.66
N VAL A 112 -15.45 -9.15 -29.96
CA VAL A 112 -16.60 -9.65 -29.19
C VAL A 112 -16.27 -9.75 -27.69
N LEU A 113 -15.08 -10.25 -27.40
CA LEU A 113 -14.62 -10.45 -26.03
C LEU A 113 -14.40 -9.14 -25.31
N SER A 114 -14.19 -8.07 -26.03
CA SER A 114 -14.02 -6.78 -25.36
C SER A 114 -15.37 -6.17 -24.91
N CYS A 115 -16.47 -6.73 -25.39
CA CYS A 115 -17.80 -6.33 -25.01
C CYS A 115 -18.25 -7.05 -23.71
N ASP A 116 -19.37 -6.60 -23.15
CA ASP A 116 -19.83 -7.07 -21.86
C ASP A 116 -20.86 -8.19 -21.96
N LEU A 117 -21.60 -8.20 -23.07
CA LEU A 117 -22.76 -9.08 -23.26
C LEU A 117 -22.85 -9.47 -24.74
N VAL A 118 -23.36 -10.66 -25.05
CA VAL A 118 -23.34 -11.17 -26.40
C VAL A 118 -24.70 -11.76 -26.76
N VAL A 119 -25.28 -11.25 -27.85
CA VAL A 119 -26.50 -11.76 -28.47
C VAL A 119 -26.05 -12.32 -29.84
N ALA A 120 -26.36 -13.58 -30.15
CA ALA A 120 -25.83 -14.19 -31.34
C ALA A 120 -26.81 -15.11 -32.08
N GLY A 121 -26.80 -15.03 -33.42
CA GLY A 121 -27.44 -16.03 -34.25
C GLY A 121 -26.73 -17.31 -34.00
N ARG A 122 -27.45 -18.43 -34.04
CA ARG A 122 -26.88 -19.70 -33.59
C ARG A 122 -25.73 -20.23 -34.43
N SER A 123 -25.68 -19.83 -35.69
CA SER A 123 -24.62 -20.28 -36.61
C SER A 123 -23.39 -19.39 -36.55
N ALA A 124 -23.44 -18.31 -35.77
CA ALA A 124 -22.31 -17.39 -35.66
C ALA A 124 -21.04 -18.14 -35.27
N LYS A 125 -19.91 -17.81 -35.91
CA LYS A 125 -18.65 -18.55 -35.74
C LYS A 125 -17.53 -17.69 -35.14
N PHE A 126 -16.91 -18.23 -34.08
CA PHE A 126 -15.87 -17.58 -33.29
C PHE A 126 -14.62 -18.42 -33.37
N GLY A 127 -13.49 -17.82 -32.99
CA GLY A 127 -12.23 -18.57 -32.98
C GLY A 127 -11.00 -17.75 -32.73
N ILE A 128 -9.98 -18.39 -32.19
CA ILE A 128 -8.69 -17.79 -31.94
C ILE A 128 -7.61 -18.68 -32.60
N PRO A 129 -7.40 -18.51 -33.91
CA PRO A 129 -6.63 -19.49 -34.70
C PRO A 129 -5.12 -19.26 -34.77
N GLU A 130 -4.61 -18.22 -34.09
CA GLU A 130 -3.24 -17.76 -34.32
C GLU A 130 -2.19 -18.86 -34.31
N VAL A 131 -2.33 -19.81 -33.42
CA VAL A 131 -1.30 -20.83 -33.19
C VAL A 131 -1.13 -21.71 -34.44
N LYS A 132 -2.17 -21.80 -35.26
CA LYS A 132 -2.07 -22.50 -36.52
C LYS A 132 -0.96 -21.94 -37.42
N ARG A 133 -0.72 -20.63 -37.36
CA ARG A 133 0.33 -19.98 -38.14
C ARG A 133 1.63 -19.77 -37.36
N GLY A 134 1.74 -20.37 -36.17
CA GLY A 134 2.89 -20.11 -35.31
C GLY A 134 2.87 -18.75 -34.63
N LEU A 135 1.67 -18.15 -34.55
CA LEU A 135 1.44 -16.84 -33.91
C LEU A 135 0.59 -17.03 -32.63
N VAL A 136 0.42 -15.94 -31.89
CA VAL A 136 -0.34 -15.97 -30.65
C VAL A 136 -1.30 -14.79 -30.64
N ALA A 137 -2.57 -15.00 -30.31
CA ALA A 137 -3.53 -13.86 -30.29
C ALA A 137 -3.10 -12.81 -29.27
N GLY A 138 -3.02 -11.55 -29.69
CA GLY A 138 -2.56 -10.47 -28.80
C GLY A 138 -3.56 -9.36 -28.54
N ALA A 139 -4.79 -9.52 -29.01
CA ALA A 139 -5.78 -8.47 -28.85
C ALA A 139 -6.78 -8.73 -27.71
N GLY A 140 -6.33 -9.49 -26.70
CA GLY A 140 -7.05 -9.71 -25.44
C GLY A 140 -7.84 -11.01 -25.31
N GLY A 141 -7.86 -11.81 -26.37
CA GLY A 141 -8.67 -13.01 -26.40
C GLY A 141 -8.19 -14.02 -25.38
N LEU A 142 -6.87 -14.07 -25.18
CA LEU A 142 -6.29 -14.96 -24.18
C LEU A 142 -6.48 -14.43 -22.76
N LEU A 143 -6.61 -13.11 -22.62
CA LEU A 143 -6.85 -12.50 -21.32
C LEU A 143 -8.30 -12.69 -20.88
N ARG A 144 -9.23 -12.84 -21.81
CA ARG A 144 -10.65 -12.77 -21.48
C ARG A 144 -11.43 -14.06 -21.70
N LEU A 145 -11.17 -14.79 -22.78
CA LEU A 145 -11.93 -16.06 -23.01
C LEU A 145 -11.92 -17.03 -21.78
N PRO A 146 -10.74 -17.25 -21.17
CA PRO A 146 -10.69 -18.14 -20.01
C PRO A 146 -11.52 -17.67 -18.79
N ASN A 147 -11.93 -16.41 -18.76
CA ASN A 147 -12.80 -15.89 -17.70
C ASN A 147 -14.28 -15.85 -18.07
N ARG A 148 -14.61 -16.11 -19.34
CA ARG A 148 -16.02 -16.10 -19.79
C ARG A 148 -16.61 -17.50 -19.93
N ILE A 149 -15.76 -18.48 -20.21
CA ILE A 149 -16.18 -19.87 -20.34
C ILE A 149 -15.22 -20.73 -19.49
N PRO A 150 -15.54 -22.02 -19.27
CA PRO A 150 -14.68 -22.83 -18.43
C PRO A 150 -13.25 -22.86 -18.91
N TYR A 151 -12.33 -22.70 -17.97
CA TYR A 151 -10.92 -22.63 -18.23
C TYR A 151 -10.38 -23.65 -19.22
N GLN A 152 -10.76 -24.91 -19.10
CA GLN A 152 -10.16 -25.95 -19.92
C GLN A 152 -10.73 -25.94 -21.37
N VAL A 153 -11.92 -25.36 -21.53
CA VAL A 153 -12.55 -25.22 -22.84
C VAL A 153 -11.82 -24.12 -23.57
N ALA A 154 -11.70 -22.97 -22.92
CA ALA A 154 -10.92 -21.88 -23.48
C ALA A 154 -9.47 -22.31 -23.85
N MET A 155 -8.82 -23.07 -22.97
CA MET A 155 -7.47 -23.56 -23.22
C MET A 155 -7.44 -24.47 -24.44
N GLU A 156 -8.41 -25.39 -24.54
CA GLU A 156 -8.48 -26.26 -25.67
C GLU A 156 -8.58 -25.44 -26.97
N LEU A 157 -9.55 -24.54 -27.00
CA LEU A 157 -9.81 -23.70 -28.17
C LEU A 157 -8.57 -22.85 -28.55
N ALA A 158 -7.90 -22.30 -27.55
CA ALA A 158 -6.72 -21.47 -27.82
C ALA A 158 -5.53 -22.32 -28.33
N LEU A 159 -5.40 -23.54 -27.83
CA LEU A 159 -4.29 -24.42 -28.25
C LEU A 159 -4.51 -25.13 -29.58
N THR A 160 -5.76 -25.41 -29.94
CA THR A 160 -6.03 -26.04 -31.23
C THR A 160 -6.29 -25.00 -32.32
N GLY A 161 -6.73 -23.82 -31.91
CA GLY A 161 -7.11 -22.76 -32.84
C GLY A 161 -8.41 -23.03 -33.57
N GLU A 162 -9.20 -23.99 -33.10
CA GLU A 162 -10.42 -24.36 -33.80
C GLU A 162 -11.56 -23.37 -33.59
N SER A 163 -12.40 -23.31 -34.59
CA SER A 163 -13.60 -22.49 -34.57
C SER A 163 -14.69 -23.11 -33.74
N PHE A 164 -15.57 -22.28 -33.20
CA PHE A 164 -16.70 -22.75 -32.42
C PHE A 164 -17.88 -21.82 -32.67
N THR A 165 -19.08 -22.35 -32.56
CA THR A 165 -20.29 -21.59 -32.88
C THR A 165 -20.94 -21.05 -31.65
N ALA A 166 -21.80 -20.05 -31.84
CA ALA A 166 -22.67 -19.55 -30.75
C ALA A 166 -23.44 -20.70 -30.18
N GLU A 167 -23.98 -21.54 -31.04
CA GLU A 167 -24.73 -22.68 -30.57
C GLU A 167 -23.93 -23.54 -29.58
N ASP A 168 -22.65 -23.82 -29.86
CA ASP A 168 -21.84 -24.65 -28.92
C ASP A 168 -21.48 -23.94 -27.64
N ALA A 169 -21.27 -22.63 -27.72
CA ALA A 169 -20.81 -21.84 -26.56
C ALA A 169 -21.94 -21.43 -25.65
N ALA A 170 -23.18 -21.61 -26.08
CA ALA A 170 -24.34 -21.18 -25.27
C ALA A 170 -24.45 -21.89 -23.91
N LYS A 171 -23.98 -23.12 -23.83
CA LYS A 171 -24.06 -23.85 -22.57
C LYS A 171 -23.12 -23.24 -21.53
N TYR A 172 -22.15 -22.44 -21.95
CA TYR A 172 -21.20 -21.87 -20.99
C TYR A 172 -21.52 -20.44 -20.55
N GLY A 173 -22.65 -19.91 -20.96
CA GLY A 173 -23.05 -18.56 -20.54
C GLY A 173 -22.29 -17.47 -21.26
N PHE A 174 -21.68 -17.82 -22.40
CA PHE A 174 -21.00 -16.88 -23.28
C PHE A 174 -22.00 -16.19 -24.20
N ILE A 175 -23.21 -16.73 -24.29
CA ILE A 175 -24.21 -16.19 -25.20
C ILE A 175 -25.41 -15.83 -24.36
N ASN A 176 -25.49 -14.57 -23.97
CA ASN A 176 -26.60 -14.11 -23.17
C ASN A 176 -27.95 -14.35 -23.80
N ARG A 177 -28.01 -14.23 -25.14
CA ARG A 177 -29.24 -14.56 -25.90
C ARG A 177 -28.84 -15.31 -27.15
N LEU A 178 -29.32 -16.54 -27.26
CA LEU A 178 -29.12 -17.36 -28.44
C LEU A 178 -30.41 -17.41 -29.25
N VAL A 179 -30.33 -16.92 -30.48
CA VAL A 179 -31.50 -16.80 -31.35
C VAL A 179 -31.21 -17.35 -32.74
N ASP A 180 -32.25 -17.48 -33.56
CA ASP A 180 -32.04 -17.85 -34.97
C ASP A 180 -31.20 -16.84 -35.76
N ASP A 181 -30.49 -17.36 -36.76
CA ASP A 181 -29.65 -16.52 -37.60
C ASP A 181 -30.51 -15.42 -38.17
N GLY A 182 -30.03 -14.18 -38.09
CA GLY A 182 -30.79 -13.05 -38.58
C GLY A 182 -31.51 -12.28 -37.50
N GLN A 183 -31.60 -12.85 -36.30
CA GLN A 183 -32.36 -12.20 -35.22
C GLN A 183 -31.51 -11.44 -34.18
N ALA A 184 -30.17 -11.39 -34.34
CA ALA A 184 -29.30 -10.95 -33.23
C ALA A 184 -29.54 -9.47 -32.94
N LEU A 185 -29.62 -8.63 -33.96
CA LEU A 185 -29.77 -7.19 -33.72
C LEU A 185 -31.10 -6.82 -33.07
N ASP A 186 -32.21 -7.40 -33.51
CA ASP A 186 -33.50 -7.03 -32.91
C ASP A 186 -33.53 -7.52 -31.48
N THR A 187 -32.92 -8.68 -31.23
CA THR A 187 -32.81 -9.21 -29.87
C THR A 187 -31.90 -8.35 -29.00
N ALA A 188 -30.73 -7.95 -29.53
CA ALA A 188 -29.82 -7.03 -28.83
C ALA A 188 -30.50 -5.72 -28.45
N LEU A 189 -31.34 -5.23 -29.35
CA LEU A 189 -32.08 -4.00 -29.14
C LEU A 189 -33.00 -4.10 -27.96
N GLU A 190 -33.70 -5.23 -27.82
CA GLU A 190 -34.56 -5.51 -26.65
C GLU A 190 -33.77 -5.59 -25.35
N LEU A 191 -32.67 -6.33 -25.36
CA LEU A 191 -31.82 -6.43 -24.17
C LEU A 191 -31.29 -5.04 -23.75
N ALA A 192 -30.88 -4.25 -24.74
CA ALA A 192 -30.37 -2.88 -24.49
C ALA A 192 -31.42 -2.03 -23.82
N ALA A 193 -32.68 -2.16 -24.30
CA ALA A 193 -33.81 -1.45 -23.72
C ALA A 193 -34.07 -1.84 -22.26
N LYS A 194 -33.88 -3.12 -21.92
CA LYS A 194 -34.00 -3.52 -20.50
C LYS A 194 -32.96 -2.80 -19.62
N ILE A 195 -31.76 -2.59 -20.15
CA ILE A 195 -30.70 -1.93 -19.40
C ILE A 195 -30.97 -0.42 -19.34
N THR A 196 -31.30 0.21 -20.46
CA THR A 196 -31.49 1.66 -20.50
C THR A 196 -32.73 2.15 -19.75
N ALA A 197 -33.63 1.24 -19.37
CA ALA A 197 -34.68 1.56 -18.41
C ALA A 197 -34.08 1.93 -17.05
N ASN A 198 -32.87 1.43 -16.76
CA ASN A 198 -32.24 1.62 -15.45
C ASN A 198 -31.39 2.88 -15.40
N GLY A 199 -30.99 3.31 -14.20
CA GLY A 199 -30.19 4.53 -14.01
C GLY A 199 -28.87 4.51 -14.78
N PRO A 200 -28.70 5.42 -15.75
CA PRO A 200 -27.49 5.54 -16.58
C PRO A 200 -26.15 5.42 -15.83
N LEU A 201 -25.96 6.23 -14.80
CA LEU A 201 -24.70 6.18 -14.03
C LEU A 201 -24.60 4.88 -13.20
N ALA A 202 -25.75 4.38 -12.76
CA ALA A 202 -25.82 3.17 -11.97
C ALA A 202 -25.42 1.96 -12.79
N VAL A 203 -25.88 1.87 -14.04
CA VAL A 203 -25.48 0.74 -14.89
C VAL A 203 -23.98 0.80 -15.25
N ALA A 204 -23.44 2.01 -15.45
CA ALA A 204 -22.03 2.21 -15.72
C ALA A 204 -21.18 1.86 -14.50
N ALA A 205 -21.59 2.34 -13.32
CA ALA A 205 -20.86 2.08 -12.10
C ALA A 205 -20.88 0.58 -11.80
N THR A 206 -21.99 -0.08 -12.11
CA THR A 206 -22.09 -1.52 -11.86
C THR A 206 -21.07 -2.29 -12.65
N LYS A 207 -21.00 -1.98 -13.95
CA LYS A 207 -20.01 -2.58 -14.85
C LYS A 207 -18.60 -2.35 -14.35
N ARG A 208 -18.33 -1.11 -13.98
CA ARG A 208 -17.01 -0.75 -13.53
C ARG A 208 -16.58 -1.60 -12.32
N ILE A 209 -17.49 -1.72 -11.35
CA ILE A 209 -17.17 -2.49 -10.17
C ILE A 209 -16.89 -3.93 -10.55
N ILE A 210 -17.69 -4.48 -11.47
CA ILE A 210 -17.54 -5.86 -11.85
C ILE A 210 -16.20 -6.13 -12.54
N ILE A 211 -15.77 -5.22 -13.42
CA ILE A 211 -14.47 -5.36 -14.09
C ILE A 211 -13.31 -5.12 -13.13
N GLU A 212 -13.34 -3.99 -12.41
CA GLU A 212 -12.21 -3.63 -11.54
C GLU A 212 -12.04 -4.52 -10.31
N SER A 213 -13.14 -5.01 -9.75
CA SER A 213 -13.04 -5.83 -8.54
C SER A 213 -12.09 -7.05 -8.64
N ALA A 214 -11.89 -7.64 -9.81
CA ALA A 214 -10.99 -8.81 -9.91
C ALA A 214 -9.52 -8.41 -9.85
N SER A 215 -9.25 -7.12 -9.77
CA SER A 215 -7.92 -6.60 -9.51
C SER A 215 -7.70 -6.14 -8.03
N TRP A 216 -8.76 -5.98 -7.24
CA TRP A 216 -8.64 -5.40 -5.90
C TRP A 216 -8.22 -6.36 -4.83
N ALA A 217 -7.37 -5.88 -3.92
CA ALA A 217 -7.05 -6.62 -2.68
C ALA A 217 -8.32 -6.81 -1.84
N PRO A 218 -8.53 -8.03 -1.30
CA PRO A 218 -9.76 -8.25 -0.52
C PRO A 218 -9.89 -7.26 0.64
N GLU A 219 -8.79 -7.00 1.34
CA GLU A 219 -8.73 -5.94 2.36
C GLU A 219 -9.32 -4.61 1.87
N GLU A 220 -9.06 -4.24 0.62
CA GLU A 220 -9.53 -2.95 0.08
C GLU A 220 -10.83 -3.01 -0.74
N ALA A 221 -11.35 -4.20 -1.01
CA ALA A 221 -12.37 -4.34 -2.03
C ALA A 221 -13.61 -3.52 -1.67
N PHE A 222 -14.02 -3.54 -0.42
CA PHE A 222 -15.21 -2.79 -0.02
C PHE A 222 -15.01 -1.29 -0.07
N ALA A 223 -13.84 -0.80 0.34
CA ALA A 223 -13.53 0.65 0.26
C ALA A 223 -13.46 1.14 -1.19
N LYS A 224 -12.78 0.39 -2.06
CA LYS A 224 -12.72 0.73 -3.48
C LYS A 224 -14.11 0.79 -4.09
N GLN A 225 -14.94 -0.22 -3.82
CA GLN A 225 -16.32 -0.22 -4.25
C GLN A 225 -17.05 1.02 -3.76
N GLY A 226 -16.87 1.30 -2.47
CA GLY A 226 -17.54 2.44 -1.82
C GLY A 226 -17.18 3.77 -2.49
N GLU A 227 -15.95 3.90 -2.98
CA GLU A 227 -15.58 5.14 -3.68
C GLU A 227 -16.43 5.32 -4.94
N ILE A 228 -16.63 4.24 -5.67
CA ILE A 228 -17.46 4.27 -6.89
C ILE A 228 -18.95 4.47 -6.59
N LEU A 229 -19.41 3.89 -5.48
CA LEU A 229 -20.83 3.97 -5.06
C LEU A 229 -21.28 5.36 -4.63
N MET A 230 -20.38 6.09 -3.99
CA MET A 230 -20.75 7.35 -3.34
C MET A 230 -21.43 8.36 -4.30
N PRO A 231 -20.77 8.70 -5.42
CA PRO A 231 -21.39 9.62 -6.39
C PRO A 231 -22.78 9.14 -6.85
N ILE A 232 -22.95 7.83 -6.95
CA ILE A 232 -24.25 7.26 -7.33
C ILE A 232 -25.32 7.60 -6.31
N PHE A 233 -25.00 7.36 -5.04
CA PHE A 233 -25.98 7.51 -3.97
C PHE A 233 -26.51 8.92 -3.85
N VAL A 234 -25.68 9.91 -4.15
CA VAL A 234 -26.09 11.30 -4.09
C VAL A 234 -26.39 11.90 -5.46
N SER A 235 -26.45 11.08 -6.51
CA SER A 235 -26.71 11.60 -7.86
C SER A 235 -28.13 12.16 -7.96
N GLU A 236 -28.35 13.04 -8.92
CA GLU A 236 -29.72 13.50 -9.20
C GLU A 236 -30.60 12.33 -9.64
N ASP A 237 -30.03 11.43 -10.43
CA ASP A 237 -30.75 10.23 -10.87
C ASP A 237 -31.23 9.39 -9.69
N ALA A 238 -30.39 9.21 -8.67
CA ALA A 238 -30.79 8.46 -7.49
C ALA A 238 -32.00 9.12 -6.81
N LYS A 239 -32.03 10.46 -6.79
CA LYS A 239 -33.18 11.17 -6.23
C LYS A 239 -34.43 10.86 -7.06
N GLU A 240 -34.35 11.08 -8.37
CA GLU A 240 -35.45 10.78 -9.29
C GLU A 240 -35.98 9.33 -9.21
N GLY A 241 -35.08 8.37 -9.02
CA GLY A 241 -35.46 6.94 -8.87
C GLY A 241 -36.41 6.73 -7.72
N ALA A 242 -36.06 7.30 -6.56
CA ALA A 242 -36.89 7.24 -5.35
C ALA A 242 -38.17 8.06 -5.54
N LYS A 243 -38.02 9.32 -5.94
CA LYS A 243 -39.17 10.19 -6.27
C LYS A 243 -40.18 9.51 -7.22
N ALA A 244 -39.69 9.05 -8.37
CA ALA A 244 -40.55 8.37 -9.37
C ALA A 244 -41.27 7.15 -8.79
N PHE A 245 -40.53 6.36 -7.99
CA PHE A 245 -41.10 5.19 -7.32
C PHE A 245 -42.23 5.59 -6.36
N ALA A 246 -42.01 6.61 -5.55
CA ALA A 246 -43.05 7.10 -4.63
C ALA A 246 -44.27 7.59 -5.40
N GLU A 247 -44.02 8.32 -6.49
CA GLU A 247 -45.09 8.88 -7.29
C GLU A 247 -45.72 7.89 -8.30
N LYS A 248 -45.31 6.62 -8.27
CA LYS A 248 -45.88 5.56 -9.13
C LYS A 248 -45.78 5.90 -10.63
N ARG A 249 -44.63 6.42 -11.06
CA ARG A 249 -44.42 6.84 -12.45
C ARG A 249 -43.02 6.42 -12.90
N ALA A 250 -42.77 6.52 -14.20
CA ALA A 250 -41.46 6.17 -14.74
C ALA A 250 -40.41 7.22 -14.32
N PRO A 251 -39.18 6.76 -13.98
CA PRO A 251 -38.14 7.76 -13.76
C PRO A 251 -37.78 8.48 -15.07
N VAL A 252 -37.33 9.74 -14.97
CA VAL A 252 -36.79 10.44 -16.12
C VAL A 252 -35.29 10.63 -15.85
N TRP A 253 -34.44 9.84 -16.49
CA TRP A 253 -33.02 9.87 -16.14
C TRP A 253 -32.30 10.99 -16.84
N GLN A 254 -31.25 11.52 -16.20
CA GLN A 254 -30.45 12.59 -16.77
C GLN A 254 -28.95 12.27 -16.90
N GLY A 255 -28.47 11.20 -16.26
CA GLY A 255 -27.03 10.92 -16.24
C GLY A 255 -26.25 11.95 -15.42
N LYS A 256 -26.81 12.32 -14.26
CA LYS A 256 -26.12 13.17 -13.29
C LYS A 256 -26.85 13.07 -11.94
N ALA B 6 9.27 -52.99 -14.84
CA ALA B 6 10.36 -52.14 -15.42
C ALA B 6 10.40 -50.82 -14.66
N ASP B 7 10.75 -49.74 -15.35
CA ASP B 7 10.87 -48.43 -14.72
C ASP B 7 9.51 -47.98 -14.17
N GLU B 8 9.53 -47.26 -13.06
CA GLU B 8 8.28 -46.85 -12.40
C GLU B 8 7.60 -45.68 -13.11
N VAL B 9 8.34 -45.00 -13.98
CA VAL B 9 7.81 -44.02 -14.90
C VAL B 9 8.40 -44.29 -16.26
N LEU B 10 7.53 -44.51 -17.25
CA LEU B 10 7.94 -44.79 -18.64
C LEU B 10 7.78 -43.51 -19.45
N ILE B 11 8.75 -43.25 -20.31
CA ILE B 11 8.77 -42.08 -21.16
C ILE B 11 8.99 -42.54 -22.60
N GLU B 12 8.13 -42.07 -23.51
CA GLU B 12 8.19 -42.42 -24.93
C GLU B 12 7.93 -41.18 -25.75
N GLN B 13 8.80 -40.91 -26.73
CA GLN B 13 8.58 -39.80 -27.61
C GLN B 13 7.93 -40.28 -28.89
N ARG B 14 6.86 -39.62 -29.30
CA ARG B 14 6.22 -39.89 -30.60
C ARG B 14 6.14 -38.60 -31.36
N ASP B 15 7.16 -38.33 -32.16
CA ASP B 15 7.27 -37.09 -32.91
C ASP B 15 7.25 -35.94 -31.90
N ARG B 16 6.22 -35.09 -31.87
CA ARG B 16 6.28 -33.93 -30.98
C ARG B 16 5.58 -34.17 -29.65
N VAL B 17 5.11 -35.40 -29.44
CA VAL B 17 4.43 -35.79 -28.21
C VAL B 17 5.33 -36.58 -27.23
N LEU B 18 5.39 -36.16 -25.97
CA LEU B 18 6.04 -36.97 -24.93
C LEU B 18 4.98 -37.73 -24.17
N LEU B 19 4.98 -39.04 -24.28
CA LEU B 19 4.02 -39.85 -23.52
C LEU B 19 4.66 -40.31 -22.21
N ILE B 20 4.01 -39.97 -21.10
CA ILE B 20 4.51 -40.21 -19.75
C ILE B 20 3.54 -41.15 -19.07
N THR B 21 4.03 -42.34 -18.73
CA THR B 21 3.20 -43.32 -18.06
C THR B 21 3.73 -43.65 -16.68
N ILE B 22 2.89 -43.45 -15.67
CA ILE B 22 3.18 -43.89 -14.33
C ILE B 22 3.03 -45.41 -14.35
N ASN B 23 4.05 -46.10 -13.91
CA ASN B 23 4.11 -47.56 -14.06
C ASN B 23 4.22 -48.32 -12.73
N ARG B 24 3.24 -48.12 -11.84
CA ARG B 24 3.11 -48.95 -10.66
C ARG B 24 1.69 -49.46 -10.56
N PRO B 25 1.24 -50.23 -11.57
CA PRO B 25 -0.14 -50.70 -11.67
C PRO B 25 -0.61 -51.45 -10.41
N ASP B 26 0.28 -52.25 -9.81
CA ASP B 26 -0.06 -53.03 -8.63
C ASP B 26 -0.29 -52.12 -7.43
N ALA B 27 0.26 -50.91 -7.47
CA ALA B 27 0.02 -49.93 -6.42
C ALA B 27 -0.94 -48.82 -6.88
N ARG B 28 -1.80 -49.10 -7.86
CA ARG B 28 -2.65 -48.07 -8.49
C ARG B 28 -1.88 -46.77 -8.73
N ASN B 29 -0.64 -46.91 -9.15
CA ASN B 29 0.19 -45.80 -9.58
C ASN B 29 0.34 -44.70 -8.54
N ALA B 30 0.35 -45.09 -7.26
CA ALA B 30 0.68 -44.14 -6.18
C ALA B 30 2.05 -43.53 -6.38
N VAL B 31 2.23 -42.31 -5.87
CA VAL B 31 3.47 -41.60 -6.04
C VAL B 31 4.41 -41.90 -4.87
N ASN B 32 5.44 -42.68 -5.15
CA ASN B 32 6.56 -42.82 -4.24
C ASN B 32 7.65 -41.90 -4.76
N ARG B 33 8.84 -41.98 -4.16
CA ARG B 33 9.97 -41.15 -4.63
C ARG B 33 10.36 -41.37 -6.10
N ALA B 34 10.36 -42.62 -6.57
CA ALA B 34 10.81 -42.88 -7.94
C ALA B 34 9.79 -42.27 -8.90
N VAL B 35 8.52 -42.36 -8.53
CA VAL B 35 7.49 -41.76 -9.40
C VAL B 35 7.61 -40.24 -9.43
N SER B 36 7.64 -39.61 -8.26
CA SER B 36 7.72 -38.14 -8.21
C SER B 36 8.93 -37.61 -8.95
N GLN B 37 10.09 -38.23 -8.72
CA GLN B 37 11.31 -37.86 -9.41
C GLN B 37 11.23 -38.10 -10.90
N GLY B 38 10.68 -39.24 -11.33
CA GLY B 38 10.56 -39.50 -12.76
C GLY B 38 9.57 -38.55 -13.45
N LEU B 39 8.50 -38.16 -12.77
CA LEU B 39 7.56 -37.16 -13.36
C LEU B 39 8.18 -35.77 -13.46
N ALA B 40 8.99 -35.42 -12.47
CA ALA B 40 9.70 -34.13 -12.50
C ALA B 40 10.75 -34.14 -13.62
N ALA B 41 11.45 -35.26 -13.78
CA ALA B 41 12.45 -35.40 -14.84
C ALA B 41 11.77 -35.36 -16.21
N ALA B 42 10.61 -35.98 -16.34
CA ALA B 42 9.81 -35.90 -17.58
C ALA B 42 9.41 -34.46 -17.93
N ALA B 43 8.98 -33.71 -16.92
CA ALA B 43 8.63 -32.31 -17.11
C ALA B 43 9.84 -31.53 -17.61
N ASP B 44 11.01 -31.81 -17.06
CA ASP B 44 12.25 -31.12 -17.49
C ASP B 44 12.57 -31.47 -18.94
N GLN B 45 12.42 -32.73 -19.31
CA GLN B 45 12.71 -33.19 -20.67
C GLN B 45 11.74 -32.55 -21.67
N LEU B 46 10.45 -32.59 -21.34
CA LEU B 46 9.45 -31.92 -22.16
C LEU B 46 9.85 -30.47 -22.38
N ASP B 47 10.15 -29.75 -21.31
CA ASP B 47 10.36 -28.32 -21.46
C ASP B 47 11.69 -27.95 -22.07
N SER B 48 12.66 -28.87 -22.07
CA SER B 48 14.00 -28.55 -22.58
C SER B 48 14.25 -29.07 -24.00
N SER B 49 13.30 -29.81 -24.56
CA SER B 49 13.52 -30.46 -25.85
C SER B 49 12.72 -29.71 -26.93
N ALA B 50 13.42 -28.99 -27.80
CA ALA B 50 12.79 -28.20 -28.89
C ALA B 50 11.91 -29.05 -29.79
N ASP B 51 12.26 -30.33 -29.98
CA ASP B 51 11.48 -31.25 -30.80
C ASP B 51 10.27 -31.90 -30.09
N LEU B 52 9.92 -31.42 -28.91
CA LEU B 52 8.65 -31.79 -28.24
C LEU B 52 7.77 -30.57 -28.09
N SER B 53 6.46 -30.73 -28.26
CA SER B 53 5.51 -29.62 -28.12
C SER B 53 4.50 -29.84 -27.02
N VAL B 54 4.16 -31.10 -26.77
CA VAL B 54 3.03 -31.49 -25.95
C VAL B 54 3.32 -32.79 -25.22
N ALA B 55 2.82 -32.91 -23.99
CA ALA B 55 2.93 -34.20 -23.26
C ALA B 55 1.58 -34.78 -22.93
N ILE B 56 1.57 -36.09 -22.72
CA ILE B 56 0.41 -36.77 -22.22
C ILE B 56 0.87 -37.57 -21.02
N ILE B 57 0.14 -37.46 -19.93
CA ILE B 57 0.38 -38.23 -18.73
C ILE B 57 -0.81 -39.17 -18.51
N THR B 58 -0.48 -40.44 -18.31
CA THR B 58 -1.48 -41.47 -18.03
C THR B 58 -0.89 -42.52 -17.06
N GLY B 59 -1.73 -43.49 -16.67
CA GLY B 59 -1.34 -44.49 -15.70
C GLY B 59 -1.44 -45.88 -16.30
N ALA B 60 -0.53 -46.77 -15.92
CA ALA B 60 -0.55 -48.14 -16.41
C ALA B 60 -1.66 -48.93 -15.72
N GLY B 61 -2.29 -49.85 -16.46
CA GLY B 61 -3.25 -50.80 -15.92
C GLY B 61 -4.62 -50.25 -15.58
N GLY B 62 -5.09 -49.23 -16.29
CA GLY B 62 -6.45 -48.77 -16.12
C GLY B 62 -6.73 -47.89 -14.90
N ASN B 63 -5.68 -47.41 -14.23
CA ASN B 63 -5.85 -46.42 -13.18
C ASN B 63 -4.91 -45.32 -13.44
N PHE B 64 -5.28 -44.11 -13.05
CA PHE B 64 -4.40 -42.95 -13.27
C PHE B 64 -3.34 -42.83 -12.21
N CYS B 65 -3.80 -42.62 -10.97
CA CYS B 65 -2.93 -42.30 -9.87
C CYS B 65 -3.75 -42.23 -8.59
N ALA B 66 -3.34 -43.02 -7.60
CA ALA B 66 -3.96 -43.00 -6.29
C ALA B 66 -3.38 -41.91 -5.39
N GLY B 67 -2.53 -41.05 -5.89
CA GLY B 67 -1.99 -40.00 -5.05
C GLY B 67 -0.72 -40.46 -4.34
N MET B 68 -0.39 -39.74 -3.28
CA MET B 68 0.73 -40.04 -2.40
C MET B 68 0.77 -41.51 -1.95
N ASP B 69 1.90 -42.19 -2.16
CA ASP B 69 2.12 -43.53 -1.63
C ASP B 69 2.43 -43.42 -0.13
N LEU B 70 1.48 -43.84 0.70
CA LEU B 70 1.59 -43.62 2.15
C LEU B 70 2.62 -44.54 2.82
N LYS B 71 2.73 -45.78 2.36
CA LYS B 71 3.81 -46.67 2.78
C LYS B 71 5.18 -46.05 2.50
N ALA B 72 5.36 -45.46 1.34
CA ALA B 72 6.62 -44.77 1.03
C ALA B 72 6.83 -43.59 1.97
N PHE B 73 5.77 -42.82 2.21
CA PHE B 73 5.88 -41.63 3.06
C PHE B 73 6.27 -42.04 4.49
N VAL B 74 5.54 -43.02 5.01
CA VAL B 74 5.74 -43.48 6.36
C VAL B 74 7.12 -44.12 6.56
N SER B 75 7.66 -44.78 5.55
CA SER B 75 8.99 -45.44 5.65
C SER B 75 10.12 -44.45 5.39
N GLY B 76 9.76 -43.20 5.15
CA GLY B 76 10.75 -42.13 5.13
C GLY B 76 11.30 -41.79 3.75
N GLU B 77 10.63 -42.24 2.68
CA GLU B 77 11.00 -41.81 1.34
C GLU B 77 10.71 -40.30 1.17
N ALA B 78 11.63 -39.58 0.53
CA ALA B 78 11.44 -38.16 0.28
C ALA B 78 10.56 -38.00 -0.98
N VAL B 79 9.26 -38.19 -0.77
CA VAL B 79 8.34 -38.29 -1.90
C VAL B 79 8.21 -37.00 -2.71
N LEU B 80 8.31 -35.84 -2.08
CA LEU B 80 8.20 -34.60 -2.83
C LEU B 80 9.47 -34.29 -3.60
N SER B 81 9.32 -33.93 -4.88
CA SER B 81 10.41 -33.51 -5.76
C SER B 81 10.50 -31.98 -5.71
N GLU B 82 11.47 -31.40 -6.41
CA GLU B 82 11.54 -29.94 -6.47
C GLU B 82 10.32 -29.32 -7.18
N ARG B 83 9.50 -30.12 -7.86
CA ARG B 83 8.28 -29.60 -8.49
C ARG B 83 7.00 -29.99 -7.74
N GLY B 84 7.15 -30.53 -6.53
CA GLY B 84 6.02 -31.03 -5.77
C GLY B 84 5.81 -32.53 -5.89
N LEU B 85 4.55 -32.94 -5.88
CA LEU B 85 4.21 -34.36 -6.01
C LEU B 85 4.27 -34.65 -7.50
N GLY B 86 5.42 -35.18 -7.91
CA GLY B 86 5.80 -35.21 -9.31
C GLY B 86 5.98 -33.77 -9.74
N PHE B 87 5.01 -33.20 -10.43
CA PHE B 87 5.10 -31.80 -10.84
C PHE B 87 3.89 -30.93 -10.46
N THR B 88 3.18 -31.31 -9.40
CA THR B 88 1.99 -30.55 -8.99
C THR B 88 2.29 -29.07 -8.76
N ASN B 89 3.39 -28.77 -8.08
CA ASN B 89 3.67 -27.42 -7.63
C ASN B 89 4.31 -26.53 -8.69
N VAL B 90 5.18 -27.11 -9.53
CA VAL B 90 5.71 -26.43 -10.69
C VAL B 90 5.42 -27.33 -11.91
N PRO B 91 4.20 -27.21 -12.49
CA PRO B 91 3.85 -28.03 -13.67
C PRO B 91 4.69 -27.66 -14.88
N PRO B 92 4.65 -28.48 -15.95
CA PRO B 92 5.44 -28.14 -17.14
C PRO B 92 5.00 -26.85 -17.81
N ARG B 93 5.92 -26.19 -18.50
CA ARG B 93 5.61 -24.97 -19.29
C ARG B 93 4.82 -25.33 -20.56
N LYS B 94 5.25 -26.39 -21.24
CA LYS B 94 4.55 -26.82 -22.46
C LYS B 94 3.24 -27.52 -22.11
N PRO B 95 2.23 -27.47 -23.02
CA PRO B 95 0.92 -28.05 -22.75
C PRO B 95 0.97 -29.53 -22.42
N ILE B 96 0.16 -29.94 -21.45
CA ILE B 96 0.09 -31.36 -21.13
C ILE B 96 -1.33 -31.82 -20.95
N ILE B 97 -1.61 -33.02 -21.44
CA ILE B 97 -2.94 -33.64 -21.36
C ILE B 97 -2.89 -34.81 -20.40
N ALA B 98 -3.85 -34.84 -19.46
CA ALA B 98 -4.08 -35.97 -18.59
C ALA B 98 -5.05 -36.93 -19.28
N ALA B 99 -4.66 -38.19 -19.37
CA ALA B 99 -5.51 -39.25 -19.98
C ALA B 99 -5.85 -40.18 -18.82
N VAL B 100 -7.03 -39.96 -18.24
CA VAL B 100 -7.40 -40.49 -16.93
C VAL B 100 -8.35 -41.67 -17.09
N GLU B 101 -7.99 -42.79 -16.50
CA GLU B 101 -8.86 -43.94 -16.35
C GLU B 101 -8.97 -44.28 -14.86
N GLY B 102 -10.08 -44.89 -14.49
CA GLY B 102 -10.22 -45.45 -13.16
C GLY B 102 -9.89 -44.50 -12.03
N PHE B 103 -9.08 -44.98 -11.08
CA PHE B 103 -8.89 -44.31 -9.83
C PHE B 103 -7.92 -43.12 -9.99
N ALA B 104 -8.40 -41.91 -9.67
CA ALA B 104 -7.60 -40.68 -9.76
C ALA B 104 -7.73 -39.78 -8.56
N LEU B 105 -7.87 -40.38 -7.38
CA LEU B 105 -8.10 -39.64 -6.14
C LEU B 105 -6.90 -38.88 -5.55
N ALA B 106 -7.25 -37.80 -4.86
CA ALA B 106 -6.40 -37.14 -3.86
C ALA B 106 -5.24 -36.52 -4.61
N GLY B 107 -4.01 -36.93 -4.31
CA GLY B 107 -2.87 -36.45 -5.08
C GLY B 107 -3.01 -36.66 -6.58
N GLY B 108 -3.69 -37.74 -6.96
CA GLY B 108 -3.94 -38.02 -8.35
C GLY B 108 -4.84 -36.96 -8.97
N THR B 109 -5.86 -36.49 -8.24
CA THR B 109 -6.67 -35.37 -8.73
C THR B 109 -5.87 -34.05 -8.83
N GLU B 110 -5.00 -33.84 -7.86
CA GLU B 110 -4.13 -32.64 -7.88
C GLU B 110 -3.14 -32.68 -9.05
N LEU B 111 -2.69 -33.89 -9.42
CA LEU B 111 -1.84 -34.09 -10.58
C LEU B 111 -2.62 -33.79 -11.85
N VAL B 112 -3.88 -34.24 -11.91
CA VAL B 112 -4.74 -33.92 -13.05
C VAL B 112 -4.90 -32.39 -13.18
N LEU B 113 -5.09 -31.72 -12.05
CA LEU B 113 -5.33 -30.29 -12.04
C LEU B 113 -4.11 -29.45 -12.36
N SER B 114 -2.94 -30.07 -12.27
CA SER B 114 -1.74 -29.43 -12.71
C SER B 114 -1.58 -29.55 -14.25
N CYS B 115 -2.38 -30.40 -14.89
CA CYS B 115 -2.42 -30.48 -16.36
C CYS B 115 -3.37 -29.40 -16.95
N ASP B 116 -3.32 -29.22 -18.27
CA ASP B 116 -4.08 -28.20 -18.95
C ASP B 116 -5.39 -28.67 -19.55
N LEU B 117 -5.44 -29.97 -19.88
CA LEU B 117 -6.60 -30.54 -20.55
C LEU B 117 -6.78 -31.95 -20.05
N VAL B 118 -8.00 -32.44 -20.07
CA VAL B 118 -8.33 -33.70 -19.47
C VAL B 118 -9.16 -34.55 -20.41
N VAL B 119 -8.69 -35.77 -20.65
CA VAL B 119 -9.44 -36.77 -21.42
C VAL B 119 -9.63 -37.89 -20.45
N ALA B 120 -10.87 -38.31 -20.24
CA ALA B 120 -11.16 -39.29 -19.22
C ALA B 120 -12.15 -40.34 -19.69
N GLY B 121 -11.90 -41.57 -19.26
CA GLY B 121 -12.92 -42.61 -19.26
C GLY B 121 -14.09 -42.22 -18.35
N ARG B 122 -15.31 -42.55 -18.78
CA ARG B 122 -16.59 -42.25 -18.10
C ARG B 122 -16.58 -42.57 -16.61
N SER B 123 -15.94 -43.66 -16.22
CA SER B 123 -15.93 -44.11 -14.83
C SER B 123 -14.75 -43.56 -14.00
N ALA B 124 -13.91 -42.71 -14.58
CA ALA B 124 -12.76 -42.22 -13.85
C ALA B 124 -13.28 -41.50 -12.60
N LYS B 125 -12.59 -41.67 -11.47
CA LYS B 125 -13.02 -41.16 -10.19
C LYS B 125 -12.01 -40.15 -9.65
N PHE B 126 -12.50 -38.97 -9.38
CA PHE B 126 -11.69 -37.87 -8.86
C PHE B 126 -12.14 -37.56 -7.45
N GLY B 127 -11.36 -36.77 -6.74
CA GLY B 127 -11.77 -36.31 -5.43
C GLY B 127 -10.65 -35.69 -4.64
N ILE B 128 -11.04 -34.89 -3.65
CA ILE B 128 -10.10 -34.23 -2.77
C ILE B 128 -10.47 -34.58 -1.32
N PRO B 129 -10.10 -35.77 -0.87
CA PRO B 129 -10.71 -36.31 0.33
C PRO B 129 -9.98 -36.00 1.65
N GLU B 130 -8.95 -35.16 1.61
CA GLU B 130 -8.11 -34.90 2.77
C GLU B 130 -8.88 -34.57 4.06
N VAL B 131 -9.91 -33.71 3.97
CA VAL B 131 -10.64 -33.28 5.17
C VAL B 131 -11.23 -34.49 5.93
N LYS B 132 -11.53 -35.59 5.23
CA LYS B 132 -12.10 -36.78 5.91
C LYS B 132 -11.13 -37.32 6.96
N ARG B 133 -9.84 -37.11 6.74
CA ARG B 133 -8.78 -37.51 7.69
C ARG B 133 -8.28 -36.34 8.57
N GLY B 134 -8.99 -35.21 8.58
CA GLY B 134 -8.51 -34.02 9.29
C GLY B 134 -7.32 -33.28 8.67
N LEU B 135 -7.06 -33.54 7.40
CA LEU B 135 -5.99 -32.88 6.67
C LEU B 135 -6.60 -31.95 5.61
N VAL B 136 -5.72 -31.16 4.98
CA VAL B 136 -6.09 -30.25 3.90
C VAL B 136 -5.28 -30.63 2.65
N ALA B 137 -5.89 -30.59 1.48
CA ALA B 137 -5.17 -30.88 0.24
C ALA B 137 -4.14 -29.79 -0.03
N GLY B 138 -2.88 -30.18 -0.19
CA GLY B 138 -1.80 -29.21 -0.24
C GLY B 138 -0.98 -29.17 -1.51
N ALA B 139 -1.33 -29.98 -2.50
CA ALA B 139 -0.57 -30.02 -3.76
C ALA B 139 -1.29 -29.29 -4.91
N GLY B 140 -2.10 -28.29 -4.55
CA GLY B 140 -2.59 -27.34 -5.54
C GLY B 140 -4.06 -27.46 -5.83
N GLY B 141 -4.67 -28.54 -5.36
CA GLY B 141 -6.08 -28.80 -5.60
C GLY B 141 -6.96 -27.61 -5.22
N LEU B 142 -6.71 -27.03 -4.05
CA LEU B 142 -7.53 -25.93 -3.56
C LEU B 142 -7.26 -24.63 -4.31
N LEU B 143 -6.08 -24.51 -4.91
CA LEU B 143 -5.71 -23.34 -5.64
C LEU B 143 -6.32 -23.35 -7.06
N ARG B 144 -6.68 -24.53 -7.58
CA ARG B 144 -6.99 -24.69 -9.01
C ARG B 144 -8.40 -25.18 -9.26
N LEU B 145 -8.89 -26.15 -8.47
CA LEU B 145 -10.24 -26.70 -8.74
C LEU B 145 -11.35 -25.62 -8.80
N PRO B 146 -11.32 -24.64 -7.90
CA PRO B 146 -12.38 -23.60 -7.98
C PRO B 146 -12.24 -22.64 -9.20
N ASN B 147 -11.14 -22.75 -9.94
CA ASN B 147 -10.98 -21.99 -11.21
CA ASN B 147 -11.02 -21.99 -11.17
C ASN B 147 -11.28 -22.84 -12.44
N ARG B 148 -11.54 -24.14 -12.28
CA ARG B 148 -11.81 -25.08 -13.39
C ARG B 148 -13.27 -25.51 -13.48
N ILE B 149 -13.95 -25.55 -12.34
CA ILE B 149 -15.40 -25.81 -12.30
C ILE B 149 -16.03 -24.70 -11.46
N PRO B 150 -17.37 -24.61 -11.42
CA PRO B 150 -17.97 -23.49 -10.66
C PRO B 150 -17.52 -23.49 -9.17
N TYR B 151 -17.20 -22.29 -8.69
CA TYR B 151 -16.70 -22.05 -7.34
C TYR B 151 -17.39 -22.86 -6.24
N GLN B 152 -18.72 -22.87 -6.21
CA GLN B 152 -19.46 -23.49 -5.13
C GLN B 152 -19.41 -25.01 -5.23
N VAL B 153 -19.18 -25.52 -6.43
CA VAL B 153 -19.08 -26.98 -6.63
C VAL B 153 -17.71 -27.44 -6.13
N ALA B 154 -16.67 -26.65 -6.43
CA ALA B 154 -15.32 -26.91 -5.94
C ALA B 154 -15.31 -26.80 -4.40
N MET B 155 -15.89 -25.72 -3.87
CA MET B 155 -16.08 -25.55 -2.43
C MET B 155 -16.72 -26.80 -1.84
N GLU B 156 -17.85 -27.21 -2.41
CA GLU B 156 -18.59 -28.36 -1.87
C GLU B 156 -17.68 -29.56 -1.86
N LEU B 157 -17.05 -29.86 -2.99
CA LEU B 157 -16.27 -31.07 -3.09
C LEU B 157 -15.10 -31.08 -2.11
N ALA B 158 -14.51 -29.91 -1.87
CA ALA B 158 -13.36 -29.76 -1.00
C ALA B 158 -13.78 -29.96 0.46
N LEU B 159 -14.99 -29.56 0.81
CA LEU B 159 -15.46 -29.60 2.20
C LEU B 159 -16.03 -30.97 2.58
N THR B 160 -16.67 -31.67 1.64
CA THR B 160 -17.23 -32.99 1.94
C THR B 160 -16.20 -34.10 1.72
N GLY B 161 -15.20 -33.83 0.87
CA GLY B 161 -14.19 -34.80 0.46
C GLY B 161 -14.73 -35.91 -0.43
N GLU B 162 -15.94 -35.75 -0.97
CA GLU B 162 -16.56 -36.82 -1.73
C GLU B 162 -15.97 -37.00 -3.13
N SER B 163 -16.05 -38.24 -3.62
CA SER B 163 -15.57 -38.58 -4.95
C SER B 163 -16.56 -38.13 -5.99
N PHE B 164 -16.07 -37.81 -7.18
CA PHE B 164 -16.95 -37.46 -8.31
C PHE B 164 -16.33 -38.08 -9.59
N THR B 165 -17.18 -38.43 -10.54
CA THR B 165 -16.75 -39.14 -11.73
C THR B 165 -16.54 -38.18 -12.89
N ALA B 166 -15.82 -38.67 -13.90
CA ALA B 166 -15.64 -37.96 -15.14
C ALA B 166 -16.98 -37.55 -15.74
N GLU B 167 -17.91 -38.48 -15.77
CA GLU B 167 -19.28 -38.22 -16.19
C GLU B 167 -20.00 -37.05 -15.47
N ASP B 168 -19.88 -36.99 -14.14
CA ASP B 168 -20.47 -35.90 -13.36
C ASP B 168 -19.75 -34.61 -13.72
N ALA B 169 -18.43 -34.67 -13.83
CA ALA B 169 -17.66 -33.44 -14.01
C ALA B 169 -17.74 -32.90 -15.48
N ALA B 170 -18.14 -33.75 -16.42
CA ALA B 170 -18.26 -33.35 -17.83
C ALA B 170 -19.21 -32.16 -17.98
N LYS B 171 -20.22 -32.11 -17.11
CA LYS B 171 -21.20 -31.01 -17.08
C LYS B 171 -20.61 -29.63 -16.76
N TYR B 172 -19.36 -29.58 -16.30
CA TYR B 172 -18.76 -28.32 -15.85
C TYR B 172 -17.59 -27.85 -16.68
N GLY B 173 -17.26 -28.56 -17.74
CA GLY B 173 -16.14 -28.18 -18.57
C GLY B 173 -14.82 -28.60 -17.96
N PHE B 174 -14.84 -29.58 -17.05
CA PHE B 174 -13.62 -30.20 -16.54
C PHE B 174 -13.10 -31.33 -17.44
N ILE B 175 -13.91 -31.78 -18.39
CA ILE B 175 -13.54 -32.97 -19.19
C ILE B 175 -13.56 -32.55 -20.64
N ASN B 176 -12.39 -32.44 -21.25
CA ASN B 176 -12.32 -32.05 -22.67
C ASN B 176 -12.81 -33.14 -23.62
N ARG B 177 -12.56 -34.40 -23.27
CA ARG B 177 -13.11 -35.53 -24.03
C ARG B 177 -13.55 -36.55 -23.02
N LEU B 178 -14.79 -36.99 -23.17
CA LEU B 178 -15.40 -37.98 -22.30
C LEU B 178 -15.61 -39.25 -23.12
N VAL B 179 -14.92 -40.33 -22.76
CA VAL B 179 -14.82 -41.48 -23.64
C VAL B 179 -15.22 -42.76 -22.91
N ASP B 180 -15.48 -43.82 -23.67
CA ASP B 180 -15.75 -45.12 -23.06
C ASP B 180 -14.48 -45.55 -22.29
N ASP B 181 -14.66 -46.27 -21.19
CA ASP B 181 -13.52 -46.63 -20.30
C ASP B 181 -12.50 -47.46 -21.10
N GLY B 182 -11.20 -47.17 -20.90
CA GLY B 182 -10.10 -47.81 -21.65
C GLY B 182 -9.68 -47.05 -22.91
N GLN B 183 -10.41 -45.99 -23.28
CA GLN B 183 -10.12 -45.31 -24.55
C GLN B 183 -9.44 -43.96 -24.38
N ALA B 184 -9.14 -43.57 -23.14
CA ALA B 184 -8.58 -42.26 -22.81
C ALA B 184 -7.26 -41.95 -23.48
N LEU B 185 -6.33 -42.89 -23.45
CA LEU B 185 -5.03 -42.67 -24.05
C LEU B 185 -5.15 -42.47 -25.55
N ASP B 186 -5.91 -43.33 -26.21
CA ASP B 186 -6.11 -43.22 -27.66
C ASP B 186 -6.73 -41.89 -28.05
N THR B 187 -7.71 -41.44 -27.28
CA THR B 187 -8.34 -40.16 -27.60
C THR B 187 -7.43 -38.97 -27.28
N ALA B 188 -6.61 -39.10 -26.24
CA ALA B 188 -5.66 -38.04 -25.88
C ALA B 188 -4.59 -37.86 -26.99
N LEU B 189 -4.26 -38.98 -27.64
CA LEU B 189 -3.27 -38.96 -28.71
C LEU B 189 -3.82 -38.18 -29.92
N GLU B 190 -5.11 -38.34 -30.24
CA GLU B 190 -5.78 -37.51 -31.26
C GLU B 190 -5.84 -36.05 -30.84
N LEU B 191 -6.23 -35.76 -29.59
CA LEU B 191 -6.28 -34.37 -29.12
C LEU B 191 -4.90 -33.74 -29.21
N ALA B 192 -3.87 -34.48 -28.79
CA ALA B 192 -2.48 -34.00 -28.84
C ALA B 192 -2.05 -33.69 -30.28
N ALA B 193 -2.45 -34.54 -31.21
CA ALA B 193 -2.12 -34.31 -32.63
C ALA B 193 -2.76 -33.04 -33.18
N LYS B 194 -3.96 -32.68 -32.70
CA LYS B 194 -4.57 -31.39 -33.06
C LYS B 194 -3.70 -30.21 -32.60
N ILE B 195 -3.00 -30.36 -31.48
CA ILE B 195 -2.20 -29.28 -30.93
C ILE B 195 -0.77 -29.27 -31.52
N THR B 196 -0.13 -30.45 -31.65
CA THR B 196 1.22 -30.55 -32.25
C THR B 196 1.23 -30.13 -33.73
N ALA B 197 0.08 -30.17 -34.38
CA ALA B 197 -0.11 -29.55 -35.69
C ALA B 197 0.28 -28.06 -35.70
N ASN B 198 0.25 -27.42 -34.55
CA ASN B 198 0.38 -25.96 -34.48
C ASN B 198 1.76 -25.57 -34.05
N GLY B 199 2.07 -24.28 -34.09
CA GLY B 199 3.41 -23.82 -33.75
C GLY B 199 3.81 -24.12 -32.32
N PRO B 200 4.93 -24.84 -32.13
CA PRO B 200 5.39 -25.27 -30.81
C PRO B 200 5.52 -24.10 -29.84
N LEU B 201 6.29 -23.09 -30.22
CA LEU B 201 6.44 -21.89 -29.41
C LEU B 201 5.11 -21.21 -29.18
N ALA B 202 4.26 -21.22 -30.21
CA ALA B 202 2.97 -20.56 -30.14
C ALA B 202 2.06 -21.20 -29.12
N VAL B 203 2.00 -22.54 -29.12
CA VAL B 203 1.10 -23.21 -28.18
C VAL B 203 1.60 -23.05 -26.77
N ALA B 204 2.92 -23.06 -26.56
CA ALA B 204 3.48 -22.88 -25.19
C ALA B 204 3.20 -21.46 -24.65
N ALA B 205 3.41 -20.47 -25.51
CA ALA B 205 3.22 -19.07 -25.12
C ALA B 205 1.74 -18.75 -24.90
N THR B 206 0.84 -19.39 -25.64
CA THR B 206 -0.60 -19.21 -25.48
C THR B 206 -1.01 -19.70 -24.09
N LYS B 207 -0.57 -20.92 -23.77
CA LYS B 207 -0.73 -21.46 -22.40
C LYS B 207 -0.17 -20.54 -21.31
N ARG B 208 1.03 -20.04 -21.53
CA ARG B 208 1.70 -19.15 -20.58
C ARG B 208 0.86 -17.93 -20.29
N ILE B 209 0.36 -17.28 -21.33
CA ILE B 209 -0.47 -16.09 -21.15
C ILE B 209 -1.76 -16.42 -20.43
N ILE B 210 -2.38 -17.54 -20.78
CA ILE B 210 -3.63 -17.93 -20.13
C ILE B 210 -3.41 -18.14 -18.64
N ILE B 211 -2.36 -18.88 -18.27
CA ILE B 211 -2.02 -19.04 -16.86
C ILE B 211 -1.64 -17.72 -16.17
N GLU B 212 -0.60 -17.04 -16.64
CA GLU B 212 -0.09 -15.88 -15.91
C GLU B 212 -1.01 -14.65 -15.92
N SER B 213 -1.94 -14.58 -16.87
CA SER B 213 -2.85 -13.42 -16.96
C SER B 213 -3.72 -13.27 -15.72
N ALA B 214 -4.06 -14.39 -15.09
CA ALA B 214 -4.91 -14.39 -13.90
C ALA B 214 -4.35 -13.53 -12.77
N SER B 215 -3.05 -13.28 -12.78
CA SER B 215 -2.39 -12.52 -11.74
C SER B 215 -1.71 -11.22 -12.25
N TRP B 216 -2.19 -10.68 -13.38
CA TRP B 216 -1.69 -9.39 -13.86
C TRP B 216 -2.56 -8.24 -13.48
N ALA B 217 -1.95 -7.10 -13.16
CA ALA B 217 -2.71 -5.87 -12.98
C ALA B 217 -3.34 -5.55 -14.33
N PRO B 218 -4.64 -5.15 -14.35
CA PRO B 218 -5.28 -4.77 -15.61
C PRO B 218 -4.50 -3.74 -16.40
N GLU B 219 -4.01 -2.72 -15.71
CA GLU B 219 -3.30 -1.62 -16.35
C GLU B 219 -1.95 -2.05 -16.94
N GLU B 220 -1.41 -3.20 -16.53
CA GLU B 220 -0.17 -3.74 -17.14
C GLU B 220 -0.36 -5.05 -17.96
N ALA B 221 -1.60 -5.52 -18.12
CA ALA B 221 -1.85 -6.82 -18.76
C ALA B 221 -1.37 -6.89 -20.22
N PHE B 222 -1.68 -5.89 -21.04
CA PHE B 222 -1.23 -5.89 -22.43
C PHE B 222 0.29 -5.74 -22.58
N ALA B 223 0.93 -4.99 -21.68
CA ALA B 223 2.39 -4.84 -21.70
C ALA B 223 3.08 -6.16 -21.29
N LYS B 224 2.54 -6.81 -20.28
CA LYS B 224 3.07 -8.11 -19.84
C LYS B 224 2.90 -9.15 -20.93
N GLN B 225 1.68 -9.21 -21.49
CA GLN B 225 1.40 -10.04 -22.66
C GLN B 225 2.37 -9.80 -23.81
N GLY B 226 2.58 -8.52 -24.13
CA GLY B 226 3.49 -8.10 -25.19
C GLY B 226 4.89 -8.67 -25.03
N GLU B 227 5.37 -8.72 -23.80
CA GLU B 227 6.70 -9.26 -23.56
C GLU B 227 6.80 -10.75 -23.95
N ILE B 228 5.67 -11.46 -23.81
CA ILE B 228 5.61 -12.88 -24.23
C ILE B 228 5.45 -13.01 -25.76
N LEU B 229 4.67 -12.12 -26.39
CA LEU B 229 4.49 -12.17 -27.84
C LEU B 229 5.76 -11.81 -28.65
N MET B 230 6.62 -10.93 -28.14
CA MET B 230 7.74 -10.45 -28.97
C MET B 230 8.59 -11.60 -29.51
N PRO B 231 9.11 -12.50 -28.64
CA PRO B 231 9.92 -13.60 -29.16
C PRO B 231 9.21 -14.45 -30.23
N ILE B 232 7.88 -14.49 -30.19
CA ILE B 232 7.07 -15.25 -31.12
C ILE B 232 7.06 -14.61 -32.51
N PHE B 233 6.82 -13.30 -32.54
CA PHE B 233 6.71 -12.58 -33.80
C PHE B 233 8.03 -12.49 -34.56
N VAL B 234 9.16 -12.63 -33.86
CA VAL B 234 10.46 -12.72 -34.51
C VAL B 234 10.94 -14.17 -34.65
N SER B 235 10.10 -15.14 -34.29
CA SER B 235 10.48 -16.54 -34.40
C SER B 235 10.60 -17.00 -35.86
N GLU B 236 11.42 -18.02 -36.08
CA GLU B 236 11.51 -18.64 -37.40
C GLU B 236 10.25 -19.43 -37.72
N ASP B 237 9.59 -19.99 -36.69
CA ASP B 237 8.32 -20.69 -36.90
C ASP B 237 7.24 -19.72 -37.38
N ALA B 238 7.25 -18.48 -36.87
CA ALA B 238 6.27 -17.47 -37.29
C ALA B 238 6.41 -17.18 -38.78
N LYS B 239 7.64 -17.03 -39.22
CA LYS B 239 7.91 -16.81 -40.65
C LYS B 239 7.53 -18.02 -41.49
N GLU B 240 7.87 -19.21 -41.01
CA GLU B 240 7.48 -20.43 -41.71
C GLU B 240 5.97 -20.62 -41.80
N GLY B 241 5.24 -20.16 -40.78
CA GLY B 241 3.79 -20.31 -40.77
C GLY B 241 3.11 -19.46 -41.81
N ALA B 242 3.60 -18.25 -42.00
CA ALA B 242 3.11 -17.37 -43.05
C ALA B 242 3.48 -17.90 -44.46
N LYS B 243 4.75 -18.29 -44.64
CA LYS B 243 5.20 -18.82 -45.93
C LYS B 243 4.51 -20.15 -46.28
N ALA B 244 4.26 -21.02 -45.30
CA ALA B 244 3.59 -22.30 -45.56
C ALA B 244 2.13 -22.13 -45.95
N PHE B 245 1.43 -21.25 -45.25
CA PHE B 245 0.04 -20.94 -45.59
C PHE B 245 -0.07 -20.41 -47.01
N ALA B 246 0.80 -19.45 -47.35
CA ALA B 246 0.73 -18.75 -48.63
C ALA B 246 1.16 -19.63 -49.81
N GLU B 247 1.95 -20.66 -49.54
CA GLU B 247 2.32 -21.66 -50.53
C GLU B 247 1.37 -22.87 -50.48
N LYS B 248 0.25 -22.73 -49.79
CA LYS B 248 -0.76 -23.79 -49.69
C LYS B 248 -0.13 -25.16 -49.41
N ARG B 249 0.75 -25.22 -48.41
CA ARG B 249 1.36 -26.46 -47.92
C ARG B 249 1.40 -26.47 -46.40
N ALA B 250 1.74 -27.61 -45.81
CA ALA B 250 1.92 -27.73 -44.36
C ALA B 250 3.21 -26.99 -43.94
N PRO B 251 3.22 -26.44 -42.71
CA PRO B 251 4.42 -25.86 -42.12
C PRO B 251 5.33 -26.94 -41.52
N VAL B 252 6.65 -26.71 -41.56
CA VAL B 252 7.62 -27.60 -40.91
C VAL B 252 8.14 -26.82 -39.71
N TRP B 253 7.73 -27.19 -38.50
CA TRP B 253 8.10 -26.42 -37.30
C TRP B 253 9.49 -26.77 -36.78
N GLN B 254 10.16 -25.81 -36.15
CA GLN B 254 11.48 -26.04 -35.52
C GLN B 254 11.51 -25.80 -34.00
N GLY B 255 10.52 -25.07 -33.47
CA GLY B 255 10.59 -24.63 -32.09
C GLY B 255 11.64 -23.55 -31.91
N LYS B 256 11.93 -22.80 -32.97
CA LYS B 256 12.75 -21.60 -32.88
C LYS B 256 12.13 -20.52 -33.76
N MET C 5 -42.76 -10.58 22.01
CA MET C 5 -42.13 -10.68 20.68
C MET C 5 -40.88 -11.60 20.72
N ALA C 6 -40.86 -12.60 19.85
CA ALA C 6 -39.76 -13.56 19.78
C ALA C 6 -38.46 -12.88 19.33
N ASP C 7 -37.35 -13.57 19.52
CA ASP C 7 -36.07 -13.06 19.05
C ASP C 7 -36.09 -12.94 17.54
N GLU C 8 -35.41 -11.93 17.02
CA GLU C 8 -35.39 -11.67 15.59
C GLU C 8 -34.44 -12.59 14.87
N VAL C 9 -33.50 -13.17 15.60
CA VAL C 9 -32.64 -14.23 15.09
C VAL C 9 -32.65 -15.42 16.04
N LEU C 10 -33.17 -16.55 15.56
CA LEU C 10 -33.13 -17.77 16.33
C LEU C 10 -31.82 -18.53 16.09
N ILE C 11 -31.27 -19.07 17.17
CA ILE C 11 -30.01 -19.83 17.11
C ILE C 11 -30.14 -21.12 17.90
N GLU C 12 -29.82 -22.20 17.21
CA GLU C 12 -29.98 -23.54 17.72
C GLU C 12 -28.74 -24.35 17.33
N GLN C 13 -28.22 -25.17 18.25
CA GLN C 13 -27.06 -26.01 17.95
C GLN C 13 -27.50 -27.46 17.82
N ARG C 14 -27.22 -28.08 16.67
CA ARG C 14 -27.42 -29.53 16.51
C ARG C 14 -26.09 -30.20 16.23
N ASP C 15 -25.54 -30.80 17.27
CA ASP C 15 -24.23 -31.41 17.23
C ASP C 15 -23.23 -30.33 16.83
N ARG C 16 -22.57 -30.44 15.68
CA ARG C 16 -21.57 -29.45 15.26
C ARG C 16 -22.11 -28.43 14.27
N VAL C 17 -23.42 -28.36 14.15
CA VAL C 17 -24.05 -27.47 13.19
C VAL C 17 -24.73 -26.37 13.99
N LEU C 18 -24.48 -25.11 13.62
CA LEU C 18 -25.24 -23.99 14.17
C LEU C 18 -26.31 -23.58 13.14
N LEU C 19 -27.57 -23.65 13.55
CA LEU C 19 -28.70 -23.31 12.71
C LEU C 19 -29.13 -21.89 13.05
N ILE C 20 -29.06 -21.00 12.08
CA ILE C 20 -29.37 -19.60 12.31
C ILE C 20 -30.59 -19.27 11.48
N THR C 21 -31.64 -18.84 12.17
CA THR C 21 -32.90 -18.55 11.53
C THR C 21 -33.32 -17.09 11.70
N ILE C 22 -33.48 -16.38 10.59
CA ILE C 22 -33.92 -14.96 10.62
C ILE C 22 -35.39 -15.03 10.94
N ASN C 23 -35.83 -14.35 11.96
CA ASN C 23 -37.16 -14.56 12.45
C ASN C 23 -38.02 -13.28 12.46
N ARG C 24 -38.23 -12.69 11.30
CA ARG C 24 -39.25 -11.62 11.18
C ARG C 24 -40.12 -11.90 9.98
N PRO C 25 -40.82 -13.05 10.00
CA PRO C 25 -41.60 -13.39 8.82
C PRO C 25 -42.63 -12.31 8.45
N ASP C 26 -43.17 -11.57 9.43
CA ASP C 26 -44.12 -10.48 9.15
CA ASP C 26 -44.14 -10.52 9.12
C ASP C 26 -43.52 -9.50 8.13
N ALA C 27 -42.21 -9.30 8.21
CA ALA C 27 -41.51 -8.40 7.31
C ALA C 27 -40.71 -9.16 6.27
N ARG C 28 -41.10 -10.40 5.98
CA ARG C 28 -40.37 -11.27 5.04
C ARG C 28 -38.88 -11.35 5.35
N ASN C 29 -38.59 -11.31 6.64
CA ASN C 29 -37.24 -11.49 7.15
C ASN C 29 -36.27 -10.43 6.64
N ALA C 30 -36.78 -9.20 6.44
CA ALA C 30 -35.93 -8.06 6.14
C ALA C 30 -34.95 -7.78 7.29
N VAL C 31 -33.79 -7.23 6.95
CA VAL C 31 -32.75 -6.98 7.93
C VAL C 31 -32.90 -5.57 8.51
N ASN C 32 -33.32 -5.49 9.76
CA ASN C 32 -33.25 -4.29 10.58
C ASN C 32 -32.04 -4.41 11.49
N ARG C 33 -31.92 -3.51 12.46
CA ARG C 33 -30.72 -3.54 13.29
C ARG C 33 -30.68 -4.79 14.13
N ALA C 34 -31.83 -5.17 14.66
CA ALA C 34 -31.88 -6.35 15.50
C ALA C 34 -31.42 -7.57 14.69
N VAL C 35 -31.88 -7.71 13.44
CA VAL C 35 -31.44 -8.87 12.62
C VAL C 35 -29.95 -8.79 12.30
N SER C 36 -29.47 -7.60 11.97
CA SER C 36 -28.10 -7.43 11.56
C SER C 36 -27.17 -7.80 12.71
N GLN C 37 -27.46 -7.27 13.90
CA GLN C 37 -26.68 -7.60 15.10
C GLN C 37 -26.77 -9.08 15.45
N GLY C 38 -27.99 -9.64 15.41
CA GLY C 38 -28.19 -11.06 15.68
C GLY C 38 -27.35 -11.90 14.74
N LEU C 39 -27.31 -11.52 13.46
CA LEU C 39 -26.58 -12.32 12.49
C LEU C 39 -25.07 -12.25 12.74
N ALA C 40 -24.56 -11.04 12.99
CA ALA C 40 -23.17 -10.86 13.33
C ALA C 40 -22.76 -11.67 14.57
N ALA C 41 -23.58 -11.64 15.62
CA ALA C 41 -23.26 -12.38 16.85
C ALA C 41 -23.35 -13.87 16.61
N ALA C 42 -24.23 -14.29 15.70
CA ALA C 42 -24.31 -15.72 15.38
C ALA C 42 -23.05 -16.19 14.63
N ALA C 43 -22.55 -15.37 13.72
CA ALA C 43 -21.25 -15.64 13.06
C ALA C 43 -20.12 -15.82 14.08
N ASP C 44 -20.04 -14.86 15.00
CA ASP C 44 -19.08 -14.86 16.12
C ASP C 44 -19.17 -16.14 16.95
N GLN C 45 -20.40 -16.52 17.26
CA GLN C 45 -20.58 -17.71 18.07
C GLN C 45 -20.04 -18.93 17.31
N LEU C 46 -20.39 -19.05 16.03
CA LEU C 46 -19.92 -20.15 15.17
C LEU C 46 -18.40 -20.26 15.21
N ASP C 47 -17.75 -19.13 15.00
CA ASP C 47 -16.31 -19.08 14.80
C ASP C 47 -15.52 -19.24 16.09
N SER C 48 -16.12 -18.89 17.23
CA SER C 48 -15.39 -18.95 18.51
C SER C 48 -15.63 -20.26 19.27
N SER C 49 -16.60 -21.07 18.83
CA SER C 49 -16.97 -22.27 19.59
C SER C 49 -16.36 -23.52 18.95
N ALA C 50 -15.44 -24.15 19.66
CA ALA C 50 -14.65 -25.25 19.10
C ALA C 50 -15.52 -26.45 18.69
N ASP C 51 -16.62 -26.69 19.40
CA ASP C 51 -17.53 -27.78 19.09
C ASP C 51 -18.51 -27.41 17.95
N LEU C 52 -18.34 -26.28 17.27
CA LEU C 52 -19.13 -26.03 16.04
C LEU C 52 -18.21 -26.11 14.84
N SER C 53 -18.71 -26.67 13.74
CA SER C 53 -17.91 -26.80 12.50
C SER C 53 -18.52 -26.05 11.30
N VAL C 54 -19.84 -25.94 11.26
CA VAL C 54 -20.54 -25.42 10.10
C VAL C 54 -21.82 -24.70 10.59
N ALA C 55 -22.30 -23.72 9.83
CA ALA C 55 -23.64 -23.15 10.10
C ALA C 55 -24.54 -23.29 8.89
N ILE C 56 -25.81 -23.20 9.17
CA ILE C 56 -26.85 -23.02 8.18
C ILE C 56 -27.60 -21.75 8.54
N ILE C 57 -27.86 -20.92 7.53
CA ILE C 57 -28.68 -19.74 7.70
C ILE C 57 -29.90 -19.91 6.82
N THR C 58 -31.06 -19.62 7.40
CA THR C 58 -32.34 -19.73 6.75
C THR C 58 -33.31 -18.70 7.31
N GLY C 59 -34.46 -18.55 6.67
CA GLY C 59 -35.51 -17.63 7.11
C GLY C 59 -36.76 -18.37 7.56
N ALA C 60 -37.38 -17.87 8.63
CA ALA C 60 -38.63 -18.41 9.12
C ALA C 60 -39.80 -18.03 8.22
N GLY C 61 -40.74 -18.97 8.07
CA GLY C 61 -42.05 -18.73 7.44
C GLY C 61 -42.03 -18.79 5.91
N GLY C 62 -41.04 -19.47 5.32
CA GLY C 62 -41.06 -19.74 3.90
C GLY C 62 -40.37 -18.77 2.95
N ASN C 63 -39.71 -17.72 3.48
N ASN C 63 -39.67 -17.76 3.48
CA ASN C 63 -38.77 -16.98 2.65
CA ASN C 63 -38.78 -16.95 2.65
C ASN C 63 -37.46 -16.75 3.39
C ASN C 63 -37.51 -16.53 3.39
N PHE C 64 -36.41 -16.46 2.64
CA PHE C 64 -35.07 -16.29 3.19
C PHE C 64 -34.83 -14.93 3.79
N CYS C 65 -34.88 -13.89 2.96
CA CYS C 65 -34.59 -12.55 3.43
C CYS C 65 -34.98 -11.54 2.35
N ALA C 66 -35.80 -10.54 2.70
CA ALA C 66 -36.20 -9.49 1.73
C ALA C 66 -35.12 -8.40 1.54
N GLY C 67 -33.95 -8.56 2.18
CA GLY C 67 -32.92 -7.52 2.11
C GLY C 67 -33.09 -6.46 3.19
N MET C 68 -32.49 -5.29 2.96
CA MET C 68 -32.54 -4.19 3.93
C MET C 68 -33.98 -3.83 4.32
N ASP C 69 -34.27 -3.75 5.62
CA ASP C 69 -35.59 -3.31 6.02
C ASP C 69 -35.70 -1.80 5.80
N LEU C 70 -36.46 -1.39 4.79
CA LEU C 70 -36.55 0.02 4.38
C LEU C 70 -37.15 0.90 5.47
N LYS C 71 -38.25 0.46 6.08
CA LYS C 71 -38.86 1.21 7.19
C LYS C 71 -37.81 1.52 8.25
N ALA C 72 -37.01 0.50 8.60
CA ALA C 72 -35.93 0.67 9.58
C ALA C 72 -34.86 1.67 9.13
N PHE C 73 -34.39 1.57 7.90
CA PHE C 73 -33.35 2.50 7.44
C PHE C 73 -33.84 3.95 7.48
N VAL C 74 -35.00 4.17 6.88
CA VAL C 74 -35.65 5.48 6.81
C VAL C 74 -35.77 6.15 8.18
N SER C 75 -36.23 5.41 9.17
CA SER C 75 -36.43 5.93 10.53
C SER C 75 -35.13 6.22 11.32
N GLY C 76 -33.98 5.76 10.81
CA GLY C 76 -32.69 6.07 11.43
C GLY C 76 -31.96 4.92 12.08
N GLU C 77 -32.50 3.70 12.04
CA GLU C 77 -31.81 2.58 12.69
C GLU C 77 -30.44 2.42 12.04
N ALA C 78 -29.42 2.23 12.84
CA ALA C 78 -28.09 1.90 12.32
C ALA C 78 -28.04 0.42 11.96
N VAL C 79 -28.51 0.09 10.77
CA VAL C 79 -28.72 -1.30 10.39
C VAL C 79 -27.42 -2.07 10.19
N LEU C 80 -26.42 -1.43 9.61
CA LEU C 80 -25.18 -2.13 9.34
C LEU C 80 -24.44 -2.48 10.65
N SER C 81 -24.10 -3.75 10.81
CA SER C 81 -23.23 -4.20 11.89
C SER C 81 -21.77 -4.08 11.48
N GLU C 82 -20.88 -4.38 12.41
CA GLU C 82 -19.43 -4.56 12.16
C GLU C 82 -19.08 -5.45 10.95
N ARG C 83 -19.95 -6.39 10.60
CA ARG C 83 -19.71 -7.29 9.49
C ARG C 83 -20.57 -6.94 8.23
N GLY C 84 -21.18 -5.73 8.21
CA GLY C 84 -22.07 -5.30 7.11
C GLY C 84 -23.57 -5.53 7.35
N LEU C 85 -24.28 -5.99 6.32
CA LEU C 85 -25.70 -6.29 6.43
C LEU C 85 -25.80 -7.72 6.96
N GLY C 86 -25.98 -7.85 8.29
CA GLY C 86 -25.66 -9.08 9.00
C GLY C 86 -24.17 -9.33 8.96
N PHE C 87 -23.73 -10.18 8.02
CA PHE C 87 -22.30 -10.46 7.85
C PHE C 87 -21.84 -10.46 6.39
N THR C 88 -22.54 -9.68 5.54
CA THR C 88 -22.17 -9.58 4.12
C THR C 88 -20.73 -9.16 3.86
N ASN C 89 -20.24 -8.13 4.54
CA ASN C 89 -18.89 -7.62 4.29
C ASN C 89 -17.76 -8.43 4.96
N VAL C 90 -18.04 -9.03 6.12
CA VAL C 90 -17.12 -9.94 6.78
C VAL C 90 -17.90 -11.19 7.21
N PRO C 91 -18.03 -12.14 6.30
CA PRO C 91 -18.72 -13.41 6.60
C PRO C 91 -17.95 -14.25 7.62
N PRO C 92 -18.61 -15.30 8.15
CA PRO C 92 -17.95 -16.23 9.05
C PRO C 92 -16.71 -16.87 8.45
N ARG C 93 -15.74 -17.20 9.28
CA ARG C 93 -14.58 -17.99 8.89
C ARG C 93 -14.96 -19.43 8.57
N LYS C 94 -15.77 -20.06 9.43
CA LYS C 94 -16.19 -21.45 9.17
C LYS C 94 -17.26 -21.51 8.06
N PRO C 95 -17.41 -22.68 7.43
CA PRO C 95 -18.33 -22.86 6.32
C PRO C 95 -19.77 -22.58 6.72
N ILE C 96 -20.51 -21.91 5.85
CA ILE C 96 -21.91 -21.60 6.09
C ILE C 96 -22.71 -21.81 4.84
N ILE C 97 -23.84 -22.51 5.00
CA ILE C 97 -24.76 -22.88 3.95
C ILE C 97 -26.03 -22.04 4.05
N ALA C 98 -26.45 -21.46 2.92
CA ALA C 98 -27.71 -20.71 2.88
C ALA C 98 -28.80 -21.71 2.49
N ALA C 99 -29.85 -21.81 3.30
CA ALA C 99 -31.00 -22.67 2.98
C ALA C 99 -32.15 -21.75 2.60
N VAL C 100 -32.35 -21.61 1.29
CA VAL C 100 -33.14 -20.52 0.70
C VAL C 100 -34.47 -21.00 0.16
N GLU C 101 -35.55 -20.39 0.67
CA GLU C 101 -36.90 -20.59 0.15
C GLU C 101 -37.47 -19.23 -0.27
N GLY C 102 -38.40 -19.22 -1.23
CA GLY C 102 -39.18 -18.01 -1.53
C GLY C 102 -38.34 -16.73 -1.81
N PHE C 103 -38.86 -15.60 -1.34
CA PHE C 103 -38.30 -14.29 -1.64
C PHE C 103 -36.89 -14.14 -1.04
N ALA C 104 -35.93 -13.81 -1.90
CA ALA C 104 -34.52 -13.69 -1.51
C ALA C 104 -33.84 -12.57 -2.29
N LEU C 105 -34.56 -11.48 -2.51
CA LEU C 105 -34.08 -10.41 -3.38
C LEU C 105 -33.14 -9.45 -2.70
N ALA C 106 -32.32 -8.81 -3.53
CA ALA C 106 -31.56 -7.63 -3.16
C ALA C 106 -30.58 -7.93 -2.04
N GLY C 107 -30.73 -7.26 -0.89
CA GLY C 107 -29.93 -7.60 0.27
C GLY C 107 -29.95 -9.08 0.61
N GLY C 108 -31.11 -9.74 0.47
CA GLY C 108 -31.14 -11.20 0.69
C GLY C 108 -30.18 -11.97 -0.23
N THR C 109 -30.14 -11.58 -1.51
CA THR C 109 -29.27 -12.26 -2.47
C THR C 109 -27.82 -12.06 -2.10
N GLU C 110 -27.49 -10.84 -1.66
CA GLU C 110 -26.11 -10.55 -1.26
C GLU C 110 -25.77 -11.34 0.02
N LEU C 111 -26.73 -11.49 0.92
CA LEU C 111 -26.49 -12.34 2.09
C LEU C 111 -26.20 -13.78 1.65
N VAL C 112 -27.01 -14.31 0.72
CA VAL C 112 -26.75 -15.62 0.16
C VAL C 112 -25.32 -15.74 -0.42
N LEU C 113 -24.94 -14.78 -1.27
CA LEU C 113 -23.58 -14.74 -1.88
C LEU C 113 -22.47 -14.64 -0.86
N SER C 114 -22.74 -14.11 0.35
CA SER C 114 -21.75 -14.15 1.42
C SER C 114 -21.52 -15.57 2.03
N CYS C 115 -22.41 -16.52 1.77
CA CYS C 115 -22.24 -17.89 2.19
C CYS C 115 -21.42 -18.69 1.17
N ASP C 116 -21.05 -19.92 1.49
CA ASP C 116 -20.15 -20.70 0.67
C ASP C 116 -20.89 -21.71 -0.19
N LEU C 117 -22.04 -22.17 0.30
CA LEU C 117 -22.87 -23.16 -0.37
C LEU C 117 -24.34 -22.73 -0.31
N VAL C 118 -25.12 -23.13 -1.31
CA VAL C 118 -26.55 -22.75 -1.39
C VAL C 118 -27.42 -24.02 -1.64
N VAL C 119 -28.42 -24.21 -0.81
CA VAL C 119 -29.47 -25.20 -1.05
C VAL C 119 -30.76 -24.37 -1.16
N ALA C 120 -31.54 -24.60 -2.21
CA ALA C 120 -32.71 -23.78 -2.51
C ALA C 120 -33.91 -24.54 -3.06
N GLY C 121 -35.08 -24.11 -2.60
CA GLY C 121 -36.30 -24.50 -3.24
C GLY C 121 -36.32 -23.91 -4.63
N ARG C 122 -36.82 -24.69 -5.58
CA ARG C 122 -36.80 -24.33 -7.00
C ARG C 122 -37.47 -23.00 -7.34
N SER C 123 -38.48 -22.59 -6.58
CA SER C 123 -39.15 -21.30 -6.82
C SER C 123 -38.50 -20.14 -6.06
N ALA C 124 -37.38 -20.38 -5.39
CA ALA C 124 -36.68 -19.32 -4.70
C ALA C 124 -36.29 -18.22 -5.71
N LYS C 125 -36.45 -16.95 -5.31
CA LYS C 125 -36.27 -15.78 -6.18
C LYS C 125 -35.14 -14.87 -5.69
N PHE C 126 -34.11 -14.75 -6.52
CA PHE C 126 -32.94 -13.91 -6.28
C PHE C 126 -32.93 -12.72 -7.22
N GLY C 127 -32.05 -11.75 -6.95
CA GLY C 127 -31.95 -10.57 -7.81
C GLY C 127 -31.08 -9.47 -7.24
N ILE C 128 -30.54 -8.62 -8.10
CA ILE C 128 -29.78 -7.44 -7.70
C ILE C 128 -30.40 -6.26 -8.41
N PRO C 129 -31.52 -5.75 -7.86
CA PRO C 129 -32.31 -4.81 -8.63
C PRO C 129 -31.94 -3.33 -8.44
N GLU C 130 -30.86 -3.05 -7.73
CA GLU C 130 -30.52 -1.65 -7.39
C GLU C 130 -30.53 -0.70 -8.58
N VAL C 131 -29.98 -1.12 -9.73
CA VAL C 131 -29.89 -0.24 -10.89
C VAL C 131 -31.26 0.31 -11.30
N LYS C 132 -32.32 -0.45 -11.09
CA LYS C 132 -33.66 0.02 -11.41
C LYS C 132 -34.06 1.33 -10.68
N ARG C 133 -33.51 1.59 -9.51
CA ARG C 133 -33.77 2.84 -8.79
C ARG C 133 -32.63 3.85 -8.92
N GLY C 134 -31.70 3.59 -9.83
CA GLY C 134 -30.53 4.43 -9.99
C GLY C 134 -29.50 4.24 -8.89
N LEU C 135 -29.56 3.09 -8.23
CA LEU C 135 -28.58 2.72 -7.23
C LEU C 135 -27.67 1.58 -7.71
N VAL C 136 -26.61 1.30 -6.95
CA VAL C 136 -25.72 0.17 -7.22
C VAL C 136 -25.73 -0.70 -5.98
N ALA C 137 -25.74 -2.03 -6.16
CA ALA C 137 -25.71 -2.96 -5.03
C ALA C 137 -24.35 -2.86 -4.34
N GLY C 138 -24.36 -2.64 -3.03
CA GLY C 138 -23.14 -2.41 -2.26
C GLY C 138 -22.80 -3.41 -1.14
N ALA C 139 -23.51 -4.54 -1.06
CA ALA C 139 -23.24 -5.48 0.02
C ALA C 139 -22.47 -6.71 -0.46
N GLY C 140 -21.69 -6.55 -1.52
CA GLY C 140 -20.87 -7.62 -2.06
C GLY C 140 -21.39 -8.40 -3.27
N GLY C 141 -22.63 -8.20 -3.66
CA GLY C 141 -23.17 -8.94 -4.80
C GLY C 141 -22.31 -8.76 -6.05
N LEU C 142 -21.84 -7.55 -6.30
CA LEU C 142 -21.06 -7.28 -7.50
C LEU C 142 -19.62 -7.81 -7.41
N LEU C 143 -19.16 -8.06 -6.20
CA LEU C 143 -17.82 -8.60 -5.98
C LEU C 143 -17.85 -10.12 -6.06
N ARG C 144 -19.02 -10.71 -5.95
CA ARG C 144 -19.08 -12.14 -5.74
C ARG C 144 -19.86 -12.86 -6.80
N LEU C 145 -21.00 -12.32 -7.22
CA LEU C 145 -21.80 -13.04 -8.27
C LEU C 145 -21.01 -13.42 -9.55
N PRO C 146 -20.14 -12.52 -10.03
CA PRO C 146 -19.37 -12.90 -11.21
C PRO C 146 -18.36 -14.04 -11.00
N ASN C 147 -18.09 -14.44 -9.77
CA ASN C 147 -17.19 -15.59 -9.55
C ASN C 147 -17.95 -16.85 -9.23
N ARG C 148 -19.29 -16.78 -9.09
CA ARG C 148 -20.11 -17.95 -8.81
C ARG C 148 -20.85 -18.54 -10.03
N ILE C 149 -21.15 -17.68 -11.00
CA ILE C 149 -21.84 -18.06 -12.23
C ILE C 149 -21.06 -17.42 -13.36
N PRO C 150 -21.39 -17.75 -14.63
CA PRO C 150 -20.55 -17.16 -15.68
C PRO C 150 -20.58 -15.63 -15.70
N TYR C 151 -19.41 -15.05 -15.97
CA TYR C 151 -19.18 -13.60 -15.95
C TYR C 151 -20.24 -12.82 -16.65
N GLN C 152 -20.53 -13.17 -17.91
CA GLN C 152 -21.48 -12.39 -18.70
C GLN C 152 -22.92 -12.52 -18.20
N VAL C 153 -23.26 -13.65 -17.61
CA VAL C 153 -24.60 -13.81 -17.01
C VAL C 153 -24.73 -12.96 -15.74
N ALA C 154 -23.66 -12.95 -14.94
CA ALA C 154 -23.64 -12.08 -13.78
C ALA C 154 -23.73 -10.64 -14.20
N MET C 155 -22.92 -10.27 -15.19
CA MET C 155 -22.94 -8.89 -15.70
C MET C 155 -24.37 -8.52 -16.13
N GLU C 156 -25.01 -9.42 -16.85
CA GLU C 156 -26.36 -9.16 -17.38
C GLU C 156 -27.35 -8.88 -16.24
N LEU C 157 -27.37 -9.79 -15.26
CA LEU C 157 -28.30 -9.69 -14.16
C LEU C 157 -28.05 -8.41 -13.36
N ALA C 158 -26.79 -8.03 -13.26
CA ALA C 158 -26.39 -6.83 -12.53
C ALA C 158 -26.87 -5.59 -13.26
N LEU C 159 -26.82 -5.63 -14.60
CA LEU C 159 -27.18 -4.49 -15.41
C LEU C 159 -28.70 -4.36 -15.62
N THR C 160 -29.40 -5.50 -15.66
CA THR C 160 -30.86 -5.47 -15.89
C THR C 160 -31.60 -5.31 -14.57
N GLY C 161 -31.02 -5.82 -13.48
CA GLY C 161 -31.72 -5.90 -12.22
C GLY C 161 -32.79 -7.01 -12.18
N GLU C 162 -32.76 -7.93 -13.14
CA GLU C 162 -33.86 -8.87 -13.34
C GLU C 162 -33.80 -9.98 -12.27
N SER C 163 -34.94 -10.33 -11.69
CA SER C 163 -35.02 -11.44 -10.74
CA SER C 163 -34.97 -11.44 -10.73
C SER C 163 -34.71 -12.75 -11.46
N PHE C 164 -34.16 -13.72 -10.74
CA PHE C 164 -33.99 -15.07 -11.29
C PHE C 164 -34.28 -16.14 -10.22
N THR C 165 -34.87 -17.25 -10.63
CA THR C 165 -35.18 -18.35 -9.72
C THR C 165 -33.99 -19.32 -9.50
N ALA C 166 -34.04 -20.04 -8.38
CA ALA C 166 -33.07 -21.11 -8.12
C ALA C 166 -33.04 -22.09 -9.29
N GLU C 167 -34.23 -22.42 -9.80
CA GLU C 167 -34.41 -23.30 -10.99
C GLU C 167 -33.59 -22.79 -12.18
N ASP C 168 -33.73 -21.49 -12.48
CA ASP C 168 -32.94 -20.84 -13.54
C ASP C 168 -31.45 -20.94 -13.22
N ALA C 169 -31.07 -20.62 -11.99
CA ALA C 169 -29.65 -20.49 -11.62
C ALA C 169 -28.91 -21.82 -11.47
N ALA C 170 -29.62 -22.93 -11.26
CA ALA C 170 -28.98 -24.22 -11.02
C ALA C 170 -28.00 -24.68 -12.12
N LYS C 171 -28.30 -24.34 -13.36
CA LYS C 171 -27.42 -24.68 -14.49
C LYS C 171 -26.00 -24.08 -14.32
N TYR C 172 -25.89 -23.01 -13.53
CA TYR C 172 -24.61 -22.28 -13.39
C TYR C 172 -23.74 -22.62 -12.19
N GLY C 173 -24.13 -23.62 -11.42
CA GLY C 173 -23.36 -23.98 -10.24
C GLY C 173 -23.61 -23.05 -9.06
N PHE C 174 -24.69 -22.27 -9.09
CA PHE C 174 -25.03 -21.34 -7.96
C PHE C 174 -25.88 -22.06 -6.93
N ILE C 175 -26.41 -23.22 -7.28
CA ILE C 175 -27.27 -23.97 -6.41
C ILE C 175 -26.68 -25.37 -6.25
N ASN C 176 -26.12 -25.64 -5.07
CA ASN C 176 -25.54 -26.94 -4.78
C ASN C 176 -26.60 -28.02 -4.62
N ARG C 177 -27.77 -27.67 -4.07
CA ARG C 177 -28.89 -28.59 -4.05
C ARG C 177 -30.15 -27.83 -4.42
N LEU C 178 -30.73 -28.20 -5.57
CA LEU C 178 -32.04 -27.70 -6.00
C LEU C 178 -33.11 -28.69 -5.57
N VAL C 179 -34.05 -28.24 -4.74
CA VAL C 179 -35.02 -29.15 -4.17
C VAL C 179 -36.40 -28.54 -4.29
N ASP C 180 -37.42 -29.35 -4.03
CA ASP C 180 -38.79 -28.82 -4.04
C ASP C 180 -38.93 -27.77 -2.98
N ASP C 181 -39.85 -26.85 -3.21
CA ASP C 181 -40.15 -25.81 -2.23
C ASP C 181 -40.54 -26.44 -0.92
N GLY C 182 -40.06 -25.88 0.19
CA GLY C 182 -40.24 -26.50 1.53
C GLY C 182 -39.12 -27.42 2.01
N GLN C 183 -38.28 -27.94 1.12
CA GLN C 183 -37.25 -28.92 1.49
C GLN C 183 -35.85 -28.37 1.73
N ALA C 184 -35.68 -27.07 1.58
CA ALA C 184 -34.35 -26.46 1.66
C ALA C 184 -33.65 -26.73 2.98
N LEU C 185 -34.31 -26.45 4.09
CA LEU C 185 -33.68 -26.71 5.40
C LEU C 185 -33.29 -28.18 5.62
N ASP C 186 -34.22 -29.09 5.36
CA ASP C 186 -33.92 -30.52 5.57
C ASP C 186 -32.68 -30.95 4.78
N THR C 187 -32.60 -30.50 3.53
CA THR C 187 -31.52 -30.87 2.64
C THR C 187 -30.24 -30.18 3.05
N ALA C 188 -30.33 -28.92 3.45
CA ALA C 188 -29.15 -28.22 3.95
C ALA C 188 -28.55 -28.93 5.17
N LEU C 189 -29.41 -29.47 6.02
CA LEU C 189 -28.93 -30.17 7.22
C LEU C 189 -28.16 -31.45 6.85
N GLU C 190 -28.64 -32.16 5.84
CA GLU C 190 -27.95 -33.34 5.34
C GLU C 190 -26.59 -32.97 4.73
N LEU C 191 -26.55 -31.90 3.95
CA LEU C 191 -25.28 -31.45 3.40
C LEU C 191 -24.32 -31.03 4.52
N ALA C 192 -24.85 -30.32 5.53
CA ALA C 192 -24.04 -29.85 6.66
C ALA C 192 -23.44 -31.03 7.38
N ALA C 193 -24.23 -32.10 7.57
CA ALA C 193 -23.73 -33.33 8.21
C ALA C 193 -22.63 -34.00 7.41
N LYS C 194 -22.69 -33.91 6.09
CA LYS C 194 -21.60 -34.43 5.28
C LYS C 194 -20.31 -33.65 5.50
N ILE C 195 -20.43 -32.36 5.82
CA ILE C 195 -19.25 -31.56 6.12
C ILE C 195 -18.76 -31.77 7.57
N THR C 196 -19.68 -31.84 8.53
CA THR C 196 -19.29 -31.99 9.96
C THR C 196 -18.71 -33.34 10.26
N ALA C 197 -18.93 -34.30 9.36
CA ALA C 197 -18.26 -35.58 9.43
C ALA C 197 -16.74 -35.44 9.34
N ASN C 198 -16.25 -34.32 8.82
CA ASN C 198 -14.84 -34.12 8.57
C ASN C 198 -14.19 -33.18 9.59
N GLY C 199 -12.86 -33.16 9.63
CA GLY C 199 -12.11 -32.41 10.65
C GLY C 199 -12.53 -30.96 10.71
N PRO C 200 -12.96 -30.46 11.88
CA PRO C 200 -13.40 -29.07 11.94
C PRO C 200 -12.38 -28.06 11.45
N LEU C 201 -11.14 -28.20 11.91
CA LEU C 201 -10.05 -27.31 11.53
C LEU C 201 -9.69 -27.47 10.04
N ALA C 202 -9.83 -28.69 9.52
CA ALA C 202 -9.49 -28.98 8.11
C ALA C 202 -10.51 -28.35 7.16
N VAL C 203 -11.80 -28.45 7.50
CA VAL C 203 -12.81 -27.81 6.67
C VAL C 203 -12.69 -26.27 6.72
N ALA C 204 -12.43 -25.69 7.87
CA ALA C 204 -12.26 -24.22 7.96
C ALA C 204 -11.03 -23.75 7.15
N ALA C 205 -9.93 -24.49 7.22
CA ALA C 205 -8.70 -24.11 6.52
C ALA C 205 -8.86 -24.30 5.03
N THR C 206 -9.62 -25.33 4.64
CA THR C 206 -9.91 -25.59 3.24
C THR C 206 -10.68 -24.41 2.69
N LYS C 207 -11.67 -23.94 3.44
CA LYS C 207 -12.44 -22.77 2.97
C LYS C 207 -11.55 -21.55 2.85
N ARG C 208 -10.70 -21.34 3.83
CA ARG C 208 -9.86 -20.16 3.87
C ARG C 208 -8.92 -20.15 2.64
N ILE C 209 -8.32 -21.29 2.30
CA ILE C 209 -7.38 -21.33 1.16
C ILE C 209 -8.11 -21.02 -0.13
N ILE C 210 -9.25 -21.65 -0.32
CA ILE C 210 -10.11 -21.36 -1.46
C ILE C 210 -10.44 -19.86 -1.56
N ILE C 211 -10.81 -19.21 -0.48
CA ILE C 211 -11.14 -17.79 -0.60
C ILE C 211 -9.89 -16.97 -0.83
N GLU C 212 -8.93 -17.09 0.06
CA GLU C 212 -7.76 -16.20 0.03
C GLU C 212 -6.83 -16.45 -1.16
N SER C 213 -6.80 -17.68 -1.69
CA SER C 213 -5.92 -17.98 -2.84
C SER C 213 -6.18 -17.08 -4.04
N ALA C 214 -7.42 -16.61 -4.19
CA ALA C 214 -7.78 -15.68 -5.26
C ALA C 214 -6.87 -14.44 -5.32
N SER C 215 -6.30 -14.04 -4.18
CA SER C 215 -5.50 -12.83 -4.10
C SER C 215 -3.98 -13.06 -3.89
N TRP C 216 -3.48 -14.29 -4.04
CA TRP C 216 -2.03 -14.56 -3.88
C TRP C 216 -1.28 -14.47 -5.18
N ALA C 217 -0.12 -13.84 -5.14
CA ALA C 217 0.82 -13.91 -6.25
C ALA C 217 1.23 -15.38 -6.45
N PRO C 218 1.31 -15.84 -7.70
CA PRO C 218 1.62 -17.24 -7.98
C PRO C 218 2.88 -17.76 -7.35
N GLU C 219 3.92 -16.96 -7.34
CA GLU C 219 5.20 -17.40 -6.81
C GLU C 219 5.16 -17.53 -5.27
N GLU C 220 4.14 -16.96 -4.63
CA GLU C 220 3.97 -17.10 -3.18
C GLU C 220 2.84 -18.03 -2.76
N ALA C 221 2.06 -18.56 -3.72
CA ALA C 221 0.79 -19.21 -3.37
C ALA C 221 0.99 -20.44 -2.53
N PHE C 222 2.00 -21.24 -2.86
CA PHE C 222 2.29 -22.45 -2.10
C PHE C 222 2.85 -22.19 -0.71
N ALA C 223 3.72 -21.19 -0.58
CA ALA C 223 4.21 -20.78 0.73
C ALA C 223 3.05 -20.27 1.61
N LYS C 224 2.13 -19.46 1.06
CA LYS C 224 1.01 -18.91 1.86
C LYS C 224 0.06 -20.01 2.31
N GLN C 225 -0.27 -20.92 1.38
CA GLN C 225 -1.01 -22.14 1.69
C GLN C 225 -0.28 -22.91 2.77
N GLY C 226 1.04 -23.08 2.62
CA GLY C 226 1.88 -23.76 3.60
C GLY C 226 1.68 -23.27 5.03
N GLU C 227 1.59 -21.94 5.20
CA GLU C 227 1.33 -21.31 6.51
C GLU C 227 0.00 -21.74 7.14
N ILE C 228 -1.05 -21.74 6.35
CA ILE C 228 -2.35 -22.18 6.83
C ILE C 228 -2.36 -23.69 7.09
N LEU C 229 -1.55 -24.44 6.35
CA LEU C 229 -1.49 -25.90 6.50
C LEU C 229 -0.74 -26.38 7.73
N MET C 230 0.24 -25.60 8.21
CA MET C 230 1.14 -26.09 9.28
C MET C 230 0.39 -26.48 10.56
N PRO C 231 -0.52 -25.62 11.06
CA PRO C 231 -1.38 -25.92 12.23
C PRO C 231 -2.26 -27.17 12.06
N ILE C 232 -2.67 -27.47 10.82
CA ILE C 232 -3.44 -28.66 10.55
C ILE C 232 -2.59 -29.90 10.72
N PHE C 233 -1.39 -29.93 10.16
CA PHE C 233 -0.57 -31.15 10.20
C PHE C 233 -0.28 -31.62 11.62
N VAL C 234 -0.06 -30.69 12.51
CA VAL C 234 0.31 -31.04 13.88
C VAL C 234 -0.90 -31.07 14.84
N SER C 235 -2.12 -30.90 14.32
CA SER C 235 -3.32 -30.83 15.15
C SER C 235 -3.65 -32.19 15.75
N GLU C 236 -4.39 -32.18 16.86
CA GLU C 236 -4.81 -33.41 17.49
CA GLU C 236 -4.78 -33.44 17.47
C GLU C 236 -5.80 -34.12 16.57
N ASP C 237 -6.71 -33.36 15.98
CA ASP C 237 -7.66 -33.93 15.02
C ASP C 237 -6.92 -34.68 13.89
N ALA C 238 -5.82 -34.15 13.39
CA ALA C 238 -5.03 -34.87 12.39
C ALA C 238 -4.70 -36.31 12.85
N LYS C 239 -4.17 -36.46 14.07
CA LYS C 239 -3.94 -37.79 14.65
C LYS C 239 -5.22 -38.64 14.70
N GLU C 240 -6.26 -38.09 15.33
CA GLU C 240 -7.54 -38.78 15.46
C GLU C 240 -8.11 -39.25 14.11
N GLY C 241 -7.96 -38.39 13.09
CA GLY C 241 -8.49 -38.68 11.75
C GLY C 241 -7.87 -39.92 11.14
N ALA C 242 -6.55 -40.06 11.32
CA ALA C 242 -5.79 -41.21 10.80
C ALA C 242 -6.11 -42.51 11.58
N LYS C 243 -6.29 -42.39 12.89
CA LYS C 243 -6.56 -43.56 13.74
C LYS C 243 -8.03 -44.03 13.53
N ALA C 244 -8.98 -43.09 13.45
CA ALA C 244 -10.41 -43.41 13.16
C ALA C 244 -10.56 -44.08 11.79
N PHE C 245 -9.85 -43.55 10.80
CA PHE C 245 -9.83 -44.14 9.44
C PHE C 245 -9.28 -45.54 9.48
N ALA C 246 -8.08 -45.67 10.04
CA ALA C 246 -7.43 -46.95 10.23
C ALA C 246 -8.39 -47.98 10.84
N GLU C 247 -9.06 -47.60 11.92
CA GLU C 247 -9.97 -48.50 12.63
C GLU C 247 -11.36 -48.62 11.96
N LYS C 248 -11.65 -47.75 10.99
CA LYS C 248 -12.95 -47.70 10.29
C LYS C 248 -14.10 -47.37 11.24
N ARG C 249 -13.83 -46.45 12.15
CA ARG C 249 -14.81 -45.96 13.10
C ARG C 249 -14.97 -44.46 12.91
N ALA C 250 -16.16 -43.96 13.27
CA ALA C 250 -16.43 -42.52 13.29
C ALA C 250 -15.30 -41.79 14.03
N PRO C 251 -14.62 -40.82 13.37
CA PRO C 251 -13.63 -40.05 14.12
C PRO C 251 -14.36 -39.18 15.15
N VAL C 252 -13.77 -38.98 16.34
CA VAL C 252 -14.33 -38.04 17.31
C VAL C 252 -13.48 -36.75 17.32
N TRP C 253 -13.97 -35.73 16.62
CA TRP C 253 -13.22 -34.50 16.49
C TRP C 253 -13.31 -33.62 17.71
N GLN C 254 -12.28 -32.77 17.88
CA GLN C 254 -12.19 -31.83 18.98
C GLN C 254 -12.04 -30.36 18.61
N GLY C 255 -11.66 -30.03 17.38
CA GLY C 255 -11.43 -28.62 17.03
C GLY C 255 -10.09 -28.08 17.52
N LYS C 256 -9.09 -28.98 17.55
CA LYS C 256 -7.71 -28.66 17.88
C LYS C 256 -6.86 -29.87 17.49
N ASP D 7 53.24 23.51 1.37
CA ASP D 7 52.47 22.34 1.90
C ASP D 7 50.98 22.66 2.13
N GLU D 8 50.11 21.98 1.40
CA GLU D 8 48.74 22.46 1.18
C GLU D 8 47.72 22.09 2.27
N VAL D 9 47.98 21.03 3.02
CA VAL D 9 47.23 20.75 4.23
C VAL D 9 48.18 20.58 5.39
N LEU D 10 48.20 21.56 6.29
CA LEU D 10 49.04 21.48 7.49
C LEU D 10 48.35 20.65 8.56
N ILE D 11 49.17 19.84 9.22
CA ILE D 11 48.71 18.92 10.28
C ILE D 11 49.57 19.12 11.52
N GLU D 12 48.90 19.20 12.67
CA GLU D 12 49.60 19.51 13.92
C GLU D 12 48.89 18.88 15.08
N GLN D 13 49.63 18.12 15.89
CA GLN D 13 49.07 17.56 17.14
C GLN D 13 49.37 18.45 18.34
N ARG D 14 48.32 18.73 19.13
CA ARG D 14 48.45 19.41 20.41
C ARG D 14 47.76 18.56 21.48
N ASP D 15 48.54 17.67 22.07
CA ASP D 15 48.05 16.67 23.02
C ASP D 15 47.07 15.73 22.29
N ARG D 16 45.79 15.71 22.69
CA ARG D 16 44.82 14.81 22.07
C ARG D 16 43.99 15.51 21.00
N VAL D 17 44.41 16.70 20.58
CA VAL D 17 43.72 17.45 19.54
C VAL D 17 44.56 17.43 18.25
N LEU D 18 43.94 17.04 17.13
CA LEU D 18 44.56 17.16 15.80
C LEU D 18 44.11 18.43 15.08
N LEU D 19 45.05 19.34 14.83
CA LEU D 19 44.74 20.60 14.17
C LEU D 19 45.09 20.51 12.70
N ILE D 20 44.07 20.73 11.87
CA ILE D 20 44.15 20.52 10.43
C ILE D 20 43.85 21.84 9.73
N THR D 21 44.85 22.35 9.01
CA THR D 21 44.73 23.64 8.35
C THR D 21 44.86 23.52 6.84
N ILE D 22 43.80 23.86 6.13
CA ILE D 22 43.87 23.97 4.68
C ILE D 22 44.82 25.16 4.43
N ASN D 23 45.80 24.96 3.55
CA ASN D 23 46.86 25.96 3.38
C ASN D 23 47.10 26.39 1.92
N ARG D 24 46.04 26.91 1.29
CA ARG D 24 46.15 27.61 0.01
C ARG D 24 45.51 28.98 0.15
N PRO D 25 46.08 29.84 1.00
CA PRO D 25 45.45 31.12 1.29
C PRO D 25 45.20 31.96 0.03
N ASP D 26 46.11 31.92 -0.93
CA ASP D 26 45.96 32.74 -2.15
C ASP D 26 44.81 32.27 -3.04
N ALA D 27 44.38 31.01 -2.88
CA ALA D 27 43.18 30.50 -3.56
C ALA D 27 41.95 30.41 -2.62
N ARG D 28 42.01 31.13 -1.50
CA ARG D 28 40.97 31.05 -0.46
C ARG D 28 40.62 29.60 -0.08
N ASN D 29 41.69 28.79 0.00
CA ASN D 29 41.64 27.41 0.47
C ASN D 29 40.70 26.50 -0.31
N ALA D 30 40.58 26.77 -1.60
CA ALA D 30 39.76 25.96 -2.49
C ALA D 30 40.32 24.52 -2.53
N VAL D 31 39.43 23.56 -2.72
CA VAL D 31 39.80 22.13 -2.70
C VAL D 31 40.31 21.65 -4.05
N ASN D 32 41.63 21.47 -4.14
CA ASN D 32 42.24 20.81 -5.29
C ASN D 32 42.59 19.36 -4.91
N ARG D 33 43.28 18.65 -5.78
CA ARG D 33 43.65 17.24 -5.55
C ARG D 33 44.44 17.09 -4.25
N ALA D 34 45.52 17.86 -4.15
CA ALA D 34 46.39 17.84 -2.97
C ALA D 34 45.64 18.13 -1.67
N VAL D 35 44.71 19.08 -1.69
CA VAL D 35 43.94 19.40 -0.49
C VAL D 35 42.92 18.30 -0.18
N SER D 36 42.20 17.84 -1.18
CA SER D 36 41.25 16.76 -0.98
C SER D 36 41.92 15.55 -0.35
N GLN D 37 43.00 15.06 -0.98
CA GLN D 37 43.65 13.85 -0.51
C GLN D 37 44.28 14.07 0.87
N GLY D 38 44.86 15.25 1.08
CA GLY D 38 45.42 15.60 2.38
C GLY D 38 44.39 15.61 3.51
N LEU D 39 43.19 16.11 3.25
CA LEU D 39 42.14 16.12 4.30
C LEU D 39 41.71 14.67 4.62
N ALA D 40 41.65 13.83 3.59
CA ALA D 40 41.29 12.41 3.76
C ALA D 40 42.33 11.68 4.62
N ALA D 41 43.61 11.98 4.39
CA ALA D 41 44.70 11.40 5.19
C ALA D 41 44.65 11.93 6.63
N ALA D 42 44.30 13.21 6.78
CA ALA D 42 44.11 13.79 8.11
C ALA D 42 43.04 13.03 8.91
N ALA D 43 41.88 12.82 8.27
CA ALA D 43 40.80 12.04 8.88
C ALA D 43 41.21 10.61 9.20
N ASP D 44 42.01 9.99 8.34
CA ASP D 44 42.56 8.64 8.63
C ASP D 44 43.44 8.63 9.86
N GLN D 45 44.23 9.70 10.02
CA GLN D 45 45.19 9.82 11.12
C GLN D 45 44.45 10.05 12.43
N LEU D 46 43.45 10.92 12.41
CA LEU D 46 42.61 11.16 13.58
C LEU D 46 42.06 9.84 14.09
N ASP D 47 41.43 9.12 13.18
CA ASP D 47 40.72 7.90 13.52
C ASP D 47 41.61 6.71 13.82
N SER D 48 42.87 6.74 13.39
CA SER D 48 43.79 5.62 13.63
C SER D 48 44.81 5.87 14.76
N SER D 49 44.80 7.05 15.36
CA SER D 49 45.76 7.35 16.43
C SER D 49 45.06 7.38 17.79
N ALA D 50 45.33 6.39 18.63
CA ALA D 50 44.70 6.25 19.96
C ALA D 50 44.91 7.50 20.83
N ASP D 51 46.08 8.10 20.74
CA ASP D 51 46.39 9.30 21.52
C ASP D 51 45.71 10.59 21.03
N LEU D 52 44.84 10.50 20.02
CA LEU D 52 44.03 11.66 19.56
C LEU D 52 42.55 11.41 19.81
N SER D 53 41.83 12.43 20.29
CA SER D 53 40.41 12.31 20.63
C SER D 53 39.47 13.16 19.75
N VAL D 54 39.97 14.29 19.25
CA VAL D 54 39.16 15.23 18.49
C VAL D 54 40.06 15.95 17.50
N ALA D 55 39.49 16.42 16.41
CA ALA D 55 40.18 17.22 15.41
C ALA D 55 39.52 18.60 15.27
N ILE D 56 40.32 19.56 14.85
CA ILE D 56 39.80 20.85 14.37
C ILE D 56 40.24 21.04 12.93
N ILE D 57 39.33 21.47 12.07
CA ILE D 57 39.69 21.88 10.73
C ILE D 57 39.50 23.41 10.58
N THR D 58 40.47 24.08 9.97
CA THR D 58 40.41 25.53 9.76
C THR D 58 41.23 25.87 8.52
N GLY D 59 41.08 27.09 8.02
CA GLY D 59 41.81 27.53 6.81
C GLY D 59 42.81 28.60 7.15
N ALA D 60 43.89 28.66 6.39
CA ALA D 60 44.92 29.66 6.60
C ALA D 60 44.44 30.98 6.06
N GLY D 61 44.88 32.07 6.67
CA GLY D 61 44.67 33.41 6.14
C GLY D 61 43.26 33.99 6.23
N GLY D 62 42.44 33.53 7.17
CA GLY D 62 41.16 34.22 7.46
C GLY D 62 39.99 33.77 6.61
N ASN D 63 40.20 32.80 5.72
CA ASN D 63 39.11 32.08 5.05
C ASN D 63 39.17 30.58 5.35
N PHE D 64 38.02 29.93 5.28
CA PHE D 64 37.95 28.51 5.63
C PHE D 64 38.20 27.69 4.39
N CYS D 65 37.34 27.89 3.39
CA CYS D 65 37.39 27.09 2.17
C CYS D 65 36.39 27.60 1.14
N ALA D 66 36.89 27.97 -0.04
CA ALA D 66 36.06 28.57 -1.10
C ALA D 66 35.29 27.52 -1.92
N GLY D 67 35.60 26.26 -1.69
CA GLY D 67 34.87 25.17 -2.29
C GLY D 67 35.81 24.37 -3.15
N MET D 68 35.25 23.66 -4.12
CA MET D 68 36.08 22.96 -5.07
C MET D 68 36.87 23.97 -5.89
N ASP D 69 38.16 23.70 -6.07
CA ASP D 69 38.96 24.51 -6.97
C ASP D 69 38.50 24.24 -8.41
N LEU D 70 37.77 25.21 -8.98
CA LEU D 70 37.15 25.06 -10.30
C LEU D 70 38.21 24.98 -11.42
N LYS D 71 39.27 25.78 -11.29
CA LYS D 71 40.37 25.77 -12.24
C LYS D 71 41.09 24.42 -12.26
N ALA D 72 41.33 23.85 -11.08
CA ALA D 72 41.95 22.54 -10.99
C ALA D 72 41.01 21.45 -11.53
N PHE D 73 39.71 21.58 -11.27
CA PHE D 73 38.73 20.62 -11.79
C PHE D 73 38.66 20.65 -13.31
N VAL D 74 38.64 21.86 -13.87
CA VAL D 74 38.59 22.08 -15.30
C VAL D 74 39.85 21.57 -16.00
N SER D 75 41.02 21.75 -15.38
CA SER D 75 42.28 21.21 -15.94
C SER D 75 42.42 19.69 -15.81
N GLY D 76 41.40 19.02 -15.25
CA GLY D 76 41.38 17.58 -15.17
C GLY D 76 42.02 17.00 -13.92
N GLU D 77 41.99 17.74 -12.80
CA GLU D 77 42.59 17.22 -11.56
C GLU D 77 41.69 16.21 -10.86
N ALA D 78 42.32 15.20 -10.26
CA ALA D 78 41.64 14.18 -9.44
C ALA D 78 41.24 14.76 -8.08
N VAL D 79 40.15 15.53 -8.08
CA VAL D 79 39.77 16.34 -6.92
C VAL D 79 39.04 15.58 -5.81
N LEU D 80 38.38 14.47 -6.14
CA LEU D 80 37.72 13.67 -5.11
C LEU D 80 38.65 12.57 -4.56
N SER D 81 38.59 12.36 -3.24
CA SER D 81 39.39 11.35 -2.54
C SER D 81 38.53 10.13 -2.21
N GLU D 82 39.09 9.16 -1.47
CA GLU D 82 38.33 7.99 -1.02
C GLU D 82 37.23 8.38 -0.03
N ARG D 83 37.34 9.58 0.53
CA ARG D 83 36.30 10.11 1.42
C ARG D 83 35.50 11.29 0.82
N GLY D 84 35.63 11.56 -0.48
CA GLY D 84 34.84 12.62 -1.15
C GLY D 84 35.61 13.93 -1.33
N LEU D 85 34.90 15.05 -1.23
CA LEU D 85 35.57 16.33 -1.26
C LEU D 85 36.29 16.41 0.10
N GLY D 86 37.57 16.05 0.10
CA GLY D 86 38.28 15.78 1.36
C GLY D 86 37.61 14.61 2.04
N PHE D 87 36.81 14.88 3.07
CA PHE D 87 36.09 13.83 3.79
C PHE D 87 34.55 14.00 3.83
N THR D 88 34.00 14.77 2.89
CA THR D 88 32.55 15.07 2.87
C THR D 88 31.75 13.79 2.88
N ASN D 89 32.20 12.82 2.09
CA ASN D 89 31.42 11.60 1.87
C ASN D 89 31.59 10.55 2.94
N VAL D 90 32.76 10.49 3.58
CA VAL D 90 33.01 9.55 4.68
C VAL D 90 33.71 10.37 5.78
N PRO D 91 32.90 11.04 6.62
CA PRO D 91 33.48 11.86 7.67
C PRO D 91 34.27 11.04 8.68
N PRO D 92 35.15 11.70 9.45
CA PRO D 92 35.85 11.06 10.57
C PRO D 92 34.85 10.39 11.50
N ARG D 93 35.28 9.30 12.11
CA ARG D 93 34.52 8.64 13.16
C ARG D 93 34.61 9.45 14.44
N LYS D 94 35.81 9.93 14.81
CA LYS D 94 35.99 10.72 16.01
C LYS D 94 35.47 12.17 15.80
N PRO D 95 35.11 12.87 16.88
CA PRO D 95 34.50 14.20 16.70
C PRO D 95 35.42 15.19 15.98
N ILE D 96 34.86 16.04 15.14
CA ILE D 96 35.62 17.07 14.45
C ILE D 96 34.89 18.42 14.45
N ILE D 97 35.64 19.46 14.77
CA ILE D 97 35.10 20.81 14.92
C ILE D 97 35.60 21.65 13.75
N ALA D 98 34.71 22.40 13.11
CA ALA D 98 35.10 23.34 12.07
C ALA D 98 35.27 24.71 12.73
N ALA D 99 36.44 25.31 12.55
CA ALA D 99 36.71 26.65 13.04
C ALA D 99 36.66 27.53 11.80
N VAL D 100 35.55 28.25 11.65
CA VAL D 100 35.24 28.91 10.38
C VAL D 100 35.43 30.45 10.45
N GLU D 101 36.27 30.95 9.54
CA GLU D 101 36.42 32.38 9.28
C GLU D 101 36.18 32.71 7.81
N GLY D 102 35.65 33.92 7.57
CA GLY D 102 35.46 34.47 6.23
C GLY D 102 34.70 33.55 5.30
N PHE D 103 35.29 33.34 4.13
CA PHE D 103 34.62 32.68 3.01
C PHE D 103 34.53 31.15 3.23
N ALA D 104 33.31 30.61 3.32
CA ALA D 104 33.10 29.16 3.47
C ALA D 104 32.02 28.66 2.53
N LEU D 105 32.13 29.03 1.27
CA LEU D 105 31.06 28.73 0.30
C LEU D 105 31.11 27.35 -0.31
N ALA D 106 29.90 26.85 -0.60
CA ALA D 106 29.71 25.72 -1.49
C ALA D 106 30.35 24.44 -0.94
N GLY D 107 31.34 23.90 -1.63
CA GLY D 107 32.09 22.74 -1.14
C GLY D 107 32.66 23.02 0.24
N GLY D 108 33.00 24.30 0.47
CA GLY D 108 33.37 24.76 1.81
C GLY D 108 32.25 24.54 2.81
N THR D 109 31.04 24.98 2.45
CA THR D 109 29.88 24.76 3.30
C THR D 109 29.59 23.25 3.47
N GLU D 110 29.83 22.46 2.44
CA GLU D 110 29.54 21.03 2.59
C GLU D 110 30.58 20.33 3.50
N LEU D 111 31.82 20.80 3.49
CA LEU D 111 32.88 20.27 4.38
C LEU D 111 32.54 20.60 5.82
N VAL D 112 32.10 21.84 6.06
CA VAL D 112 31.62 22.25 7.38
C VAL D 112 30.51 21.28 7.85
N LEU D 113 29.56 20.99 6.97
CA LEU D 113 28.41 20.13 7.31
C LEU D 113 28.81 18.70 7.57
N SER D 114 29.95 18.30 7.02
CA SER D 114 30.51 16.99 7.29
C SER D 114 31.16 16.91 8.69
N CYS D 115 31.29 18.05 9.38
CA CYS D 115 31.81 18.10 10.78
C CYS D 115 30.66 18.02 11.80
N ASP D 116 31.00 17.85 13.07
CA ASP D 116 30.02 17.67 14.13
C ASP D 116 29.63 18.98 14.83
N LEU D 117 30.60 19.88 14.95
CA LEU D 117 30.42 21.14 15.65
C LEU D 117 31.06 22.28 14.82
N VAL D 118 30.53 23.50 14.98
CA VAL D 118 30.95 24.65 14.18
C VAL D 118 31.20 25.88 15.07
N VAL D 119 32.39 26.44 15.00
CA VAL D 119 32.72 27.70 15.68
C VAL D 119 32.99 28.66 14.52
N ALA D 120 32.31 29.81 14.50
CA ALA D 120 32.45 30.69 13.32
C ALA D 120 32.55 32.17 13.64
N GLY D 121 33.48 32.87 12.98
CA GLY D 121 33.52 34.32 13.00
C GLY D 121 32.15 34.80 12.52
N ARG D 122 31.62 35.83 13.15
CA ARG D 122 30.27 36.30 12.83
C ARG D 122 30.05 36.73 11.36
N SER D 123 31.12 37.15 10.65
CA SER D 123 31.06 37.50 9.22
C SER D 123 31.32 36.31 8.28
N ALA D 124 31.57 35.13 8.84
CA ALA D 124 31.76 33.93 8.03
C ALA D 124 30.61 33.76 7.04
N LYS D 125 30.95 33.51 5.77
CA LYS D 125 29.91 33.34 4.70
C LYS D 125 29.77 31.89 4.27
N PHE D 126 28.55 31.39 4.38
CA PHE D 126 28.18 30.06 3.94
C PHE D 126 27.23 30.15 2.72
N GLY D 127 27.09 29.02 2.02
CA GLY D 127 26.04 28.85 1.05
C GLY D 127 26.17 27.59 0.23
N ILE D 128 25.07 27.27 -0.47
CA ILE D 128 25.03 26.23 -1.50
C ILE D 128 24.60 26.87 -2.82
N PRO D 129 25.52 27.56 -3.52
CA PRO D 129 25.17 28.36 -4.70
C PRO D 129 24.92 27.57 -6.00
N GLU D 130 25.13 26.24 -5.98
CA GLU D 130 25.13 25.44 -7.21
C GLU D 130 23.98 25.66 -8.20
N VAL D 131 22.74 25.82 -7.70
CA VAL D 131 21.61 25.98 -8.59
C VAL D 131 21.70 27.23 -9.47
N LYS D 132 22.44 28.25 -9.02
CA LYS D 132 22.60 29.46 -9.79
C LYS D 132 23.52 29.21 -11.00
N ARG D 133 24.40 28.21 -10.88
CA ARG D 133 25.29 27.83 -11.96
C ARG D 133 24.63 26.72 -12.80
N GLY D 134 23.38 26.38 -12.49
CA GLY D 134 22.69 25.24 -13.14
C GLY D 134 23.15 23.88 -12.64
N LEU D 135 23.73 23.83 -11.45
CA LEU D 135 24.25 22.60 -10.88
C LEU D 135 23.50 22.30 -9.60
N VAL D 136 23.84 21.16 -9.01
CA VAL D 136 23.31 20.74 -7.73
C VAL D 136 24.48 20.40 -6.80
N ALA D 137 24.39 20.72 -5.52
CA ALA D 137 25.46 20.38 -4.58
C ALA D 137 25.45 18.88 -4.33
N GLY D 138 26.53 18.21 -4.68
CA GLY D 138 26.59 16.75 -4.60
C GLY D 138 27.60 16.19 -3.60
N ALA D 139 28.01 17.02 -2.63
CA ALA D 139 28.97 16.59 -1.58
C ALA D 139 28.34 16.56 -0.17
N GLY D 140 27.02 16.34 -0.11
CA GLY D 140 26.31 16.09 1.12
C GLY D 140 25.48 17.25 1.65
N GLY D 141 25.74 18.45 1.14
CA GLY D 141 24.96 19.63 1.52
C GLY D 141 23.48 19.36 1.64
N LEU D 142 22.91 18.74 0.60
CA LEU D 142 21.48 18.53 0.51
C LEU D 142 21.00 17.37 1.39
N LEU D 143 21.93 16.48 1.73
CA LEU D 143 21.68 15.37 2.66
C LEU D 143 21.67 15.82 4.12
N ARG D 144 22.39 16.92 4.42
CA ARG D 144 22.66 17.27 5.81
C ARG D 144 22.11 18.63 6.24
N LEU D 145 22.06 19.62 5.37
CA LEU D 145 21.59 20.95 5.81
C LEU D 145 20.15 20.90 6.35
N PRO D 146 19.26 20.15 5.70
CA PRO D 146 17.88 20.14 6.23
C PRO D 146 17.73 19.45 7.58
N ASN D 147 18.74 18.69 8.03
CA ASN D 147 18.74 18.09 9.38
CA ASN D 147 18.74 18.09 9.35
C ASN D 147 19.52 18.92 10.41
N ARG D 148 20.16 20.01 9.99
CA ARG D 148 20.91 20.88 10.93
C ARG D 148 20.20 22.23 11.24
N ILE D 149 19.42 22.74 10.29
CA ILE D 149 18.62 23.93 10.48
C ILE D 149 17.19 23.61 10.04
N PRO D 150 16.23 24.51 10.29
CA PRO D 150 14.86 24.12 9.96
C PRO D 150 14.70 23.74 8.48
N TYR D 151 13.93 22.69 8.22
CA TYR D 151 13.71 22.14 6.88
C TYR D 151 13.47 23.17 5.81
N GLN D 152 12.49 24.04 5.99
CA GLN D 152 12.13 25.04 4.99
C GLN D 152 13.18 26.12 4.74
N VAL D 153 14.04 26.34 5.71
CA VAL D 153 15.13 27.28 5.54
C VAL D 153 16.23 26.62 4.71
N ALA D 154 16.54 25.36 5.03
CA ALA D 154 17.49 24.60 4.22
C ALA D 154 16.97 24.55 2.78
N MET D 155 15.70 24.23 2.63
CA MET D 155 15.07 24.13 1.32
C MET D 155 15.21 25.49 0.58
N GLU D 156 14.85 26.57 1.25
CA GLU D 156 15.02 27.89 0.64
C GLU D 156 16.44 28.16 0.18
N LEU D 157 17.43 27.87 1.01
CA LEU D 157 18.81 28.18 0.64
C LEU D 157 19.30 27.34 -0.54
N ALA D 158 18.84 26.09 -0.60
CA ALA D 158 19.24 25.17 -1.65
C ALA D 158 18.59 25.53 -2.99
N LEU D 159 17.38 26.08 -2.96
CA LEU D 159 16.67 26.49 -4.19
C LEU D 159 17.10 27.86 -4.72
N THR D 160 17.40 28.80 -3.83
CA THR D 160 17.86 30.15 -4.23
C THR D 160 19.37 30.22 -4.38
N GLY D 161 20.09 29.37 -3.65
CA GLY D 161 21.55 29.37 -3.61
C GLY D 161 22.10 30.65 -2.99
N GLU D 162 21.26 31.38 -2.26
CA GLU D 162 21.66 32.62 -1.59
C GLU D 162 22.66 32.33 -0.50
N SER D 163 23.64 33.23 -0.27
CA SER D 163 24.61 33.03 0.82
C SER D 163 23.98 33.43 2.15
N PHE D 164 24.57 32.94 3.25
CA PHE D 164 24.15 33.33 4.60
C PHE D 164 25.35 33.39 5.53
N THR D 165 25.26 34.27 6.52
CA THR D 165 26.36 34.45 7.47
C THR D 165 26.16 33.63 8.72
N ALA D 166 27.26 33.42 9.44
CA ALA D 166 27.25 32.81 10.77
C ALA D 166 26.28 33.55 11.68
N GLU D 167 26.29 34.87 11.60
CA GLU D 167 25.39 35.68 12.38
C GLU D 167 23.94 35.41 12.03
N ASP D 168 23.62 35.24 10.74
CA ASP D 168 22.24 34.88 10.36
C ASP D 168 21.83 33.51 10.91
N ALA D 169 22.78 32.57 10.91
CA ALA D 169 22.46 31.15 11.12
C ALA D 169 22.49 30.75 12.58
N ALA D 170 22.97 31.66 13.44
CA ALA D 170 23.14 31.40 14.89
C ALA D 170 21.85 30.94 15.55
N LYS D 171 20.75 31.60 15.25
CA LYS D 171 19.44 31.25 15.84
C LYS D 171 18.99 29.82 15.57
N TYR D 172 19.55 29.16 14.56
CA TYR D 172 19.08 27.82 14.16
C TYR D 172 19.99 26.68 14.66
N GLY D 173 21.00 27.00 15.45
CA GLY D 173 21.81 25.99 16.11
C GLY D 173 22.82 25.35 15.19
N PHE D 174 23.09 26.04 14.08
CA PHE D 174 24.15 25.67 13.17
C PHE D 174 25.52 26.20 13.60
N ILE D 175 25.55 27.17 14.50
CA ILE D 175 26.81 27.74 14.97
C ILE D 175 26.91 27.43 16.45
N ASN D 176 27.78 26.50 16.80
CA ASN D 176 27.91 26.19 18.23
C ASN D 176 28.48 27.37 19.03
N ARG D 177 29.49 28.03 18.48
CA ARG D 177 29.95 29.29 19.05
C ARG D 177 30.03 30.31 17.93
N LEU D 178 29.24 31.38 18.11
CA LEU D 178 29.30 32.57 17.31
C LEU D 178 30.32 33.54 17.92
N VAL D 179 31.40 33.87 17.22
CA VAL D 179 32.45 34.65 17.85
C VAL D 179 32.88 35.83 16.97
N ASP D 180 33.72 36.70 17.50
CA ASP D 180 34.25 37.80 16.74
C ASP D 180 35.11 37.25 15.62
N ASP D 181 35.11 37.95 14.49
CA ASP D 181 35.97 37.55 13.40
C ASP D 181 37.39 37.42 13.94
N GLY D 182 38.06 36.32 13.60
CA GLY D 182 39.43 36.08 14.04
C GLY D 182 39.56 35.27 15.31
N GLN D 183 38.45 35.07 16.03
CA GLN D 183 38.50 34.32 17.27
C GLN D 183 38.16 32.84 17.07
N ALA D 184 37.82 32.40 15.85
CA ALA D 184 37.28 31.03 15.67
C ALA D 184 38.24 29.93 16.12
N LEU D 185 39.49 30.00 15.69
CA LEU D 185 40.45 28.93 16.04
C LEU D 185 40.61 28.83 17.55
N ASP D 186 40.82 29.95 18.21
CA ASP D 186 41.10 29.93 19.65
C ASP D 186 39.91 29.40 20.44
N THR D 187 38.69 29.79 20.03
CA THR D 187 37.48 29.33 20.68
C THR D 187 37.30 27.83 20.44
N ALA D 188 37.56 27.38 19.21
CA ALA D 188 37.43 25.96 18.87
C ALA D 188 38.46 25.14 19.63
N LEU D 189 39.60 25.74 19.92
CA LEU D 189 40.60 25.08 20.78
C LEU D 189 40.04 24.95 22.23
N GLU D 190 39.40 26.00 22.77
CA GLU D 190 38.74 25.89 24.10
C GLU D 190 37.70 24.74 24.10
N LEU D 191 36.85 24.72 23.08
CA LEU D 191 35.81 23.71 22.98
C LEU D 191 36.36 22.28 22.83
N ALA D 192 37.41 22.13 22.03
CA ALA D 192 38.13 20.85 21.89
C ALA D 192 38.66 20.35 23.23
N ALA D 193 39.27 21.26 24.01
CA ALA D 193 39.75 20.93 25.35
C ALA D 193 38.61 20.39 26.23
N LYS D 194 37.44 21.01 26.16
CA LYS D 194 36.32 20.53 26.94
C LYS D 194 35.97 19.09 26.60
N ILE D 195 36.16 18.71 25.34
CA ILE D 195 35.79 17.36 24.87
C ILE D 195 36.88 16.34 25.12
N THR D 196 38.15 16.76 25.00
CA THR D 196 39.28 15.83 25.16
C THR D 196 39.57 15.55 26.64
N ALA D 197 38.98 16.36 27.52
CA ALA D 197 38.98 16.04 28.95
C ALA D 197 38.07 14.85 29.27
N ASN D 198 37.20 14.47 28.33
CA ASN D 198 36.29 13.36 28.54
C ASN D 198 36.81 12.09 27.87
N GLY D 199 36.25 10.94 28.26
CA GLY D 199 36.74 9.63 27.82
C GLY D 199 36.76 9.56 26.32
N PRO D 200 37.95 9.33 25.71
CA PRO D 200 38.04 9.26 24.23
C PRO D 200 37.03 8.30 23.60
N LEU D 201 36.93 7.09 24.14
CA LEU D 201 36.02 6.08 23.62
C LEU D 201 34.58 6.53 23.85
N ALA D 202 34.33 7.10 25.03
CA ALA D 202 33.00 7.58 25.41
C ALA D 202 32.49 8.66 24.45
N VAL D 203 33.35 9.61 24.09
CA VAL D 203 32.93 10.70 23.21
C VAL D 203 32.74 10.17 21.79
N ALA D 204 33.60 9.24 21.38
CA ALA D 204 33.50 8.60 20.07
C ALA D 204 32.21 7.79 19.95
N ALA D 205 31.94 6.95 20.95
CA ALA D 205 30.71 6.16 21.00
C ALA D 205 29.44 7.03 21.09
N THR D 206 29.53 8.16 21.77
CA THR D 206 28.40 9.10 21.89
C THR D 206 28.04 9.64 20.51
N LYS D 207 29.07 10.08 19.77
CA LYS D 207 28.88 10.57 18.40
C LYS D 207 28.29 9.46 17.54
N ARG D 208 28.87 8.29 17.63
CA ARG D 208 28.37 7.17 16.83
C ARG D 208 26.87 6.92 17.05
N ILE D 209 26.45 6.90 18.31
CA ILE D 209 25.06 6.62 18.62
C ILE D 209 24.17 7.70 18.04
N ILE D 210 24.58 8.95 18.18
CA ILE D 210 23.74 10.01 17.71
C ILE D 210 23.51 9.90 16.20
N ILE D 211 24.58 9.65 15.46
CA ILE D 211 24.52 9.49 14.01
C ILE D 211 23.67 8.29 13.61
N GLU D 212 23.99 7.12 14.15
CA GLU D 212 23.38 5.87 13.68
C GLU D 212 21.93 5.71 14.11
N SER D 213 21.59 6.29 15.26
CA SER D 213 20.24 6.21 15.82
C SER D 213 19.14 6.60 14.84
N ALA D 214 19.42 7.60 14.00
CA ALA D 214 18.43 8.08 13.01
C ALA D 214 18.01 6.99 12.02
N SER D 215 18.78 5.91 11.93
CA SER D 215 18.49 4.86 10.96
C SER D 215 18.13 3.53 11.62
N TRP D 216 17.66 3.56 12.88
CA TRP D 216 17.30 2.35 13.62
C TRP D 216 15.81 2.29 13.85
N ALA D 217 15.25 1.08 13.83
CA ALA D 217 13.84 0.88 14.16
C ALA D 217 13.65 1.05 15.66
N PRO D 218 12.54 1.71 16.09
CA PRO D 218 12.33 1.96 17.53
C PRO D 218 12.48 0.70 18.38
N GLU D 219 11.80 -0.36 17.97
CA GLU D 219 11.82 -1.61 18.73
C GLU D 219 13.23 -2.22 18.83
N GLU D 220 14.12 -1.86 17.90
CA GLU D 220 15.51 -2.34 17.95
C GLU D 220 16.49 -1.31 18.56
N ALA D 221 16.03 -0.08 18.83
CA ALA D 221 16.93 1.04 19.15
C ALA D 221 17.80 0.84 20.40
N PHE D 222 17.18 0.42 21.50
CA PHE D 222 17.90 0.29 22.76
C PHE D 222 18.91 -0.85 22.72
N ALA D 223 18.65 -1.82 21.84
CA ALA D 223 19.51 -2.99 21.72
C ALA D 223 20.72 -2.66 20.86
N LYS D 224 20.50 -1.97 19.76
CA LYS D 224 21.61 -1.57 18.89
C LYS D 224 22.46 -0.57 19.67
N GLN D 225 21.81 0.31 20.42
CA GLN D 225 22.54 1.21 21.32
C GLN D 225 23.40 0.42 22.30
N GLY D 226 22.80 -0.61 22.90
CA GLY D 226 23.45 -1.40 23.93
C GLY D 226 24.69 -2.12 23.44
N GLU D 227 24.70 -2.45 22.15
CA GLU D 227 25.84 -3.13 21.53
C GLU D 227 27.05 -2.20 21.50
N ILE D 228 26.80 -0.92 21.20
CA ILE D 228 27.85 0.10 21.25
C ILE D 228 28.28 0.39 22.70
N LEU D 229 27.31 0.39 23.62
CA LEU D 229 27.54 0.66 25.06
C LEU D 229 28.40 -0.38 25.74
N MET D 230 28.13 -1.65 25.45
CA MET D 230 28.74 -2.78 26.16
C MET D 230 30.25 -2.59 26.39
N PRO D 231 31.04 -2.47 25.30
CA PRO D 231 32.49 -2.34 25.49
C PRO D 231 32.90 -1.13 26.32
N ILE D 232 32.13 -0.03 26.25
CA ILE D 232 32.42 1.15 27.05
C ILE D 232 32.25 0.86 28.52
N PHE D 233 31.17 0.16 28.88
CA PHE D 233 30.89 -0.23 30.27
C PHE D 233 32.04 -1.03 30.92
N VAL D 234 32.67 -1.91 30.14
CA VAL D 234 33.75 -2.77 30.64
C VAL D 234 35.13 -2.24 30.24
N SER D 235 35.22 -0.99 29.78
CA SER D 235 36.48 -0.45 29.26
C SER D 235 37.46 -0.09 30.39
N GLU D 236 38.74 0.02 30.03
CA GLU D 236 39.76 0.39 31.01
C GLU D 236 39.62 1.87 31.38
N ASP D 237 39.36 2.72 30.39
CA ASP D 237 39.04 4.14 30.65
C ASP D 237 37.82 4.30 31.56
N ALA D 238 36.77 3.53 31.29
CA ALA D 238 35.60 3.50 32.16
C ALA D 238 35.99 3.34 33.62
N LYS D 239 36.79 2.31 33.91
CA LYS D 239 37.27 2.05 35.27
C LYS D 239 38.12 3.21 35.79
N GLU D 240 39.05 3.69 34.97
CA GLU D 240 39.91 4.83 35.35
C GLU D 240 39.10 6.11 35.61
N GLY D 241 37.91 6.22 34.98
CA GLY D 241 36.96 7.29 35.28
C GLY D 241 36.49 7.22 36.73
N ALA D 242 35.86 6.10 37.07
CA ALA D 242 35.41 5.83 38.45
C ALA D 242 36.47 6.09 39.53
N LYS D 243 37.66 5.50 39.36
CA LYS D 243 38.77 5.61 40.31
C LYS D 243 39.36 7.04 40.42
N ALA D 244 39.40 7.78 39.33
CA ALA D 244 39.86 9.19 39.35
C ALA D 244 38.85 10.12 40.01
N PHE D 245 37.54 9.83 39.87
CA PHE D 245 36.48 10.63 40.51
C PHE D 245 36.55 10.53 42.04
N ALA D 246 36.39 9.31 42.55
CA ALA D 246 36.33 9.05 43.98
C ALA D 246 37.60 9.45 44.72
N GLU D 247 38.73 9.44 44.00
CA GLU D 247 40.02 9.90 44.55
C GLU D 247 40.30 11.37 44.19
N LYS D 248 39.24 12.17 44.06
CA LYS D 248 39.32 13.61 43.80
C LYS D 248 40.52 14.02 42.94
N ARG D 249 40.83 13.23 41.92
CA ARG D 249 41.95 13.51 41.00
C ARG D 249 41.45 13.55 39.56
N ALA D 250 42.35 13.86 38.63
CA ALA D 250 42.03 13.89 37.21
C ALA D 250 42.38 12.54 36.55
N PRO D 251 41.48 12.05 35.66
CA PRO D 251 41.65 10.74 34.99
C PRO D 251 42.69 10.73 33.85
N VAL D 252 43.53 9.70 33.83
CA VAL D 252 44.57 9.53 32.81
C VAL D 252 44.05 8.61 31.70
N TRP D 253 43.42 9.18 30.67
CA TRP D 253 42.78 8.39 29.62
C TRP D 253 43.80 7.69 28.76
N GLN D 254 43.50 6.45 28.35
CA GLN D 254 44.39 5.69 27.45
C GLN D 254 43.79 5.41 26.05
N GLY D 255 42.46 5.47 25.93
CA GLY D 255 41.77 5.10 24.69
C GLY D 255 41.52 3.58 24.58
N LYS D 256 41.34 2.93 25.73
CA LYS D 256 41.10 1.49 25.78
C LYS D 256 40.25 1.18 27.02
N ALA E 6 -17.16 31.56 -12.08
CA ALA E 6 -15.66 31.46 -12.07
C ALA E 6 -15.23 30.07 -11.59
N ASP E 7 -14.22 29.51 -12.24
CA ASP E 7 -13.65 28.24 -11.84
C ASP E 7 -13.32 28.29 -10.34
N GLU E 8 -13.46 27.15 -9.66
CA GLU E 8 -13.14 27.05 -8.23
C GLU E 8 -11.61 26.99 -7.94
N VAL E 9 -10.82 26.64 -8.95
CA VAL E 9 -9.37 26.81 -8.92
C VAL E 9 -8.91 27.58 -10.18
N LEU E 10 -8.24 28.72 -9.99
CA LEU E 10 -7.73 29.52 -11.11
C LEU E 10 -6.25 29.20 -11.33
N ILE E 11 -5.86 29.10 -12.61
CA ILE E 11 -4.47 28.79 -12.99
C ILE E 11 -3.99 29.78 -14.03
N GLU E 12 -2.80 30.36 -13.83
CA GLU E 12 -2.19 31.22 -14.83
C GLU E 12 -0.65 31.12 -14.79
N GLN E 13 -0.04 31.26 -15.97
CA GLN E 13 1.40 31.18 -16.10
C GLN E 13 1.95 32.60 -16.13
N ARG E 14 2.95 32.86 -15.30
CA ARG E 14 3.76 34.08 -15.40
C ARG E 14 5.18 33.64 -15.59
N ASP E 15 5.61 33.62 -16.84
CA ASP E 15 6.94 33.17 -17.20
C ASP E 15 7.17 31.71 -16.75
N ARG E 16 7.99 31.47 -15.73
CA ARG E 16 8.32 30.10 -15.35
C ARG E 16 7.61 29.71 -14.06
N VAL E 17 6.69 30.59 -13.63
CA VAL E 17 5.90 30.42 -12.41
C VAL E 17 4.47 30.10 -12.79
N LEU E 18 3.91 29.11 -12.11
CA LEU E 18 2.50 28.77 -12.21
C LEU E 18 1.80 29.27 -10.97
N LEU E 19 0.89 30.23 -11.13
CA LEU E 19 0.13 30.76 -10.02
C LEU E 19 -1.19 30.00 -9.94
N ILE E 20 -1.42 29.39 -8.79
CA ILE E 20 -2.59 28.56 -8.57
C ILE E 20 -3.40 29.28 -7.48
N THR E 21 -4.64 29.62 -7.77
CA THR E 21 -5.47 30.35 -6.81
C THR E 21 -6.76 29.58 -6.50
N ILE E 22 -6.92 29.15 -5.25
CA ILE E 22 -8.19 28.59 -4.79
C ILE E 22 -9.22 29.71 -4.83
N ASN E 23 -10.35 29.46 -5.45
CA ASN E 23 -11.27 30.55 -5.74
C ASN E 23 -12.67 30.23 -5.23
N ARG E 24 -12.80 30.02 -3.93
CA ARG E 24 -14.14 29.94 -3.28
C ARG E 24 -14.20 30.89 -2.10
N PRO E 25 -14.04 32.18 -2.39
CA PRO E 25 -13.95 33.18 -1.32
C PRO E 25 -15.12 33.14 -0.33
N ASP E 26 -16.33 32.82 -0.81
CA ASP E 26 -17.49 32.76 0.09
C ASP E 26 -17.41 31.60 1.08
N ALA E 27 -16.71 30.52 0.70
CA ALA E 27 -16.48 29.40 1.59
C ALA E 27 -15.10 29.47 2.22
N ARG E 28 -14.49 30.66 2.17
CA ARG E 28 -13.10 30.84 2.61
C ARG E 28 -12.16 29.78 2.04
N ASN E 29 -12.39 29.47 0.76
CA ASN E 29 -11.51 28.59 -0.02
C ASN E 29 -11.41 27.18 0.53
N ALA E 30 -12.49 26.74 1.19
CA ALA E 30 -12.61 25.37 1.66
C ALA E 30 -12.48 24.42 0.48
N VAL E 31 -11.90 23.24 0.72
CA VAL E 31 -11.69 22.25 -0.33
C VAL E 31 -12.89 21.31 -0.46
N ASN E 32 -13.65 21.49 -1.53
CA ASN E 32 -14.69 20.54 -1.92
C ASN E 32 -14.13 19.69 -3.09
N ARG E 33 -14.96 18.96 -3.81
CA ARG E 33 -14.43 18.11 -4.88
C ARG E 33 -13.74 18.91 -5.99
N ALA E 34 -14.39 19.97 -6.45
CA ALA E 34 -13.88 20.76 -7.55
C ALA E 34 -12.50 21.33 -7.18
N VAL E 35 -12.34 21.84 -5.96
CA VAL E 35 -11.05 22.40 -5.58
C VAL E 35 -10.00 21.30 -5.41
N SER E 36 -10.39 20.17 -4.83
CA SER E 36 -9.44 19.08 -4.67
C SER E 36 -8.89 18.62 -6.03
N GLN E 37 -9.80 18.37 -6.97
CA GLN E 37 -9.43 17.99 -8.33
C GLN E 37 -8.66 19.10 -9.07
N GLY E 38 -9.09 20.35 -8.89
CA GLY E 38 -8.39 21.49 -9.51
C GLY E 38 -6.94 21.59 -9.08
N LEU E 39 -6.70 21.39 -7.78
CA LEU E 39 -5.32 21.49 -7.26
C LEU E 39 -4.45 20.32 -7.73
N ALA E 40 -5.03 19.12 -7.78
CA ALA E 40 -4.34 17.94 -8.25
C ALA E 40 -3.92 18.16 -9.69
N ALA E 41 -4.84 18.69 -10.50
CA ALA E 41 -4.54 18.97 -11.91
C ALA E 41 -3.48 20.07 -12.04
N ALA E 42 -3.46 21.04 -11.13
CA ALA E 42 -2.46 22.11 -11.18
C ALA E 42 -1.06 21.53 -10.89
N ALA E 43 -1.00 20.64 -9.89
CA ALA E 43 0.23 19.91 -9.58
C ALA E 43 0.72 19.12 -10.80
N ASP E 44 -0.19 18.41 -11.48
CA ASP E 44 0.14 17.64 -12.69
C ASP E 44 0.69 18.55 -13.78
N GLN E 45 0.06 19.70 -13.93
CA GLN E 45 0.44 20.65 -14.94
C GLN E 45 1.81 21.28 -14.65
N LEU E 46 2.05 21.68 -13.40
CA LEU E 46 3.37 22.16 -12.98
C LEU E 46 4.45 21.14 -13.36
N ASP E 47 4.24 19.90 -12.94
CA ASP E 47 5.26 18.86 -13.07
C ASP E 47 5.50 18.38 -14.49
N SER E 48 4.48 18.44 -15.35
CA SER E 48 4.60 17.95 -16.72
C SER E 48 5.02 19.02 -17.76
N SER E 49 4.92 20.30 -17.42
CA SER E 49 5.28 21.37 -18.35
C SER E 49 6.73 21.77 -18.14
N ALA E 50 7.56 21.48 -19.16
CA ALA E 50 9.00 21.76 -19.09
C ALA E 50 9.34 23.25 -19.04
N ASP E 51 8.42 24.12 -19.48
CA ASP E 51 8.61 25.59 -19.36
C ASP E 51 8.24 26.19 -17.97
N LEU E 52 7.85 25.35 -17.01
CA LEU E 52 7.54 25.81 -15.65
C LEU E 52 8.59 25.32 -14.63
N SER E 53 8.96 26.17 -13.69
CA SER E 53 9.98 25.78 -12.70
C SER E 53 9.41 25.68 -11.31
N VAL E 54 8.45 26.57 -11.00
CA VAL E 54 8.01 26.78 -9.63
C VAL E 54 6.52 27.15 -9.64
N ALA E 55 5.80 26.76 -8.58
CA ALA E 55 4.42 27.21 -8.39
C ALA E 55 4.28 28.06 -7.13
N ILE E 56 3.27 28.93 -7.15
CA ILE E 56 2.80 29.61 -5.97
C ILE E 56 1.33 29.23 -5.80
N ILE E 57 0.93 28.83 -4.59
CA ILE E 57 -0.48 28.61 -4.28
C ILE E 57 -0.96 29.68 -3.28
N THR E 58 -2.14 30.23 -3.55
CA THR E 58 -2.75 31.26 -2.71
C THR E 58 -4.27 31.16 -2.79
N GLY E 59 -4.94 32.01 -2.02
CA GLY E 59 -6.38 31.96 -1.93
C GLY E 59 -6.95 33.32 -2.24
N ALA E 60 -8.10 33.33 -2.88
CA ALA E 60 -8.74 34.58 -3.26
C ALA E 60 -9.45 35.14 -2.04
N GLY E 61 -9.60 36.46 -1.96
CA GLY E 61 -10.41 37.11 -0.91
C GLY E 61 -9.77 37.23 0.46
N GLY E 62 -8.45 37.23 0.52
CA GLY E 62 -7.73 37.42 1.79
C GLY E 62 -7.69 36.23 2.75
N ASN E 63 -8.14 35.04 2.32
CA ASN E 63 -7.92 33.82 3.09
C ASN E 63 -7.22 32.75 2.24
N PHE E 64 -6.36 31.94 2.84
CA PHE E 64 -5.67 30.89 2.10
C PHE E 64 -6.62 29.73 1.84
N CYS E 65 -7.13 29.11 2.90
CA CYS E 65 -7.91 27.87 2.82
C CYS E 65 -8.41 27.44 4.20
N ALA E 66 -9.72 27.26 4.34
CA ALA E 66 -10.31 26.82 5.60
C ALA E 66 -10.26 25.29 5.77
N GLY E 67 -9.61 24.58 4.85
CA GLY E 67 -9.54 23.12 4.95
C GLY E 67 -10.70 22.43 4.25
N MET E 68 -10.98 21.18 4.59
CA MET E 68 -12.04 20.43 3.89
C MET E 68 -13.38 21.12 4.06
N ASP E 69 -14.14 21.13 2.97
CA ASP E 69 -15.48 21.73 2.99
C ASP E 69 -16.41 20.70 3.66
N LEU E 70 -16.90 21.09 4.84
CA LEU E 70 -17.76 20.26 5.69
C LEU E 70 -19.07 19.91 5.04
N LYS E 71 -19.75 20.89 4.42
CA LYS E 71 -21.03 20.63 3.69
C LYS E 71 -20.82 19.58 2.59
N ALA E 72 -19.79 19.80 1.76
CA ALA E 72 -19.41 18.86 0.72
C ALA E 72 -19.18 17.45 1.27
N PHE E 73 -18.38 17.35 2.33
CA PHE E 73 -18.05 16.05 2.89
C PHE E 73 -19.33 15.35 3.31
N VAL E 74 -20.12 16.05 4.13
CA VAL E 74 -21.42 15.57 4.61
C VAL E 74 -22.41 15.23 3.49
N SER E 75 -22.43 16.03 2.42
CA SER E 75 -23.32 15.75 1.28
C SER E 75 -22.80 14.60 0.39
N GLY E 76 -21.57 14.13 0.66
CA GLY E 76 -21.05 12.91 0.03
C GLY E 76 -20.12 13.12 -1.14
N GLU E 77 -19.63 14.34 -1.35
CA GLU E 77 -18.70 14.61 -2.45
C GLU E 77 -17.42 13.81 -2.20
N ALA E 78 -16.80 13.34 -3.28
CA ALA E 78 -15.53 12.67 -3.18
C ALA E 78 -14.48 13.78 -3.14
N VAL E 79 -14.19 14.25 -1.93
CA VAL E 79 -13.31 15.40 -1.76
C VAL E 79 -11.85 14.99 -1.90
N LEU E 80 -11.52 13.73 -1.63
CA LEU E 80 -10.13 13.30 -1.78
C LEU E 80 -9.84 12.95 -3.25
N SER E 81 -8.85 13.61 -3.83
CA SER E 81 -8.39 13.31 -5.19
C SER E 81 -7.33 12.22 -5.11
N GLU E 82 -6.78 11.82 -6.25
CA GLU E 82 -5.67 10.86 -6.27
C GLU E 82 -4.41 11.35 -5.50
N ARG E 83 -4.32 12.66 -5.24
CA ARG E 83 -3.20 13.21 -4.47
C ARG E 83 -3.54 13.59 -3.01
N GLY E 84 -4.72 13.24 -2.52
CA GLY E 84 -5.14 13.58 -1.14
C GLY E 84 -6.14 14.73 -1.10
N LEU E 85 -5.98 15.62 -0.15
CA LEU E 85 -6.80 16.82 -0.08
C LEU E 85 -6.11 17.87 -0.94
N GLY E 86 -6.59 17.99 -2.18
CA GLY E 86 -5.86 18.60 -3.25
C GLY E 86 -4.63 17.76 -3.52
N PHE E 87 -3.48 18.20 -3.02
CA PHE E 87 -2.26 17.40 -3.19
C PHE E 87 -1.52 17.11 -1.89
N THR E 88 -2.24 17.11 -0.76
CA THR E 88 -1.61 16.86 0.53
C THR E 88 -0.83 15.54 0.56
N ASN E 89 -1.42 14.48 0.02
CA ASN E 89 -0.81 13.17 0.13
C ASN E 89 0.35 12.92 -0.84
N VAL E 90 0.28 13.52 -2.02
CA VAL E 90 1.33 13.39 -3.04
C VAL E 90 1.57 14.81 -3.57
N PRO E 91 2.41 15.58 -2.90
CA PRO E 91 2.69 16.94 -3.36
C PRO E 91 3.42 17.00 -4.71
N PRO E 92 3.47 18.18 -5.35
CA PRO E 92 4.15 18.29 -6.62
C PRO E 92 5.63 17.96 -6.48
N ARG E 93 6.26 17.53 -7.57
CA ARG E 93 7.69 17.21 -7.58
C ARG E 93 8.49 18.51 -7.62
N LYS E 94 7.99 19.49 -8.36
CA LYS E 94 8.69 20.76 -8.49
C LYS E 94 8.38 21.68 -7.30
N PRO E 95 9.23 22.68 -7.03
CA PRO E 95 9.03 23.55 -5.85
C PRO E 95 7.72 24.31 -5.86
N ILE E 96 7.08 24.42 -4.71
CA ILE E 96 5.85 25.18 -4.61
C ILE E 96 5.84 25.98 -3.32
N ILE E 97 5.42 27.22 -3.44
CA ILE E 97 5.42 28.17 -2.37
C ILE E 97 3.98 28.48 -1.99
N ALA E 98 3.68 28.45 -0.70
CA ALA E 98 2.37 28.86 -0.23
C ALA E 98 2.42 30.34 0.14
N ALA E 99 1.52 31.11 -0.44
CA ALA E 99 1.41 32.53 -0.12
C ALA E 99 0.14 32.69 0.68
N VAL E 100 0.33 32.77 2.01
CA VAL E 100 -0.75 32.59 2.96
C VAL E 100 -1.19 33.89 3.58
N GLU E 101 -2.48 34.17 3.50
CA GLU E 101 -3.13 35.26 4.22
C GLU E 101 -4.30 34.70 5.03
N GLY E 102 -4.68 35.41 6.09
CA GLY E 102 -5.91 35.14 6.81
C GLY E 102 -6.01 33.70 7.28
N PHE E 103 -7.20 33.13 7.15
CA PHE E 103 -7.54 31.86 7.76
C PHE E 103 -6.87 30.75 6.96
N ALA E 104 -6.07 29.90 7.62
CA ALA E 104 -5.43 28.76 6.98
C ALA E 104 -5.43 27.54 7.90
N LEU E 105 -6.57 27.31 8.53
CA LEU E 105 -6.68 26.31 9.57
C LEU E 105 -6.90 24.91 8.99
N ALA E 106 -6.42 23.93 9.74
CA ALA E 106 -6.81 22.52 9.62
C ALA E 106 -6.26 21.94 8.31
N GLY E 107 -7.15 21.56 7.39
CA GLY E 107 -6.71 21.08 6.09
C GLY E 107 -5.86 22.12 5.40
N GLY E 108 -6.20 23.40 5.60
CA GLY E 108 -5.43 24.47 5.01
C GLY E 108 -3.98 24.50 5.47
N THR E 109 -3.78 24.29 6.77
CA THR E 109 -2.43 24.17 7.34
C THR E 109 -1.74 22.93 6.80
N GLU E 110 -2.48 21.84 6.66
CA GLU E 110 -1.91 20.62 6.12
C GLU E 110 -1.54 20.81 4.64
N LEU E 111 -2.35 21.59 3.93
CA LEU E 111 -2.04 21.93 2.54
C LEU E 111 -0.78 22.79 2.51
N VAL E 112 -0.71 23.75 3.41
CA VAL E 112 0.50 24.59 3.52
C VAL E 112 1.73 23.70 3.79
N LEU E 113 1.57 22.72 4.67
CA LEU E 113 2.67 21.80 5.04
C LEU E 113 3.09 20.89 3.90
N SER E 114 2.25 20.73 2.88
CA SER E 114 2.67 19.93 1.74
C SER E 114 3.53 20.73 0.74
N CYS E 115 3.64 22.04 0.93
CA CYS E 115 4.47 22.90 0.08
C CYS E 115 5.89 22.95 0.66
N ASP E 116 6.81 23.59 -0.06
CA ASP E 116 8.23 23.60 0.33
C ASP E 116 8.64 24.88 1.05
N LEU E 117 7.88 25.95 0.84
CA LEU E 117 8.24 27.28 1.32
C LEU E 117 6.95 28.04 1.59
N VAL E 118 7.00 28.90 2.59
CA VAL E 118 5.83 29.61 3.04
C VAL E 118 6.13 31.09 3.16
N VAL E 119 5.28 31.89 2.51
CA VAL E 119 5.33 33.32 2.62
C VAL E 119 4.00 33.68 3.28
N ALA E 120 4.04 34.41 4.39
CA ALA E 120 2.78 34.69 5.07
C ALA E 120 2.63 36.08 5.64
N GLY E 121 1.40 36.59 5.52
CA GLY E 121 1.00 37.76 6.24
C GLY E 121 1.01 37.45 7.73
N ARG E 122 1.54 38.43 8.46
CA ARG E 122 1.61 38.49 9.90
C ARG E 122 0.45 37.85 10.67
N SER E 123 -0.77 38.21 10.27
CA SER E 123 -1.99 37.75 10.95
C SER E 123 -2.45 36.36 10.56
N ALA E 124 -1.81 35.77 9.55
CA ALA E 124 -2.30 34.48 9.05
C ALA E 124 -2.41 33.47 10.19
N LYS E 125 -3.47 32.66 10.21
CA LYS E 125 -3.76 31.77 11.32
C LYS E 125 -3.68 30.32 10.84
N PHE E 126 -2.84 29.55 11.52
CA PHE E 126 -2.67 28.12 11.26
C PHE E 126 -3.20 27.31 12.44
N GLY E 127 -3.41 26.00 12.22
CA GLY E 127 -3.83 25.12 13.30
C GLY E 127 -4.17 23.72 12.82
N ILE E 128 -4.06 22.76 13.72
CA ILE E 128 -4.47 21.39 13.51
C ILE E 128 -5.45 21.13 14.66
N PRO E 129 -6.73 21.51 14.51
CA PRO E 129 -7.62 21.49 15.66
C PRO E 129 -8.47 20.22 15.82
N GLU E 130 -8.18 19.16 15.06
CA GLU E 130 -9.03 17.95 15.02
C GLU E 130 -9.29 17.32 16.37
N VAL E 131 -8.26 17.26 17.23
CA VAL E 131 -8.44 16.69 18.57
C VAL E 131 -9.59 17.36 19.34
N LYS E 132 -9.90 18.62 19.06
CA LYS E 132 -11.03 19.28 19.72
C LYS E 132 -12.37 18.63 19.40
N ARG E 133 -12.48 17.98 18.25
CA ARG E 133 -13.68 17.22 17.91
C ARG E 133 -13.52 15.72 18.11
N GLY E 134 -12.45 15.31 18.79
CA GLY E 134 -12.21 13.89 19.00
C GLY E 134 -11.82 13.19 17.70
N LEU E 135 -11.23 13.96 16.80
CA LEU E 135 -10.66 13.43 15.59
C LEU E 135 -9.16 13.64 15.59
N VAL E 136 -8.48 13.00 14.65
CA VAL E 136 -7.05 13.18 14.45
C VAL E 136 -6.82 13.71 13.04
N ALA E 137 -5.87 14.64 12.89
CA ALA E 137 -5.51 15.18 11.56
C ALA E 137 -4.93 14.08 10.67
N GLY E 138 -5.52 13.91 9.48
CA GLY E 138 -5.12 12.83 8.57
C GLY E 138 -4.55 13.21 7.21
N ALA E 139 -4.35 14.51 6.93
CA ALA E 139 -3.80 14.91 5.62
C ALA E 139 -2.32 15.26 5.71
N GLY E 140 -1.64 14.72 6.72
CA GLY E 140 -0.18 14.81 6.78
C GLY E 140 0.40 15.78 7.77
N GLY E 141 -0.45 16.54 8.46
CA GLY E 141 0.02 17.57 9.38
C GLY E 141 0.90 16.96 10.46
N LEU E 142 0.48 15.79 10.95
CA LEU E 142 1.19 15.08 12.01
C LEU E 142 2.50 14.45 11.51
N LEU E 143 2.58 14.16 10.22
CA LEU E 143 3.79 13.60 9.61
C LEU E 143 4.81 14.69 9.32
N ARG E 144 4.36 15.94 9.19
CA ARG E 144 5.24 16.99 8.68
C ARG E 144 5.53 18.13 9.66
N LEU E 145 4.51 18.61 10.37
CA LEU E 145 4.74 19.69 11.35
C LEU E 145 5.92 19.37 12.32
N PRO E 146 5.98 18.14 12.87
CA PRO E 146 7.08 17.88 13.80
C PRO E 146 8.46 17.90 13.20
N ASN E 147 8.54 17.91 11.87
CA ASN E 147 9.81 17.95 11.21
C ASN E 147 10.15 19.34 10.67
N ARG E 148 9.23 20.30 10.82
CA ARG E 148 9.39 21.66 10.28
C ARG E 148 9.66 22.71 11.38
N ILE E 149 9.02 22.52 12.52
CA ILE E 149 9.27 23.28 13.71
C ILE E 149 9.77 22.32 14.78
N PRO E 150 10.26 22.84 15.93
CA PRO E 150 10.73 21.93 16.97
C PRO E 150 9.68 20.94 17.42
N TYR E 151 10.10 19.69 17.56
CA TYR E 151 9.20 18.59 17.86
C TYR E 151 8.20 18.86 18.98
N GLN E 152 8.65 19.45 20.08
CA GLN E 152 7.76 19.58 21.25
C GLN E 152 6.71 20.71 21.05
N VAL E 153 6.99 21.64 20.15
CA VAL E 153 6.06 22.71 19.82
C VAL E 153 5.01 22.14 18.90
N ALA E 154 5.44 21.32 17.96
CA ALA E 154 4.49 20.66 17.06
C ALA E 154 3.56 19.76 17.88
N MET E 155 4.16 19.02 18.81
CA MET E 155 3.40 18.09 19.67
C MET E 155 2.32 18.89 20.44
N GLU E 156 2.77 19.97 21.07
CA GLU E 156 1.91 20.85 21.80
C GLU E 156 0.74 21.28 20.90
N LEU E 157 1.07 21.83 19.74
CA LEU E 157 0.01 22.40 18.88
C LEU E 157 -0.94 21.29 18.42
N ALA E 158 -0.39 20.12 18.13
CA ALA E 158 -1.23 18.98 17.76
C ALA E 158 -2.11 18.52 18.92
N LEU E 159 -1.62 18.62 20.15
CA LEU E 159 -2.36 18.11 21.30
C LEU E 159 -3.40 19.09 21.89
N THR E 160 -3.11 20.39 21.81
CA THR E 160 -4.04 21.41 22.27
C THR E 160 -5.02 21.77 21.17
N GLY E 161 -4.57 21.65 19.93
CA GLY E 161 -5.35 22.09 18.78
C GLY E 161 -5.44 23.61 18.64
N GLU E 162 -4.58 24.31 19.36
CA GLU E 162 -4.66 25.76 19.36
C GLU E 162 -4.23 26.32 18.04
N SER E 163 -4.86 27.42 17.64
CA SER E 163 -4.43 28.14 16.46
CA SER E 163 -4.43 28.14 16.45
C SER E 163 -3.13 28.89 16.75
N PHE E 164 -2.33 29.13 15.71
CA PHE E 164 -1.13 29.96 15.84
C PHE E 164 -0.93 30.80 14.60
N THR E 165 -0.37 32.00 14.78
CA THR E 165 -0.14 32.93 13.69
C THR E 165 1.25 32.82 13.06
N ALA E 166 1.35 33.32 11.83
CA ALA E 166 2.63 33.43 11.13
C ALA E 166 3.64 34.17 12.02
N GLU E 167 3.15 35.20 12.70
CA GLU E 167 3.98 35.97 13.63
C GLU E 167 4.62 35.05 14.69
N ASP E 168 3.75 34.29 15.37
CA ASP E 168 4.12 33.28 16.38
C ASP E 168 5.15 32.29 15.81
N ALA E 169 4.96 31.87 14.56
CA ALA E 169 5.64 30.67 14.03
C ALA E 169 6.98 30.98 13.37
N ALA E 170 7.21 32.28 13.12
CA ALA E 170 8.36 32.73 12.34
C ALA E 170 9.68 32.50 13.07
N LYS E 171 9.66 32.49 14.41
CA LYS E 171 10.88 32.15 15.15
C LYS E 171 11.37 30.71 14.85
N TYR E 172 10.51 29.83 14.33
CA TYR E 172 10.89 28.43 14.09
C TYR E 172 11.35 28.06 12.66
N GLY E 173 11.41 29.03 11.75
CA GLY E 173 11.69 28.70 10.35
C GLY E 173 10.53 28.05 9.61
N PHE E 174 9.30 28.18 10.12
CA PHE E 174 8.10 27.77 9.38
C PHE E 174 7.64 28.83 8.39
N ILE E 175 8.09 30.06 8.55
CA ILE E 175 7.68 31.15 7.68
C ILE E 175 8.93 31.67 7.03
N ASN E 176 9.11 31.41 5.73
CA ASN E 176 10.31 31.84 5.02
C ASN E 176 10.36 33.32 4.78
N ARG E 177 9.21 33.94 4.51
CA ARG E 177 9.11 35.41 4.50
C ARG E 177 7.88 35.84 5.27
N LEU E 178 8.11 36.59 6.34
CA LEU E 178 7.06 37.12 7.15
C LEU E 178 6.81 38.58 6.72
N VAL E 179 5.60 38.90 6.27
CA VAL E 179 5.33 40.22 5.76
C VAL E 179 4.01 40.76 6.28
N ASP E 180 3.74 42.04 6.04
CA ASP E 180 2.46 42.65 6.46
C ASP E 180 1.29 41.96 5.77
N ASP E 181 0.12 42.00 6.41
CA ASP E 181 -1.07 41.39 5.84
C ASP E 181 -1.35 42.08 4.51
N GLY E 182 -1.70 41.28 3.50
CA GLY E 182 -1.89 41.76 2.13
C GLY E 182 -0.69 41.64 1.20
N GLN E 183 0.52 41.44 1.75
CA GLN E 183 1.75 41.40 0.90
C GLN E 183 2.28 39.99 0.59
N ALA E 184 1.51 38.98 0.95
CA ALA E 184 1.94 37.59 0.82
C ALA E 184 2.25 37.21 -0.63
N LEU E 185 1.32 37.51 -1.54
CA LEU E 185 1.51 37.20 -2.97
C LEU E 185 2.68 37.95 -3.64
N ASP E 186 2.71 39.26 -3.51
CA ASP E 186 3.80 40.06 -4.05
C ASP E 186 5.16 39.51 -3.58
N THR E 187 5.28 39.18 -2.29
CA THR E 187 6.55 38.66 -1.76
C THR E 187 6.82 37.23 -2.27
N ALA E 188 5.77 36.41 -2.29
CA ALA E 188 5.87 35.08 -2.87
C ALA E 188 6.40 35.18 -4.29
N LEU E 189 5.89 36.15 -5.06
CA LEU E 189 6.36 36.37 -6.42
C LEU E 189 7.87 36.75 -6.46
N GLU E 190 8.30 37.62 -5.56
CA GLU E 190 9.71 37.99 -5.47
C GLU E 190 10.60 36.80 -5.12
N LEU E 191 10.14 35.97 -4.18
CA LEU E 191 10.86 34.74 -3.82
C LEU E 191 10.89 33.75 -5.01
N ALA E 192 9.76 33.55 -5.66
CA ALA E 192 9.71 32.70 -6.87
C ALA E 192 10.72 33.17 -7.95
N ALA E 193 10.82 34.49 -8.13
CA ALA E 193 11.78 35.07 -9.09
C ALA E 193 13.24 34.72 -8.76
N LYS E 194 13.57 34.74 -7.48
CA LYS E 194 14.88 34.27 -7.02
C LYS E 194 15.16 32.83 -7.45
N ILE E 195 14.14 31.99 -7.38
CA ILE E 195 14.33 30.60 -7.69
C ILE E 195 14.33 30.39 -9.19
N THR E 196 13.44 31.09 -9.89
CA THR E 196 13.34 30.91 -11.36
C THR E 196 14.50 31.50 -12.10
N ALA E 197 15.28 32.38 -11.45
CA ALA E 197 16.54 32.83 -12.06
C ALA E 197 17.58 31.70 -12.03
N ASN E 198 17.22 30.53 -11.50
CA ASN E 198 18.17 29.42 -11.39
C ASN E 198 17.86 28.27 -12.33
N GLY E 199 18.85 27.40 -12.55
CA GLY E 199 18.71 26.29 -13.51
C GLY E 199 17.44 25.51 -13.24
N PRO E 200 16.49 25.47 -14.19
CA PRO E 200 15.18 24.81 -13.97
C PRO E 200 15.27 23.35 -13.53
N LEU E 201 16.14 22.58 -14.19
CA LEU E 201 16.38 21.17 -13.84
C LEU E 201 17.15 21.05 -12.53
N ALA E 202 18.03 22.02 -12.28
CA ALA E 202 18.83 22.05 -11.07
C ALA E 202 17.96 22.33 -9.84
N VAL E 203 16.98 23.25 -9.94
CA VAL E 203 16.06 23.44 -8.79
C VAL E 203 15.13 22.23 -8.61
N ALA E 204 14.76 21.57 -9.69
CA ALA E 204 13.90 20.36 -9.62
C ALA E 204 14.68 19.23 -8.92
N ALA E 205 15.88 18.94 -9.40
CA ALA E 205 16.74 17.90 -8.80
C ALA E 205 17.10 18.19 -7.34
N THR E 206 17.29 19.46 -6.99
CA THR E 206 17.63 19.84 -5.62
C THR E 206 16.52 19.49 -4.63
N LYS E 207 15.28 19.90 -4.94
CA LYS E 207 14.11 19.50 -4.13
C LYS E 207 14.02 17.96 -4.05
N ARG E 208 14.17 17.31 -5.17
CA ARG E 208 14.00 15.87 -5.26
C ARG E 208 15.00 15.17 -4.39
N ILE E 209 16.26 15.60 -4.46
CA ILE E 209 17.23 15.03 -3.51
C ILE E 209 16.82 15.27 -2.05
N ILE E 210 16.45 16.50 -1.71
CA ILE E 210 16.05 16.82 -0.33
C ILE E 210 14.89 15.90 0.12
N ILE E 211 13.87 15.72 -0.71
CA ILE E 211 12.74 14.92 -0.29
C ILE E 211 13.08 13.44 -0.27
N GLU E 212 13.58 12.92 -1.38
CA GLU E 212 13.90 11.50 -1.47
C GLU E 212 14.98 11.03 -0.49
N SER E 213 15.88 11.90 -0.06
CA SER E 213 16.88 11.49 0.92
C SER E 213 16.29 10.78 2.16
N ALA E 214 15.16 11.28 2.67
CA ALA E 214 14.46 10.66 3.84
C ALA E 214 14.22 9.14 3.69
N SER E 215 14.12 8.66 2.46
CA SER E 215 13.89 7.25 2.19
C SER E 215 15.18 6.44 1.93
N TRP E 216 16.35 7.07 2.00
CA TRP E 216 17.61 6.35 1.72
C TRP E 216 18.33 5.92 2.95
N ALA E 217 18.92 4.72 2.89
CA ALA E 217 19.83 4.27 3.93
C ALA E 217 21.12 5.06 3.78
N PRO E 218 21.79 5.38 4.91
CA PRO E 218 23.03 6.13 4.82
C PRO E 218 24.06 5.56 3.85
N GLU E 219 24.19 4.23 3.82
CA GLU E 219 25.24 3.62 3.01
C GLU E 219 24.96 3.71 1.50
N GLU E 220 23.71 3.94 1.12
CA GLU E 220 23.33 4.12 -0.30
C GLU E 220 23.09 5.58 -0.71
N ALA E 221 23.22 6.52 0.23
CA ALA E 221 22.68 7.88 0.02
C ALA E 221 23.39 8.61 -1.10
N PHE E 222 24.72 8.55 -1.09
CA PHE E 222 25.55 9.25 -2.09
C PHE E 222 25.40 8.61 -3.48
N ALA E 223 25.22 7.30 -3.54
CA ALA E 223 24.94 6.61 -4.83
C ALA E 223 23.56 7.01 -5.38
N LYS E 224 22.55 7.08 -4.53
CA LYS E 224 21.19 7.44 -4.98
C LYS E 224 21.18 8.88 -5.46
N GLN E 225 21.89 9.72 -4.70
CA GLN E 225 22.08 11.12 -5.09
C GLN E 225 22.75 11.23 -6.46
N GLY E 226 23.80 10.45 -6.68
CA GLY E 226 24.60 10.50 -7.92
C GLY E 226 23.79 10.18 -9.17
N GLU E 227 22.82 9.28 -9.03
CA GLU E 227 21.91 8.99 -10.12
C GLU E 227 21.06 10.22 -10.51
N ILE E 228 20.60 10.99 -9.53
CA ILE E 228 19.79 12.18 -9.79
C ILE E 228 20.65 13.32 -10.37
N LEU E 229 21.95 13.33 -10.05
CA LEU E 229 22.84 14.44 -10.43
C LEU E 229 23.39 14.31 -11.86
N MET E 230 23.57 13.06 -12.32
CA MET E 230 24.19 12.73 -13.63
C MET E 230 23.56 13.52 -14.78
N PRO E 231 22.22 13.53 -14.89
CA PRO E 231 21.55 14.31 -15.93
C PRO E 231 21.93 15.79 -15.80
N ILE E 232 21.98 16.28 -14.57
CA ILE E 232 22.31 17.69 -14.38
C ILE E 232 23.74 17.97 -14.82
N PHE E 233 24.67 17.07 -14.48
CA PHE E 233 26.11 17.30 -14.73
C PHE E 233 26.43 17.39 -16.23
N VAL E 234 25.71 16.65 -17.07
CA VAL E 234 25.93 16.73 -18.51
C VAL E 234 24.92 17.65 -19.22
N SER E 235 24.03 18.31 -18.48
CA SER E 235 22.98 19.12 -19.12
C SER E 235 23.55 20.31 -19.92
N GLU E 236 22.73 20.89 -20.78
CA GLU E 236 23.15 22.08 -21.55
C GLU E 236 23.24 23.30 -20.62
N ASP E 237 22.22 23.45 -19.77
CA ASP E 237 22.19 24.52 -18.76
C ASP E 237 23.46 24.59 -17.88
N ALA E 238 24.04 23.43 -17.52
CA ALA E 238 25.29 23.40 -16.74
C ALA E 238 26.38 24.17 -17.44
N LYS E 239 26.49 24.00 -18.76
CA LYS E 239 27.54 24.68 -19.54
C LYS E 239 27.28 26.19 -19.59
N GLU E 240 26.04 26.55 -19.92
CA GLU E 240 25.60 27.94 -19.97
C GLU E 240 25.78 28.62 -18.58
N GLY E 241 25.33 27.96 -17.52
CA GLY E 241 25.58 28.43 -16.15
C GLY E 241 27.03 28.80 -15.89
N ALA E 242 27.94 27.90 -16.28
CA ALA E 242 29.37 28.10 -16.11
C ALA E 242 29.85 29.28 -16.97
N LYS E 243 29.27 29.39 -18.17
CA LYS E 243 29.52 30.48 -19.09
C LYS E 243 29.06 31.81 -18.46
N ALA E 244 27.79 31.87 -18.08
CA ALA E 244 27.21 33.09 -17.52
C ALA E 244 28.05 33.59 -16.35
N PHE E 245 28.49 32.67 -15.48
CA PHE E 245 29.32 33.02 -14.33
C PHE E 245 30.67 33.60 -14.72
N ALA E 246 31.35 32.96 -15.68
CA ALA E 246 32.65 33.45 -16.13
C ALA E 246 32.47 34.87 -16.67
N GLU E 247 31.36 35.12 -17.34
CA GLU E 247 31.12 36.39 -18.02
C GLU E 247 30.28 37.37 -17.19
N LYS E 248 29.95 37.00 -15.94
CA LYS E 248 29.30 37.92 -14.99
C LYS E 248 28.07 38.57 -15.64
N ARG E 249 27.18 37.70 -16.12
CA ARG E 249 25.91 38.07 -16.77
C ARG E 249 24.84 37.05 -16.36
N ALA E 250 23.56 37.39 -16.58
CA ALA E 250 22.47 36.48 -16.30
C ALA E 250 22.54 35.28 -17.28
N PRO E 251 22.24 34.07 -16.79
CA PRO E 251 22.21 32.93 -17.69
C PRO E 251 20.87 32.88 -18.43
N VAL E 252 20.84 32.29 -19.63
CA VAL E 252 19.60 32.00 -20.33
C VAL E 252 19.38 30.49 -20.25
N TRP E 253 18.33 30.08 -19.55
CA TRP E 253 18.09 28.66 -19.25
C TRP E 253 17.22 28.02 -20.28
N GLN E 254 17.44 26.73 -20.50
CA GLN E 254 16.68 25.95 -21.50
C GLN E 254 15.79 24.84 -20.94
N GLY E 255 16.03 24.42 -19.70
CA GLY E 255 15.21 23.36 -19.10
C GLY E 255 15.56 21.99 -19.68
N LYS E 256 16.79 21.90 -20.19
CA LYS E 256 17.38 20.66 -20.62
C LYS E 256 18.89 20.88 -20.74
N ALA F 6 5.45 10.67 52.80
CA ALA F 6 4.76 9.35 52.68
C ALA F 6 5.52 8.53 51.63
N ASP F 7 4.82 8.14 50.57
CA ASP F 7 5.43 7.34 49.50
C ASP F 7 6.46 8.14 48.72
N GLU F 8 7.41 7.43 48.14
CA GLU F 8 8.53 8.02 47.43
C GLU F 8 8.11 8.54 46.04
N VAL F 9 6.95 8.08 45.59
CA VAL F 9 6.28 8.64 44.42
C VAL F 9 4.83 8.87 44.82
N LEU F 10 4.38 10.12 44.83
CA LEU F 10 2.98 10.46 45.07
C LEU F 10 2.22 10.53 43.73
N ILE F 11 0.98 10.08 43.78
CA ILE F 11 0.10 9.97 42.63
C ILE F 11 -1.22 10.61 43.02
N GLU F 12 -1.68 11.60 42.26
CA GLU F 12 -2.95 12.25 42.54
C GLU F 12 -3.71 12.50 41.24
N GLN F 13 -4.98 12.08 41.21
CA GLN F 13 -5.86 12.31 40.08
C GLN F 13 -6.62 13.64 40.25
N ARG F 14 -6.51 14.52 39.26
CA ARG F 14 -7.37 15.70 39.19
C ARG F 14 -8.11 15.64 37.88
N ASP F 15 -9.37 15.22 37.95
CA ASP F 15 -10.19 14.86 36.78
C ASP F 15 -9.42 13.96 35.79
N ARG F 16 -9.07 14.49 34.62
CA ARG F 16 -8.38 13.68 33.63
C ARG F 16 -6.86 13.84 33.67
N VAL F 17 -6.34 14.53 34.69
CA VAL F 17 -4.89 14.70 34.89
C VAL F 17 -4.39 13.78 35.99
N LEU F 18 -3.31 13.06 35.71
CA LEU F 18 -2.57 12.29 36.72
C LEU F 18 -1.30 13.05 37.11
N LEU F 19 -1.25 13.53 38.34
CA LEU F 19 -0.13 14.29 38.83
C LEU F 19 0.79 13.32 39.53
N ILE F 20 2.01 13.23 39.03
CA ILE F 20 2.99 12.26 39.52
C ILE F 20 4.12 13.06 40.15
N THR F 21 4.31 12.96 41.46
CA THR F 21 5.39 13.68 42.12
C THR F 21 6.42 12.72 42.71
N ILE F 22 7.67 12.81 42.25
CA ILE F 22 8.77 12.08 42.87
C ILE F 22 9.02 12.75 44.19
N ASN F 23 9.13 11.93 45.23
CA ASN F 23 9.07 12.42 46.59
C ASN F 23 10.22 11.93 47.47
N ARG F 24 11.44 12.22 47.05
CA ARG F 24 12.66 12.07 47.89
C ARG F 24 13.45 13.40 47.92
N PRO F 25 12.83 14.48 48.45
CA PRO F 25 13.40 15.83 48.35
C PRO F 25 14.82 15.94 48.87
N ASP F 26 15.13 15.25 49.97
CA ASP F 26 16.49 15.31 50.53
C ASP F 26 17.53 14.59 49.67
N ALA F 27 17.10 13.60 48.88
CA ALA F 27 18.00 12.97 47.88
C ALA F 27 17.89 13.63 46.47
N ARG F 28 17.30 14.82 46.40
CA ARG F 28 17.00 15.49 45.12
C ARG F 28 16.30 14.58 44.11
N ASN F 29 15.40 13.76 44.63
CA ASN F 29 14.51 12.93 43.87
C ASN F 29 15.22 12.01 42.91
N ALA F 30 16.41 11.58 43.31
CA ALA F 30 17.13 10.50 42.67
C ALA F 30 16.28 9.24 42.61
N VAL F 31 16.56 8.42 41.61
CA VAL F 31 15.75 7.23 41.35
C VAL F 31 16.37 6.00 41.99
N ASN F 32 15.76 5.55 43.08
CA ASN F 32 16.07 4.27 43.67
C ASN F 32 15.00 3.31 43.20
N ARG F 33 14.97 2.10 43.74
CA ARG F 33 14.01 1.11 43.26
C ARG F 33 12.55 1.54 43.52
N ALA F 34 12.28 2.08 44.70
CA ALA F 34 10.93 2.54 45.06
C ALA F 34 10.44 3.62 44.10
N VAL F 35 11.30 4.56 43.75
CA VAL F 35 10.95 5.59 42.74
C VAL F 35 10.74 5.00 41.35
N SER F 36 11.68 4.19 40.89
CA SER F 36 11.57 3.54 39.58
C SER F 36 10.24 2.82 39.43
N GLN F 37 9.87 2.06 40.46
CA GLN F 37 8.64 1.26 40.43
C GLN F 37 7.37 2.14 40.47
N GLY F 38 7.38 3.17 41.31
CA GLY F 38 6.25 4.09 41.42
C GLY F 38 6.03 4.84 40.11
N LEU F 39 7.12 5.19 39.42
CA LEU F 39 6.98 5.87 38.13
C LEU F 39 6.44 4.90 37.09
N ALA F 40 7.02 3.70 37.05
CA ALA F 40 6.50 2.65 36.19
C ALA F 40 5.02 2.44 36.48
N ALA F 41 4.62 2.38 37.74
CA ALA F 41 3.22 2.05 38.08
C ALA F 41 2.28 3.20 37.67
N ALA F 42 2.75 4.44 37.79
CA ALA F 42 1.98 5.61 37.39
C ALA F 42 1.75 5.62 35.88
N ALA F 43 2.77 5.20 35.11
CA ALA F 43 2.67 5.05 33.67
C ALA F 43 1.60 4.02 33.31
N ASP F 44 1.64 2.87 33.98
CA ASP F 44 0.61 1.84 33.81
C ASP F 44 -0.78 2.40 34.11
N GLN F 45 -0.90 3.11 35.22
CA GLN F 45 -2.20 3.61 35.65
C GLN F 45 -2.78 4.61 34.64
N LEU F 46 -1.95 5.53 34.17
CA LEU F 46 -2.32 6.51 33.15
C LEU F 46 -2.85 5.85 31.87
N ASP F 47 -2.05 4.93 31.33
CA ASP F 47 -2.37 4.27 30.08
C ASP F 47 -3.56 3.33 30.15
N SER F 48 -3.77 2.68 31.30
CA SER F 48 -4.85 1.70 31.42
C SER F 48 -6.17 2.30 31.87
N SER F 49 -6.21 3.59 32.24
CA SER F 49 -7.41 4.19 32.81
C SER F 49 -8.13 5.12 31.83
N ALA F 50 -9.35 4.74 31.47
CA ALA F 50 -10.16 5.46 30.47
C ALA F 50 -10.36 6.92 30.85
N ASP F 51 -10.54 7.15 32.14
CA ASP F 51 -10.83 8.45 32.68
C ASP F 51 -9.55 9.31 32.91
N LEU F 52 -8.41 8.85 32.41
CA LEU F 52 -7.20 9.67 32.39
C LEU F 52 -6.79 9.97 30.94
N SER F 53 -6.37 11.21 30.70
CA SER F 53 -5.94 11.63 29.37
C SER F 53 -4.46 12.01 29.30
N VAL F 54 -3.95 12.63 30.37
CA VAL F 54 -2.65 13.27 30.38
C VAL F 54 -2.04 13.16 31.79
N ALA F 55 -0.71 13.14 31.86
CA ALA F 55 -0.02 13.21 33.15
C ALA F 55 0.98 14.34 33.19
N ILE F 56 1.26 14.78 34.41
CA ILE F 56 2.34 15.69 34.75
C ILE F 56 3.29 14.96 35.68
N ILE F 57 4.58 14.99 35.38
CA ILE F 57 5.58 14.55 36.31
C ILE F 57 6.42 15.76 36.82
N THR F 58 6.62 15.80 38.13
CA THR F 58 7.40 16.88 38.75
C THR F 58 8.13 16.30 39.98
N GLY F 59 9.06 17.08 40.54
CA GLY F 59 9.84 16.63 41.71
C GLY F 59 9.49 17.45 42.95
N ALA F 60 9.54 16.82 44.12
CA ALA F 60 9.26 17.52 45.38
C ALA F 60 10.44 18.41 45.77
N GLY F 61 10.11 19.49 46.49
CA GLY F 61 11.12 20.40 47.01
C GLY F 61 11.96 21.18 46.00
N GLY F 62 11.38 21.56 44.86
CA GLY F 62 12.06 22.47 43.92
C GLY F 62 13.20 21.88 43.10
N ASN F 63 13.28 20.56 43.03
CA ASN F 63 14.15 19.85 42.08
C ASN F 63 13.39 18.75 41.39
N PHE F 64 13.74 18.47 40.14
CA PHE F 64 13.01 17.50 39.37
C PHE F 64 13.45 16.08 39.68
N CYS F 65 14.73 15.79 39.43
CA CYS F 65 15.29 14.45 39.57
C CYS F 65 16.79 14.46 39.29
N ALA F 66 17.58 13.89 40.19
CA ALA F 66 19.04 13.86 39.99
C ALA F 66 19.48 12.55 39.32
N GLY F 67 18.54 11.82 38.76
CA GLY F 67 18.87 10.63 38.01
C GLY F 67 19.04 9.46 38.94
N MET F 68 19.83 8.50 38.47
CA MET F 68 20.11 7.25 39.18
C MET F 68 20.63 7.52 40.59
N ASP F 69 19.97 6.98 41.60
CA ASP F 69 20.46 7.05 42.99
C ASP F 69 21.68 6.12 43.12
N LEU F 70 22.88 6.71 43.17
CA LEU F 70 24.15 5.98 43.23
C LEU F 70 24.27 5.01 44.40
N LYS F 71 23.88 5.47 45.59
CA LYS F 71 23.98 4.66 46.80
C LYS F 71 23.08 3.42 46.71
N ALA F 72 21.85 3.61 46.24
CA ALA F 72 20.93 2.49 46.01
C ALA F 72 21.54 1.48 45.02
N PHE F 73 22.06 1.99 43.91
CA PHE F 73 22.72 1.16 42.90
C PHE F 73 23.90 0.36 43.46
N VAL F 74 24.76 1.04 44.22
CA VAL F 74 25.96 0.42 44.78
C VAL F 74 25.59 -0.58 45.88
N SER F 75 24.41 -0.39 46.50
CA SER F 75 23.94 -1.26 47.56
C SER F 75 23.28 -2.54 47.06
N GLY F 76 23.22 -2.73 45.75
CA GLY F 76 22.60 -3.92 45.15
C GLY F 76 21.12 -3.82 44.79
N GLU F 77 20.49 -2.64 44.96
CA GLU F 77 19.08 -2.45 44.54
C GLU F 77 18.91 -2.64 43.03
N ALA F 78 17.85 -3.35 42.64
CA ALA F 78 17.53 -3.46 41.24
C ALA F 78 16.73 -2.21 40.91
N VAL F 79 17.44 -1.16 40.49
CA VAL F 79 16.83 0.16 40.30
C VAL F 79 15.98 0.20 39.04
N LEU F 80 16.40 -0.50 38.00
CA LEU F 80 15.69 -0.46 36.72
C LEU F 80 14.42 -1.31 36.81
N SER F 81 13.29 -0.71 36.43
CA SER F 81 12.02 -1.40 36.32
C SER F 81 11.87 -2.03 34.94
N GLU F 82 10.72 -2.67 34.69
CA GLU F 82 10.40 -3.22 33.38
C GLU F 82 10.30 -2.14 32.29
N ARG F 83 10.23 -0.88 32.69
CA ARG F 83 10.19 0.24 31.77
C ARG F 83 11.46 1.06 31.77
N GLY F 84 12.46 0.58 32.51
CA GLY F 84 13.77 1.22 32.60
C GLY F 84 13.90 2.03 33.88
N LEU F 85 14.52 3.18 33.76
CA LEU F 85 14.73 4.08 34.87
C LEU F 85 13.43 4.87 35.06
N GLY F 86 12.59 4.35 35.95
CA GLY F 86 11.19 4.75 35.97
C GLY F 86 10.53 4.26 34.72
N PHE F 87 10.42 5.17 33.73
CA PHE F 87 9.84 4.83 32.44
C PHE F 87 10.65 5.34 31.23
N THR F 88 11.94 5.57 31.40
CA THR F 88 12.77 6.10 30.30
C THR F 88 12.78 5.24 29.07
N ASN F 89 12.84 3.92 29.25
CA ASN F 89 12.94 2.99 28.13
C ASN F 89 11.61 2.72 27.47
N VAL F 90 10.52 2.68 28.24
CA VAL F 90 9.19 2.47 27.67
C VAL F 90 8.25 3.57 28.20
N PRO F 91 8.32 4.75 27.62
CA PRO F 91 7.50 5.84 28.14
C PRO F 91 6.03 5.55 28.05
N PRO F 92 5.21 6.33 28.74
CA PRO F 92 3.78 6.12 28.60
C PRO F 92 3.27 6.48 27.21
N ARG F 93 2.18 5.80 26.85
CA ARG F 93 1.47 5.99 25.59
C ARG F 93 0.76 7.33 25.58
N LYS F 94 0.07 7.69 26.68
CA LYS F 94 -0.69 8.93 26.70
C LYS F 94 0.25 10.11 26.96
N PRO F 95 -0.17 11.32 26.62
CA PRO F 95 0.73 12.47 26.73
C PRO F 95 1.17 12.75 28.18
N ILE F 96 2.42 13.14 28.34
CA ILE F 96 2.96 13.51 29.65
C ILE F 96 3.88 14.73 29.56
N ILE F 97 3.67 15.64 30.51
CA ILE F 97 4.38 16.91 30.60
C ILE F 97 5.33 16.83 31.80
N ALA F 98 6.60 17.17 31.57
CA ALA F 98 7.55 17.32 32.67
C ALA F 98 7.43 18.74 33.20
N ALA F 99 7.11 18.91 34.49
CA ALA F 99 7.12 20.22 35.16
C ALA F 99 8.42 20.28 35.95
N VAL F 100 9.39 20.99 35.39
CA VAL F 100 10.78 20.87 35.81
C VAL F 100 11.25 22.12 36.56
N GLU F 101 11.73 21.91 37.78
CA GLU F 101 12.41 22.95 38.57
C GLU F 101 13.79 22.47 38.98
N GLY F 102 14.71 23.43 39.10
CA GLY F 102 16.01 23.16 39.69
C GLY F 102 16.78 22.05 39.01
N PHE F 103 17.35 21.16 39.81
CA PHE F 103 18.26 20.15 39.33
C PHE F 103 17.57 19.00 38.57
N ALA F 104 17.94 18.82 37.30
CA ALA F 104 17.40 17.73 36.50
C ALA F 104 18.51 17.05 35.68
N LEU F 105 19.65 16.80 36.30
CA LEU F 105 20.81 16.28 35.57
C LEU F 105 20.74 14.77 35.27
N ALA F 106 21.40 14.38 34.17
CA ALA F 106 21.78 12.99 33.90
C ALA F 106 20.56 12.11 33.68
N GLY F 107 20.34 11.13 34.54
CA GLY F 107 19.11 10.34 34.44
C GLY F 107 17.88 11.22 34.55
N GLY F 108 18.00 12.34 35.27
CA GLY F 108 16.91 13.30 35.39
C GLY F 108 16.57 13.89 34.05
N THR F 109 17.60 14.23 33.28
CA THR F 109 17.43 14.74 31.92
C THR F 109 16.87 13.66 30.97
N GLU F 110 17.30 12.42 31.11
CA GLU F 110 16.76 11.37 30.29
C GLU F 110 15.30 11.10 30.58
N LEU F 111 14.92 11.26 31.84
CA LEU F 111 13.51 11.13 32.22
C LEU F 111 12.69 12.22 31.57
N VAL F 112 13.19 13.45 31.56
CA VAL F 112 12.46 14.54 30.91
C VAL F 112 12.26 14.25 29.41
N LEU F 113 13.34 13.82 28.76
CA LEU F 113 13.34 13.49 27.34
C LEU F 113 12.38 12.34 27.03
N SER F 114 12.08 11.51 28.03
CA SER F 114 11.08 10.47 27.79
C SER F 114 9.66 11.05 27.81
N CYS F 115 9.51 12.32 28.17
CA CYS F 115 8.23 13.02 28.15
C CYS F 115 8.01 13.73 26.80
N ASP F 116 6.82 14.29 26.62
CA ASP F 116 6.41 14.84 25.33
C ASP F 116 6.51 16.37 25.30
N LEU F 117 6.30 16.98 26.46
CA LEU F 117 6.26 18.46 26.61
C LEU F 117 6.99 18.84 27.87
N VAL F 118 7.60 20.04 27.87
CA VAL F 118 8.35 20.51 29.04
C VAL F 118 7.96 21.95 29.42
N VAL F 119 7.63 22.13 30.70
CA VAL F 119 7.35 23.41 31.34
C VAL F 119 8.40 23.49 32.42
N ALA F 120 9.12 24.61 32.48
CA ALA F 120 10.30 24.71 33.31
C ALA F 120 10.50 26.10 33.88
N GLY F 121 10.87 26.14 35.17
CA GLY F 121 11.45 27.36 35.72
C GLY F 121 12.76 27.62 35.00
N ARG F 122 13.06 28.89 34.77
CA ARG F 122 14.18 29.26 33.89
C ARG F 122 15.56 28.81 34.38
N SER F 123 15.70 28.58 35.69
CA SER F 123 16.95 28.06 36.25
C SER F 123 17.12 26.54 36.19
N ALA F 124 16.07 25.78 35.86
CA ALA F 124 16.21 24.32 35.84
C ALA F 124 17.46 23.94 35.06
N LYS F 125 18.26 23.01 35.59
CA LYS F 125 19.54 22.64 34.96
C LYS F 125 19.47 21.23 34.36
N PHE F 126 19.81 21.09 33.07
CA PHE F 126 19.78 19.80 32.40
C PHE F 126 21.16 19.42 31.96
N GLY F 127 21.34 18.13 31.64
CA GLY F 127 22.63 17.71 31.15
C GLY F 127 22.79 16.23 31.04
N ILE F 128 23.72 15.81 30.19
CA ILE F 128 24.05 14.42 29.99
C ILE F 128 25.55 14.29 30.17
N PRO F 129 26.00 14.10 31.41
CA PRO F 129 27.41 14.25 31.70
C PRO F 129 28.24 12.96 31.66
N GLU F 130 27.65 11.82 31.27
CA GLU F 130 28.34 10.52 31.31
C GLU F 130 29.77 10.49 30.75
N VAL F 131 30.01 11.14 29.61
CA VAL F 131 31.34 11.10 28.99
C VAL F 131 32.46 11.64 29.89
N LYS F 132 32.11 12.47 30.86
CA LYS F 132 33.09 13.01 31.81
C LYS F 132 33.71 11.89 32.63
N ARG F 133 32.91 10.86 32.95
CA ARG F 133 33.39 9.67 33.66
C ARG F 133 33.82 8.55 32.69
N GLY F 134 33.95 8.89 31.41
CA GLY F 134 34.20 7.89 30.35
C GLY F 134 33.07 6.90 30.14
N LEU F 135 31.85 7.29 30.48
CA LEU F 135 30.68 6.47 30.26
C LEU F 135 29.83 7.11 29.18
N VAL F 136 28.80 6.38 28.74
CA VAL F 136 27.86 6.87 27.72
C VAL F 136 26.42 6.83 28.28
N ALA F 137 25.64 7.89 28.04
CA ALA F 137 24.25 7.99 28.53
C ALA F 137 23.36 6.96 27.84
N GLY F 138 22.85 6.00 28.60
CA GLY F 138 22.19 4.83 28.02
C GLY F 138 20.68 4.72 28.16
N ALA F 139 20.03 5.71 28.78
CA ALA F 139 18.57 5.65 29.00
C ALA F 139 17.79 6.56 28.03
N GLY F 140 18.21 6.59 26.77
CA GLY F 140 17.50 7.26 25.69
C GLY F 140 17.94 8.69 25.38
N GLY F 141 18.81 9.28 26.20
CA GLY F 141 19.21 10.67 26.03
C GLY F 141 19.74 10.90 24.62
N LEU F 142 20.61 9.99 24.19
CA LEU F 142 21.27 10.13 22.91
C LEU F 142 20.28 9.87 21.76
N LEU F 143 19.23 9.11 22.06
CA LEU F 143 18.23 8.74 21.07
C LEU F 143 17.21 9.86 20.85
N ARG F 144 17.05 10.74 21.81
CA ARG F 144 15.96 11.71 21.77
C ARG F 144 16.45 13.14 21.71
N LEU F 145 17.50 13.48 22.44
CA LEU F 145 17.86 14.92 22.48
C LEU F 145 18.09 15.52 21.07
N PRO F 146 18.78 14.79 20.17
CA PRO F 146 18.99 15.38 18.85
C PRO F 146 17.69 15.65 18.08
N ASN F 147 16.58 15.02 18.47
CA ASN F 147 15.29 15.31 17.84
C ASN F 147 14.47 16.40 18.56
N ARG F 148 14.93 16.89 19.71
CA ARG F 148 14.22 17.98 20.44
C ARG F 148 14.84 19.37 20.24
N ILE F 149 16.14 19.39 19.98
CA ILE F 149 16.90 20.60 19.72
C ILE F 149 17.82 20.33 18.50
N PRO F 150 18.41 21.39 17.92
CA PRO F 150 19.20 21.22 16.72
C PRO F 150 20.29 20.19 16.89
N TYR F 151 20.48 19.39 15.85
CA TYR F 151 21.43 18.29 15.87
C TYR F 151 22.78 18.72 16.47
N GLN F 152 23.36 19.82 16.01
CA GLN F 152 24.73 20.20 16.50
C GLN F 152 24.79 20.61 17.97
N VAL F 153 23.68 21.12 18.49
CA VAL F 153 23.63 21.57 19.87
C VAL F 153 23.53 20.32 20.73
N ALA F 154 22.74 19.36 20.28
CA ALA F 154 22.61 18.11 20.98
C ALA F 154 23.92 17.34 20.96
N MET F 155 24.58 17.28 19.79
CA MET F 155 25.92 16.67 19.68
C MET F 155 26.89 17.35 20.66
N GLU F 156 26.88 18.69 20.68
CA GLU F 156 27.78 19.42 21.56
C GLU F 156 27.55 18.98 23.00
N LEU F 157 26.31 19.10 23.47
CA LEU F 157 25.98 18.83 24.86
C LEU F 157 26.38 17.38 25.21
N ALA F 158 26.23 16.46 24.27
CA ALA F 158 26.56 15.04 24.56
C ALA F 158 28.04 14.81 24.59
N LEU F 159 28.80 15.61 23.87
CA LEU F 159 30.25 15.40 23.81
C LEU F 159 31.03 16.10 24.95
N THR F 160 30.54 17.25 25.42
CA THR F 160 31.20 17.98 26.50
C THR F 160 30.67 17.49 27.84
N GLY F 161 29.41 17.05 27.85
CA GLY F 161 28.73 16.74 29.07
C GLY F 161 28.30 17.95 29.88
N GLU F 162 28.39 19.14 29.32
CA GLU F 162 28.12 20.34 30.07
C GLU F 162 26.63 20.49 30.35
N SER F 163 26.33 21.10 31.48
CA SER F 163 24.94 21.39 31.85
C SER F 163 24.38 22.56 31.06
N PHE F 164 23.07 22.64 30.95
CA PHE F 164 22.44 23.79 30.33
C PHE F 164 21.13 24.09 31.03
N THR F 165 20.77 25.37 31.07
CA THR F 165 19.53 25.81 31.73
C THR F 165 18.32 25.81 30.81
N ALA F 166 17.13 25.80 31.43
CA ALA F 166 15.89 25.99 30.67
C ALA F 166 15.94 27.26 29.83
N GLU F 167 16.46 28.35 30.39
CA GLU F 167 16.57 29.59 29.62
C GLU F 167 17.46 29.39 28.40
N ASP F 168 18.64 28.79 28.58
CA ASP F 168 19.57 28.51 27.45
C ASP F 168 18.84 27.77 26.33
N ALA F 169 18.02 26.78 26.69
CA ALA F 169 17.36 25.88 25.72
C ALA F 169 16.03 26.42 25.12
N ALA F 170 15.44 27.45 25.73
CA ALA F 170 14.15 28.02 25.25
C ALA F 170 14.16 28.48 23.79
N LYS F 171 15.28 28.98 23.31
CA LYS F 171 15.38 29.40 21.91
C LYS F 171 15.35 28.22 20.92
N TYR F 172 15.37 26.98 21.43
CA TYR F 172 15.33 25.80 20.55
C TYR F 172 14.02 25.03 20.61
N GLY F 173 13.03 25.56 21.32
CA GLY F 173 11.71 24.95 21.38
C GLY F 173 11.68 23.70 22.22
N PHE F 174 12.60 23.61 23.19
CA PHE F 174 12.67 22.48 24.14
C PHE F 174 11.85 22.81 25.41
N ILE F 175 11.49 24.07 25.58
CA ILE F 175 10.73 24.51 26.73
C ILE F 175 9.41 25.07 26.20
N ASN F 176 8.36 24.29 26.30
CA ASN F 176 7.03 24.74 25.91
C ASN F 176 6.53 25.94 26.68
N ARG F 177 6.76 25.94 27.99
CA ARG F 177 6.51 27.14 28.80
C ARG F 177 7.72 27.43 29.67
N LEU F 178 8.29 28.64 29.55
CA LEU F 178 9.39 29.08 30.37
C LEU F 178 8.89 30.09 31.38
N VAL F 179 9.05 29.73 32.67
CA VAL F 179 8.51 30.52 33.75
C VAL F 179 9.54 30.81 34.82
N ASP F 180 9.14 31.70 35.72
CA ASP F 180 9.94 32.00 36.87
C ASP F 180 10.02 30.75 37.74
N ASP F 181 11.18 30.53 38.34
CA ASP F 181 11.38 29.42 39.26
C ASP F 181 10.24 29.35 40.28
N GLY F 182 9.69 28.15 40.45
CA GLY F 182 8.57 27.96 41.35
C GLY F 182 7.23 27.86 40.63
N GLN F 183 7.18 28.25 39.37
CA GLN F 183 5.89 28.31 38.68
C GLN F 183 5.63 27.18 37.69
N ALA F 184 6.55 26.23 37.56
CA ALA F 184 6.41 25.14 36.57
C ALA F 184 5.14 24.30 36.73
N LEU F 185 4.85 23.85 37.95
CA LEU F 185 3.70 22.97 38.18
C LEU F 185 2.39 23.71 37.92
N ASP F 186 2.27 24.96 38.38
CA ASP F 186 1.01 25.69 38.14
C ASP F 186 0.82 25.93 36.65
N THR F 187 1.91 26.21 35.94
CA THR F 187 1.83 26.37 34.48
C THR F 187 1.57 25.04 33.76
N ALA F 188 2.22 23.95 34.22
CA ALA F 188 1.95 22.62 33.67
C ALA F 188 0.47 22.24 33.77
N LEU F 189 -0.16 22.61 34.87
CA LEU F 189 -1.60 22.34 35.06
C LEU F 189 -2.48 23.09 34.05
N GLU F 190 -2.15 24.35 33.75
CA GLU F 190 -2.89 25.08 32.73
C GLU F 190 -2.76 24.39 31.37
N LEU F 191 -1.52 24.05 31.02
CA LEU F 191 -1.23 23.36 29.76
C LEU F 191 -1.97 22.03 29.66
N ALA F 192 -1.83 21.19 30.68
CA ALA F 192 -2.54 19.91 30.70
C ALA F 192 -4.05 20.11 30.49
N ALA F 193 -4.62 21.18 31.10
CA ALA F 193 -6.05 21.43 31.03
C ALA F 193 -6.46 21.81 29.60
N LYS F 194 -5.59 22.50 28.88
CA LYS F 194 -5.79 22.71 27.45
C LYS F 194 -5.88 21.40 26.65
N ILE F 195 -5.11 20.39 27.02
CA ILE F 195 -5.13 19.11 26.29
C ILE F 195 -6.29 18.23 26.74
N THR F 196 -6.60 18.21 28.03
CA THR F 196 -7.67 17.33 28.56
C THR F 196 -9.08 17.80 28.15
N ALA F 197 -9.21 19.03 27.66
CA ALA F 197 -10.42 19.50 26.96
C ALA F 197 -10.74 18.69 25.70
N ASN F 198 -9.72 18.09 25.11
CA ASN F 198 -9.82 17.48 23.80
C ASN F 198 -10.12 16.00 23.92
N GLY F 199 -10.43 15.32 22.83
CA GLY F 199 -10.81 13.89 22.91
C GLY F 199 -9.67 13.01 23.44
N PRO F 200 -9.92 12.23 24.51
CA PRO F 200 -8.85 11.41 25.07
C PRO F 200 -8.19 10.46 24.05
N LEU F 201 -8.97 9.73 23.26
CA LEU F 201 -8.39 8.78 22.30
C LEU F 201 -7.63 9.56 21.22
N ALA F 202 -8.17 10.74 20.90
CA ALA F 202 -7.69 11.51 19.77
C ALA F 202 -6.38 12.14 20.13
N VAL F 203 -6.24 12.63 21.37
CA VAL F 203 -4.94 13.16 21.80
C VAL F 203 -3.86 12.05 21.90
N ALA F 204 -4.27 10.82 22.27
CA ALA F 204 -3.31 9.74 22.46
C ALA F 204 -2.81 9.25 21.10
N ALA F 205 -3.73 9.05 20.17
CA ALA F 205 -3.40 8.64 18.81
C ALA F 205 -2.58 9.71 18.07
N THR F 206 -2.88 10.98 18.34
CA THR F 206 -2.07 12.09 17.82
C THR F 206 -0.60 11.97 18.23
N LYS F 207 -0.34 11.79 19.51
CA LYS F 207 1.00 11.50 20.00
C LYS F 207 1.62 10.28 19.32
N ARG F 208 0.84 9.22 19.18
CA ARG F 208 1.32 7.95 18.65
C ARG F 208 1.80 8.12 17.22
N ILE F 209 1.00 8.79 16.41
CA ILE F 209 1.37 9.02 15.02
C ILE F 209 2.64 9.88 14.97
N ILE F 210 2.68 10.93 15.77
CA ILE F 210 3.84 11.80 15.78
C ILE F 210 5.09 10.98 16.11
N ILE F 211 5.00 10.10 17.12
CA ILE F 211 6.17 9.30 17.53
C ILE F 211 6.56 8.28 16.48
N GLU F 212 5.57 7.49 16.06
CA GLU F 212 5.85 6.36 15.18
C GLU F 212 6.18 6.76 13.76
N SER F 213 5.76 7.97 13.33
CA SER F 213 5.97 8.41 11.95
C SER F 213 7.44 8.47 11.57
N ALA F 214 8.31 8.60 12.56
CA ALA F 214 9.75 8.63 12.34
C ALA F 214 10.28 7.29 11.90
N SER F 215 9.50 6.24 12.11
CA SER F 215 9.94 4.90 11.75
C SER F 215 9.42 4.48 10.37
N TRP F 216 8.49 5.24 9.79
CA TRP F 216 7.82 4.78 8.56
C TRP F 216 8.52 5.23 7.31
N ALA F 217 8.69 4.30 6.39
CA ALA F 217 9.08 4.65 5.02
C ALA F 217 8.01 5.59 4.45
N PRO F 218 8.43 6.59 3.64
CA PRO F 218 7.46 7.54 3.11
C PRO F 218 6.38 6.92 2.23
N GLU F 219 6.67 5.80 1.58
CA GLU F 219 5.67 5.14 0.75
C GLU F 219 4.50 4.50 1.53
N GLU F 220 4.74 4.20 2.80
CA GLU F 220 3.72 3.57 3.65
C GLU F 220 3.15 4.52 4.70
N ALA F 221 3.79 5.68 4.89
CA ALA F 221 3.45 6.57 6.00
C ALA F 221 1.95 6.88 6.09
N PHE F 222 1.32 7.21 4.97
CA PHE F 222 -0.12 7.52 4.99
C PHE F 222 -0.98 6.31 5.31
N ALA F 223 -0.64 5.16 4.76
CA ALA F 223 -1.31 3.91 5.13
C ALA F 223 -1.12 3.56 6.63
N LYS F 224 0.11 3.60 7.13
CA LYS F 224 0.36 3.26 8.54
C LYS F 224 -0.38 4.27 9.47
N GLN F 225 -0.46 5.52 9.02
CA GLN F 225 -1.27 6.52 9.73
C GLN F 225 -2.72 6.11 9.72
N GLY F 226 -3.21 5.67 8.57
CA GLY F 226 -4.59 5.22 8.40
C GLY F 226 -5.04 4.18 9.41
N GLU F 227 -4.18 3.22 9.72
CA GLU F 227 -4.54 2.16 10.67
C GLU F 227 -4.84 2.72 12.06
N ILE F 228 -4.10 3.75 12.48
CA ILE F 228 -4.32 4.38 13.78
C ILE F 228 -5.58 5.25 13.73
N LEU F 229 -5.81 5.92 12.60
CA LEU F 229 -6.95 6.84 12.46
C LEU F 229 -8.28 6.14 12.55
N MET F 230 -8.33 4.93 11.98
CA MET F 230 -9.60 4.25 11.76
C MET F 230 -10.42 4.10 13.03
N PRO F 231 -9.83 3.52 14.09
CA PRO F 231 -10.61 3.38 15.30
C PRO F 231 -11.05 4.74 15.88
N ILE F 232 -10.27 5.81 15.65
CA ILE F 232 -10.66 7.14 16.14
C ILE F 232 -11.93 7.60 15.45
N PHE F 233 -11.96 7.47 14.13
CA PHE F 233 -13.07 7.99 13.35
C PHE F 233 -14.37 7.22 13.65
N VAL F 234 -14.26 5.97 14.08
CA VAL F 234 -15.47 5.21 14.44
C VAL F 234 -15.73 5.13 15.96
N SER F 235 -15.05 5.97 16.74
CA SER F 235 -15.20 5.95 18.20
C SER F 235 -16.43 6.71 18.67
N GLU F 236 -16.88 6.37 19.88
CA GLU F 236 -18.03 7.04 20.48
C GLU F 236 -17.68 8.51 20.76
N ASP F 237 -16.42 8.77 21.11
CA ASP F 237 -15.97 10.15 21.34
C ASP F 237 -16.05 10.95 20.04
N ALA F 238 -15.76 10.31 18.91
CA ALA F 238 -15.84 11.00 17.61
C ALA F 238 -17.29 11.34 17.26
N LYS F 239 -18.22 10.44 17.56
CA LYS F 239 -19.64 10.73 17.45
C LYS F 239 -19.99 11.90 18.40
N GLU F 240 -19.61 11.77 19.67
CA GLU F 240 -19.93 12.80 20.67
C GLU F 240 -19.41 14.19 20.28
N GLY F 241 -18.19 14.25 19.74
CA GLY F 241 -17.57 15.52 19.34
C GLY F 241 -18.26 16.17 18.16
N ALA F 242 -18.79 15.36 17.26
CA ALA F 242 -19.54 15.84 16.11
C ALA F 242 -20.86 16.49 16.53
N LYS F 243 -21.59 15.82 17.42
CA LYS F 243 -22.87 16.32 17.93
C LYS F 243 -22.68 17.64 18.68
N ALA F 244 -21.56 17.75 19.42
CA ALA F 244 -21.24 18.96 20.17
C ALA F 244 -21.07 20.17 19.26
N PHE F 245 -20.10 20.12 18.34
CA PHE F 245 -19.89 21.20 17.38
C PHE F 245 -21.20 21.56 16.68
N ALA F 246 -22.04 20.54 16.48
CA ALA F 246 -23.39 20.74 15.94
C ALA F 246 -24.26 21.59 16.87
N GLU F 247 -24.43 21.13 18.09
CA GLU F 247 -25.28 21.82 19.07
C GLU F 247 -24.68 23.15 19.57
N LYS F 248 -23.37 23.31 19.44
CA LYS F 248 -22.66 24.47 20.00
C LYS F 248 -22.67 24.35 21.53
N ARG F 249 -22.10 23.25 22.02
CA ARG F 249 -21.99 22.98 23.46
C ARG F 249 -20.79 22.05 23.73
N ALA F 250 -20.46 21.87 25.01
CA ALA F 250 -19.26 21.14 25.41
C ALA F 250 -19.43 19.63 25.24
N PRO F 251 -18.39 18.95 24.68
CA PRO F 251 -18.44 17.49 24.55
C PRO F 251 -18.19 16.77 25.90
N VAL F 252 -18.79 15.59 26.08
CA VAL F 252 -18.53 14.78 27.28
C VAL F 252 -17.80 13.51 26.84
N TRP F 253 -16.50 13.45 27.09
CA TRP F 253 -15.67 12.37 26.58
C TRP F 253 -15.83 11.11 27.38
N GLN F 254 -15.72 9.98 26.71
CA GLN F 254 -15.78 8.68 27.35
C GLN F 254 -14.44 7.96 27.38
N GLY F 255 -13.54 8.30 26.46
CA GLY F 255 -12.31 7.54 26.27
C GLY F 255 -12.59 6.23 25.55
N LYS F 256 -13.65 6.23 24.75
CA LYS F 256 -14.12 5.06 24.01
C LYS F 256 -14.80 5.55 22.72
C1 EDO G . -27.36 7.39 -12.24
O1 EDO G . -28.53 6.96 -12.94
C2 EDO G . -27.16 6.99 -10.77
O2 EDO G . -28.29 7.32 -9.98
C1 GOL H . -13.52 -19.01 -13.23
O1 GOL H . -13.02 -19.22 -11.92
C2 GOL H . -13.39 -17.54 -13.61
O2 GOL H . -12.05 -17.28 -14.05
C3 GOL H . -13.73 -16.69 -12.39
O3 GOL H . -14.95 -17.19 -11.81
C1 EDO I . -26.91 -30.34 20.39
O1 EDO I . -25.60 -30.81 20.78
C2 EDO I . -27.79 -31.52 20.03
O2 EDO I . -29.16 -31.15 19.88
C1 GOL J . 12.97 16.58 12.34
O1 GOL J . 12.68 15.89 13.56
O1 GOL J . 13.01 17.12 10.98
C2 GOL J . 14.42 16.95 12.72
O2 GOL J . 14.90 16.53 14.05
C3 GOL J . 15.37 16.39 11.69
O3 GOL J . 16.02 17.68 11.55
O3 GOL J . 14.82 15.06 11.76
C1 PEG K . 17.29 -4.23 37.33
O1 PEG K . 18.40 -3.78 38.13
C2 PEG K . 17.77 -4.66 35.93
O2 PEG K . 16.74 -4.43 34.97
C3 PEG K . 15.64 -5.34 35.03
C4 PEG K . 14.85 -5.30 33.73
O4 PEG K . 14.25 -6.59 33.51
#